data_6Q2Z
#
_entry.id   6Q2Z
#
_entity_poly.entity_id   1
_entity_poly.type   'polypeptide(L)'
_entity_poly.pdbx_seq_one_letter_code
;MNKAHFEVFVDAADKYRWRLVHDNGNILADSGEGYASKQKAKQGIESVKRNAPDADVIEA
;
_entity_poly.pdbx_strand_id   A,B
#
# COMPACT_ATOMS: atom_id res chain seq x y z
N MET A 1 -1.17 3.06 18.83
CA MET A 1 -2.47 2.34 18.87
C MET A 1 -2.50 1.23 17.83
N ASN A 2 -1.39 1.06 17.12
CA ASN A 2 -1.32 0.06 16.06
C ASN A 2 -0.16 -0.89 16.30
N LYS A 3 -0.09 -1.90 15.45
CA LYS A 3 1.02 -2.83 15.46
C LYS A 3 1.37 -3.16 14.02
N ALA A 4 2.39 -2.48 13.51
CA ALA A 4 2.83 -2.63 12.15
C ALA A 4 4.09 -1.82 11.91
N HIS A 5 4.68 -2.00 10.74
CA HIS A 5 5.87 -1.25 10.38
C HIS A 5 6.18 -1.47 8.90
N PHE A 6 6.71 -0.43 8.27
CA PHE A 6 7.07 -0.49 6.87
C PHE A 6 8.46 -1.08 6.69
N GLU A 7 8.65 -1.82 5.61
CA GLU A 7 9.94 -2.44 5.31
C GLU A 7 10.26 -2.29 3.83
N VAL A 8 11.41 -1.71 3.54
CA VAL A 8 11.86 -1.52 2.16
C VAL A 8 12.80 -2.65 1.76
N PHE A 9 12.59 -3.21 0.58
CA PHE A 9 13.40 -4.34 0.11
C PHE A 9 13.65 -4.25 -1.41
N VAL A 10 14.38 -5.22 -1.95
CA VAL A 10 14.72 -5.25 -3.37
C VAL A 10 13.84 -6.23 -4.16
N ASP A 11 13.42 -5.80 -5.34
CA ASP A 11 12.60 -6.60 -6.24
C ASP A 11 13.49 -7.53 -7.05
N ALA A 12 12.88 -8.35 -7.89
CA ALA A 12 13.63 -9.28 -8.72
C ALA A 12 14.46 -8.54 -9.76
N ALA A 13 14.16 -7.26 -9.96
CA ALA A 13 14.84 -6.46 -10.95
C ALA A 13 15.76 -5.43 -10.31
N ASP A 14 16.10 -5.67 -9.04
CA ASP A 14 17.03 -4.82 -8.27
C ASP A 14 16.37 -3.50 -7.92
N LYS A 15 15.09 -3.55 -7.65
CA LYS A 15 14.33 -2.35 -7.40
C LYS A 15 13.91 -2.26 -5.97
N TYR A 16 13.79 -1.06 -5.50
CA TYR A 16 13.43 -0.81 -4.13
C TYR A 16 11.94 -0.64 -4.00
N ARG A 17 11.35 -1.52 -3.21
CA ARG A 17 9.92 -1.52 -2.97
C ARG A 17 9.71 -1.63 -1.48
N TRP A 18 8.48 -1.65 -1.05
CA TRP A 18 8.18 -1.78 0.37
C TRP A 18 6.84 -2.42 0.59
N ARG A 19 6.64 -2.90 1.81
CA ARG A 19 5.39 -3.52 2.21
C ARG A 19 5.12 -3.24 3.67
N LEU A 20 3.86 -3.05 3.99
CA LEU A 20 3.46 -2.83 5.36
C LEU A 20 3.03 -4.16 5.95
N VAL A 21 3.56 -4.48 7.11
CA VAL A 21 3.29 -5.76 7.73
C VAL A 21 2.79 -5.56 9.14
N HIS A 22 1.69 -6.23 9.48
CA HIS A 22 1.13 -6.17 10.82
C HIS A 22 1.89 -7.11 11.74
N ASP A 23 1.59 -7.05 13.02
CA ASP A 23 2.20 -7.94 14.01
C ASP A 23 1.92 -9.40 13.67
N ASN A 24 0.80 -9.63 12.99
CA ASN A 24 0.37 -10.96 12.61
C ASN A 24 1.30 -11.52 11.53
N GLY A 25 1.78 -10.61 10.70
CA GLY A 25 2.70 -10.99 9.63
C GLY A 25 2.05 -10.92 8.26
N ASN A 26 0.88 -10.30 8.21
CA ASN A 26 0.14 -10.14 6.95
C ASN A 26 0.53 -8.87 6.22
N ILE A 27 0.51 -8.93 4.89
CA ILE A 27 0.79 -7.77 4.07
C ILE A 27 -0.42 -6.87 4.01
N LEU A 28 -0.28 -5.69 4.56
CA LEU A 28 -1.36 -4.73 4.62
C LEU A 28 -1.35 -3.89 3.36
N ALA A 29 -0.16 -3.48 2.97
CA ALA A 29 0.02 -2.72 1.74
C ALA A 29 1.40 -2.95 1.15
N ASP A 30 1.53 -2.59 -0.12
CA ASP A 30 2.78 -2.70 -0.86
C ASP A 30 2.97 -1.43 -1.66
N SER A 31 4.21 -1.11 -1.98
CA SER A 31 4.53 0.11 -2.72
C SER A 31 3.75 0.18 -4.04
N GLY A 32 3.62 -0.95 -4.71
CA GLY A 32 2.96 -0.97 -6.00
C GLY A 32 3.94 -0.57 -7.09
N GLU A 33 4.85 0.32 -6.73
CA GLU A 33 5.89 0.81 -7.62
C GLU A 33 7.13 -0.09 -7.56
N GLY A 34 8.13 0.30 -8.32
CA GLY A 34 9.40 -0.39 -8.35
C GLY A 34 10.43 0.43 -9.10
N TYR A 35 11.45 0.89 -8.39
CA TYR A 35 12.47 1.75 -8.98
C TYR A 35 13.85 1.41 -8.42
N ALA A 36 14.88 1.96 -9.02
CA ALA A 36 16.26 1.65 -8.64
C ALA A 36 16.78 2.49 -7.47
N SER A 37 15.91 3.26 -6.81
CA SER A 37 16.37 4.09 -5.70
C SER A 37 15.63 3.78 -4.41
N LYS A 38 16.41 3.60 -3.35
CA LYS A 38 15.88 3.30 -2.04
C LYS A 38 15.11 4.49 -1.50
N GLN A 39 15.57 5.67 -1.88
CA GLN A 39 14.92 6.91 -1.47
C GLN A 39 13.49 6.93 -1.98
N LYS A 40 13.32 6.59 -3.25
CA LYS A 40 12.00 6.62 -3.90
C LYS A 40 11.04 5.69 -3.17
N ALA A 41 11.54 4.54 -2.74
CA ALA A 41 10.73 3.60 -1.98
C ALA A 41 10.19 4.28 -0.71
N LYS A 42 11.11 4.88 0.04
CA LYS A 42 10.75 5.57 1.26
C LYS A 42 9.87 6.78 1.00
N GLN A 43 10.07 7.44 -0.13
CA GLN A 43 9.23 8.57 -0.49
C GLN A 43 7.79 8.10 -0.72
N GLY A 44 7.65 6.87 -1.22
CA GLY A 44 6.34 6.32 -1.48
C GLY A 44 5.57 6.10 -0.20
N ILE A 45 6.26 5.62 0.81
CA ILE A 45 5.69 5.39 2.12
C ILE A 45 5.16 6.69 2.70
N GLU A 46 6.01 7.71 2.71
CA GLU A 46 5.62 8.98 3.25
C GLU A 46 4.48 9.60 2.44
N SER A 47 4.50 9.37 1.14
CA SER A 47 3.44 9.86 0.28
C SER A 47 2.11 9.16 0.58
N VAL A 48 2.17 7.88 0.93
CA VAL A 48 0.95 7.12 1.19
C VAL A 48 0.36 7.56 2.53
N LYS A 49 1.22 7.87 3.48
CA LYS A 49 0.79 8.28 4.81
C LYS A 49 0.13 9.64 4.75
N ARG A 50 0.35 10.30 3.64
CA ARG A 50 -0.15 11.64 3.41
C ARG A 50 -1.42 11.65 2.56
N ASN A 51 -1.84 10.47 2.13
CA ASN A 51 -3.00 10.36 1.23
C ASN A 51 -3.91 9.21 1.64
N ALA A 52 -3.31 8.11 2.06
CA ALA A 52 -4.04 6.90 2.44
C ALA A 52 -5.06 7.15 3.54
N PRO A 53 -4.67 7.76 4.69
CA PRO A 53 -5.61 7.96 5.80
C PRO A 53 -6.74 8.91 5.47
N ASP A 54 -6.68 9.57 4.31
CA ASP A 54 -7.71 10.53 3.91
C ASP A 54 -8.44 10.07 2.65
N ALA A 55 -7.76 9.25 1.87
CA ALA A 55 -8.28 8.76 0.60
C ALA A 55 -9.49 7.87 0.76
N ASP A 56 -10.45 8.10 -0.11
CA ASP A 56 -11.69 7.34 -0.14
C ASP A 56 -11.57 6.16 -1.09
N VAL A 57 -12.09 5.02 -0.66
CA VAL A 57 -12.05 3.81 -1.48
C VAL A 57 -13.26 3.69 -2.39
N ILE A 58 -12.98 3.41 -3.65
CA ILE A 58 -14.01 3.19 -4.64
C ILE A 58 -13.95 1.74 -5.11
N GLU A 59 -15.09 1.14 -5.25
CA GLU A 59 -15.17 -0.23 -5.71
C GLU A 59 -15.29 -0.24 -7.24
N ALA A 60 -14.18 -0.51 -7.91
CA ALA A 60 -14.15 -0.51 -9.35
C ALA A 60 -14.67 -1.84 -9.91
N MET B 1 -6.71 17.47 2.79
CA MET B 1 -5.67 18.31 2.13
C MET B 1 -4.97 17.55 1.04
N ASN B 2 -5.28 16.26 0.93
CA ASN B 2 -4.64 15.41 -0.05
C ASN B 2 -5.42 15.35 -1.35
N LYS B 3 -4.81 14.73 -2.34
CA LYS B 3 -5.45 14.49 -3.61
C LYS B 3 -5.10 13.06 -4.01
N ALA B 4 -6.03 12.15 -3.73
CA ALA B 4 -5.84 10.74 -3.99
C ALA B 4 -7.11 9.98 -3.67
N HIS B 5 -7.14 8.69 -3.98
CA HIS B 5 -8.30 7.86 -3.67
C HIS B 5 -7.97 6.39 -3.91
N PHE B 6 -8.59 5.52 -3.13
CA PHE B 6 -8.40 4.08 -3.27
C PHE B 6 -9.36 3.51 -4.30
N GLU B 7 -8.92 2.45 -4.96
CA GLU B 7 -9.74 1.78 -5.97
C GLU B 7 -9.56 0.28 -5.91
N VAL B 8 -10.66 -0.41 -5.62
CA VAL B 8 -10.66 -1.88 -5.54
C VAL B 8 -11.06 -2.45 -6.88
N PHE B 9 -10.30 -3.42 -7.36
CA PHE B 9 -10.56 -4.01 -8.66
C PHE B 9 -10.28 -5.50 -8.63
N VAL B 10 -10.43 -6.15 -9.80
CA VAL B 10 -10.22 -7.58 -9.91
C VAL B 10 -8.87 -7.91 -10.56
N ASP B 11 -8.19 -8.91 -10.00
CA ASP B 11 -6.91 -9.37 -10.50
C ASP B 11 -7.13 -10.25 -11.72
N ALA B 12 -6.05 -10.74 -12.29
CA ALA B 12 -6.13 -11.61 -13.45
C ALA B 12 -6.69 -12.97 -13.05
N ALA B 13 -6.69 -13.22 -11.75
CA ALA B 13 -7.15 -14.49 -11.20
C ALA B 13 -8.51 -14.37 -10.52
N ASP B 14 -9.20 -13.26 -10.82
CA ASP B 14 -10.55 -12.98 -10.29
C ASP B 14 -10.51 -12.69 -8.82
N LYS B 15 -9.51 -11.92 -8.43
CA LYS B 15 -9.31 -11.61 -7.03
C LYS B 15 -9.51 -10.15 -6.79
N TYR B 16 -9.90 -9.84 -5.59
CA TYR B 16 -10.16 -8.46 -5.20
C TYR B 16 -8.92 -7.84 -4.61
N ARG B 17 -8.46 -6.78 -5.27
CA ARG B 17 -7.27 -6.07 -4.83
C ARG B 17 -7.54 -4.59 -4.90
N TRP B 18 -6.57 -3.79 -4.52
CA TRP B 18 -6.73 -2.34 -4.57
C TRP B 18 -5.40 -1.65 -4.72
N ARG B 19 -5.47 -0.40 -5.15
CA ARG B 19 -4.30 0.44 -5.32
C ARG B 19 -4.66 1.88 -5.03
N LEU B 20 -3.74 2.59 -4.42
CA LEU B 20 -3.93 3.99 -4.14
C LEU B 20 -3.33 4.80 -5.26
N VAL B 21 -4.08 5.76 -5.77
CA VAL B 21 -3.63 6.54 -6.91
C VAL B 21 -3.75 8.02 -6.60
N HIS B 22 -2.69 8.78 -6.87
CA HIS B 22 -2.72 10.21 -6.67
C HIS B 22 -3.46 10.88 -7.82
N ASP B 23 -3.72 12.16 -7.67
CA ASP B 23 -4.40 12.95 -8.68
C ASP B 23 -3.64 12.90 -10.02
N ASN B 24 -2.32 12.70 -9.93
CA ASN B 24 -1.47 12.67 -11.13
C ASN B 24 -1.68 11.35 -11.86
N GLY B 25 -1.94 10.31 -11.08
CA GLY B 25 -2.20 9.00 -11.64
C GLY B 25 -1.13 7.98 -11.33
N ASN B 26 -0.27 8.31 -10.40
CA ASN B 26 0.80 7.41 -9.99
C ASN B 26 0.34 6.49 -8.87
N ILE B 27 0.84 5.26 -8.89
CA ILE B 27 0.53 4.26 -7.87
C ILE B 27 1.29 4.61 -6.60
N LEU B 28 0.57 4.78 -5.51
CA LEU B 28 1.18 5.12 -4.23
C LEU B 28 1.32 3.88 -3.39
N ALA B 29 0.28 3.07 -3.41
CA ALA B 29 0.29 1.80 -2.68
C ALA B 29 -0.64 0.78 -3.33
N ASP B 30 -0.45 -0.48 -2.95
CA ASP B 30 -1.24 -1.59 -3.45
C ASP B 30 -1.55 -2.54 -2.30
N SER B 31 -2.64 -3.27 -2.42
CA SER B 31 -3.06 -4.26 -1.41
C SER B 31 -1.93 -5.23 -1.06
N GLY B 32 -1.12 -5.59 -2.04
CA GLY B 32 -0.04 -6.53 -1.82
C GLY B 32 -0.52 -7.94 -2.01
N GLU B 33 -1.66 -8.24 -1.42
CA GLU B 33 -2.27 -9.56 -1.48
C GLU B 33 -3.51 -9.56 -2.37
N GLY B 34 -4.05 -10.75 -2.59
CA GLY B 34 -5.26 -10.92 -3.38
C GLY B 34 -6.22 -11.83 -2.66
N TYR B 35 -7.52 -11.59 -2.80
CA TYR B 35 -8.51 -12.37 -2.09
C TYR B 35 -9.74 -12.59 -2.95
N ALA B 36 -10.64 -13.44 -2.48
CA ALA B 36 -11.84 -13.78 -3.23
C ALA B 36 -13.05 -12.97 -2.78
N SER B 37 -12.85 -11.96 -1.95
CA SER B 37 -13.95 -11.15 -1.45
C SER B 37 -13.63 -9.67 -1.49
N LYS B 38 -14.58 -8.90 -1.96
CA LYS B 38 -14.45 -7.46 -2.07
C LYS B 38 -14.31 -6.83 -0.69
N GLN B 39 -15.00 -7.42 0.28
CA GLN B 39 -14.96 -6.94 1.65
C GLN B 39 -13.53 -6.97 2.18
N LYS B 40 -12.83 -8.10 1.96
CA LYS B 40 -11.47 -8.26 2.45
C LYS B 40 -10.55 -7.23 1.84
N ALA B 41 -10.75 -6.95 0.56
CA ALA B 41 -9.95 -5.94 -0.12
C ALA B 41 -10.09 -4.61 0.60
N LYS B 42 -11.33 -4.22 0.86
CA LYS B 42 -11.62 -2.99 1.56
C LYS B 42 -11.11 -3.04 2.99
N GLN B 43 -11.14 -4.22 3.60
CA GLN B 43 -10.60 -4.36 4.95
C GLN B 43 -9.10 -4.08 4.94
N GLY B 44 -8.43 -4.38 3.81
CA GLY B 44 -7.01 -4.13 3.71
C GLY B 44 -6.71 -2.65 3.71
N ILE B 45 -7.56 -1.91 3.02
CA ILE B 45 -7.45 -0.46 2.96
C ILE B 45 -7.59 0.14 4.34
N GLU B 46 -8.64 -0.26 5.02
CA GLU B 46 -8.90 0.23 6.36
C GLU B 46 -7.82 -0.23 7.33
N SER B 47 -7.28 -1.42 7.11
CA SER B 47 -6.20 -1.94 7.92
C SER B 47 -4.95 -1.08 7.74
N VAL B 48 -4.70 -0.63 6.51
CA VAL B 48 -3.50 0.13 6.25
C VAL B 48 -3.65 1.55 6.82
N LYS B 49 -4.83 2.14 6.66
CA LYS B 49 -5.11 3.49 7.15
C LYS B 49 -5.03 3.57 8.67
N ARG B 50 -5.04 2.41 9.30
CA ARG B 50 -5.03 2.31 10.75
C ARG B 50 -3.63 1.96 11.26
N ASN B 51 -2.68 1.79 10.34
CA ASN B 51 -1.32 1.40 10.70
C ASN B 51 -0.27 2.21 9.94
N ALA B 52 -0.57 2.49 8.68
CA ALA B 52 0.32 3.22 7.79
C ALA B 52 0.75 4.57 8.36
N PRO B 53 -0.19 5.44 8.82
CA PRO B 53 0.19 6.77 9.31
C PRO B 53 1.03 6.72 10.59
N ASP B 54 1.16 5.55 11.22
CA ASP B 54 1.95 5.43 12.45
C ASP B 54 3.13 4.49 12.29
N ALA B 55 3.05 3.63 11.29
CA ALA B 55 4.09 2.64 11.05
C ALA B 55 5.41 3.27 10.63
N ASP B 56 6.48 2.77 11.23
CA ASP B 56 7.82 3.24 10.92
C ASP B 56 8.44 2.43 9.81
N VAL B 57 9.14 3.11 8.92
CA VAL B 57 9.79 2.47 7.81
C VAL B 57 11.23 2.09 8.13
N ILE B 58 11.52 0.83 7.87
CA ILE B 58 12.86 0.29 8.03
C ILE B 58 13.34 -0.32 6.74
N GLU B 59 14.64 -0.24 6.52
CA GLU B 59 15.23 -0.77 5.31
C GLU B 59 15.67 -2.20 5.53
N ALA B 60 15.03 -3.13 4.83
CA ALA B 60 15.31 -4.55 4.97
C ALA B 60 16.57 -4.94 4.20
N MET A 1 -1.02 3.42 18.49
CA MET A 1 -2.24 2.65 18.79
C MET A 1 -2.31 1.40 17.92
N ASN A 2 -1.33 1.25 17.04
CA ASN A 2 -1.32 0.15 16.10
C ASN A 2 -0.13 -0.77 16.32
N LYS A 3 -0.10 -1.84 15.55
CA LYS A 3 1.02 -2.75 15.54
C LYS A 3 1.32 -3.11 14.09
N ALA A 4 2.30 -2.42 13.52
CA ALA A 4 2.71 -2.59 12.14
C ALA A 4 3.94 -1.75 11.87
N HIS A 5 4.54 -1.95 10.72
CA HIS A 5 5.72 -1.20 10.34
C HIS A 5 6.04 -1.42 8.87
N PHE A 6 6.61 -0.41 8.24
CA PHE A 6 6.98 -0.49 6.84
C PHE A 6 8.36 -1.11 6.70
N GLU A 7 8.57 -1.83 5.60
CA GLU A 7 9.84 -2.47 5.34
C GLU A 7 10.22 -2.35 3.87
N VAL A 8 11.33 -1.67 3.62
CA VAL A 8 11.85 -1.47 2.28
C VAL A 8 12.84 -2.57 1.96
N PHE A 9 12.72 -3.16 0.78
CA PHE A 9 13.58 -4.27 0.38
C PHE A 9 13.94 -4.18 -1.10
N VAL A 10 14.74 -5.14 -1.56
CA VAL A 10 15.15 -5.19 -2.96
C VAL A 10 14.39 -6.26 -3.74
N ASP A 11 13.93 -5.89 -4.92
CA ASP A 11 13.18 -6.78 -5.79
C ASP A 11 14.15 -7.68 -6.55
N ALA A 12 13.62 -8.55 -7.38
CA ALA A 12 14.43 -9.49 -8.14
C ALA A 12 15.26 -8.79 -9.20
N ALA A 13 14.94 -7.52 -9.46
CA ALA A 13 15.63 -6.75 -10.48
C ALA A 13 16.40 -5.58 -9.86
N ASP A 14 16.78 -5.74 -8.60
CA ASP A 14 17.56 -4.73 -7.86
C ASP A 14 16.75 -3.47 -7.65
N LYS A 15 15.44 -3.61 -7.55
CA LYS A 15 14.58 -2.46 -7.36
C LYS A 15 14.31 -2.30 -5.89
N TYR A 16 13.97 -1.10 -5.51
CA TYR A 16 13.66 -0.81 -4.13
C TYR A 16 12.17 -0.66 -3.98
N ARG A 17 11.57 -1.54 -3.19
CA ARG A 17 10.15 -1.51 -2.96
C ARG A 17 9.90 -1.64 -1.47
N TRP A 18 8.64 -1.59 -1.08
CA TRP A 18 8.29 -1.75 0.32
C TRP A 18 6.92 -2.35 0.48
N ARG A 19 6.67 -2.84 1.68
CA ARG A 19 5.41 -3.46 2.03
C ARG A 19 5.10 -3.19 3.49
N LEU A 20 3.84 -2.98 3.79
CA LEU A 20 3.43 -2.77 5.16
C LEU A 20 3.07 -4.10 5.77
N VAL A 21 3.60 -4.37 6.94
CA VAL A 21 3.39 -5.65 7.59
C VAL A 21 2.88 -5.46 9.01
N HIS A 22 1.81 -6.15 9.36
CA HIS A 22 1.28 -6.09 10.72
C HIS A 22 2.14 -6.97 11.59
N ASP A 23 1.93 -6.90 12.89
CA ASP A 23 2.68 -7.72 13.85
C ASP A 23 2.55 -9.22 13.51
N ASN A 24 1.39 -9.59 12.95
CA ASN A 24 1.10 -10.98 12.61
C ASN A 24 2.02 -11.46 11.48
N GLY A 25 2.35 -10.53 10.60
CA GLY A 25 3.22 -10.83 9.48
C GLY A 25 2.51 -10.79 8.14
N ASN A 26 1.29 -10.30 8.15
CA ASN A 26 0.48 -10.19 6.93
C ASN A 26 0.73 -8.87 6.21
N ILE A 27 0.73 -8.94 4.89
CA ILE A 27 0.93 -7.77 4.05
C ILE A 27 -0.35 -6.96 4.01
N LEU A 28 -0.25 -5.73 4.48
CA LEU A 28 -1.38 -4.83 4.54
C LEU A 28 -1.42 -3.99 3.27
N ALA A 29 -0.24 -3.54 2.88
CA ALA A 29 -0.08 -2.77 1.64
C ALA A 29 1.31 -2.96 1.05
N ASP A 30 1.45 -2.57 -0.20
CA ASP A 30 2.70 -2.66 -0.94
C ASP A 30 2.91 -1.38 -1.73
N SER A 31 4.16 -1.05 -2.02
CA SER A 31 4.50 0.14 -2.80
C SER A 31 3.76 0.20 -4.14
N GLY A 32 3.54 -0.95 -4.74
CA GLY A 32 2.87 -1.02 -6.03
C GLY A 32 3.85 -0.89 -7.17
N GLU A 33 4.79 0.03 -7.02
CA GLU A 33 5.81 0.29 -8.02
C GLU A 33 7.15 -0.32 -7.64
N GLY A 34 8.14 -0.08 -8.48
CA GLY A 34 9.49 -0.55 -8.25
C GLY A 34 10.48 0.31 -8.98
N TYR A 35 11.48 0.83 -8.27
CA TYR A 35 12.43 1.75 -8.88
C TYR A 35 13.85 1.42 -8.45
N ALA A 36 14.82 2.09 -9.04
CA ALA A 36 16.23 1.81 -8.78
C ALA A 36 16.82 2.68 -7.67
N SER A 37 15.99 3.42 -6.93
CA SER A 37 16.50 4.26 -5.86
C SER A 37 15.85 3.91 -4.52
N LYS A 38 16.70 3.72 -3.53
CA LYS A 38 16.25 3.39 -2.19
C LYS A 38 15.46 4.54 -1.58
N GLN A 39 15.91 5.75 -1.86
CA GLN A 39 15.25 6.95 -1.35
C GLN A 39 13.83 7.01 -1.88
N LYS A 40 13.67 6.68 -3.17
CA LYS A 40 12.39 6.74 -3.83
C LYS A 40 11.38 5.82 -3.15
N ALA A 41 11.82 4.61 -2.79
CA ALA A 41 10.95 3.68 -2.09
C ALA A 41 10.43 4.30 -0.80
N LYS A 42 11.34 4.87 -0.04
CA LYS A 42 10.99 5.51 1.21
C LYS A 42 10.08 6.71 1.00
N GLN A 43 10.28 7.41 -0.11
CA GLN A 43 9.40 8.53 -0.45
C GLN A 43 7.99 8.01 -0.72
N GLY A 44 7.87 6.79 -1.24
CA GLY A 44 6.58 6.22 -1.55
C GLY A 44 5.77 6.01 -0.29
N ILE A 45 6.45 5.57 0.76
CA ILE A 45 5.83 5.37 2.05
C ILE A 45 5.27 6.68 2.58
N GLU A 46 6.09 7.71 2.58
CA GLU A 46 5.65 9.00 3.03
C GLU A 46 4.54 9.55 2.13
N SER A 47 4.61 9.22 0.86
CA SER A 47 3.58 9.62 -0.08
C SER A 47 2.24 8.98 0.28
N VAL A 48 2.27 7.72 0.70
CA VAL A 48 1.04 7.02 1.02
C VAL A 48 0.49 7.52 2.36
N LYS A 49 1.39 7.76 3.31
CA LYS A 49 1.01 8.28 4.62
C LYS A 49 0.41 9.69 4.52
N ARG A 50 0.59 10.29 3.36
CA ARG A 50 0.11 11.65 3.11
C ARG A 50 -1.23 11.61 2.39
N ASN A 51 -1.69 10.42 2.04
CA ASN A 51 -2.91 10.28 1.26
C ASN A 51 -3.81 9.17 1.76
N ALA A 52 -3.21 8.09 2.19
CA ALA A 52 -3.91 6.89 2.65
C ALA A 52 -4.93 7.21 3.74
N PRO A 53 -4.55 7.93 4.82
CA PRO A 53 -5.47 8.20 5.93
C PRO A 53 -6.67 9.07 5.53
N ASP A 54 -6.59 9.72 4.37
CA ASP A 54 -7.67 10.62 3.93
C ASP A 54 -8.42 10.08 2.73
N ALA A 55 -7.72 9.29 1.95
CA ALA A 55 -8.26 8.74 0.71
C ALA A 55 -9.50 7.87 0.92
N ASP A 56 -10.48 8.10 0.07
CA ASP A 56 -11.72 7.34 0.05
C ASP A 56 -11.61 6.15 -0.89
N VAL A 57 -12.14 5.02 -0.47
CA VAL A 57 -12.12 3.82 -1.30
C VAL A 57 -13.34 3.73 -2.20
N ILE A 58 -13.09 3.42 -3.48
CA ILE A 58 -14.13 3.26 -4.47
C ILE A 58 -14.02 1.90 -5.12
N GLU A 59 -15.15 1.31 -5.50
CA GLU A 59 -15.14 0.03 -6.17
C GLU A 59 -15.03 0.25 -7.68
N ALA A 60 -13.88 -0.06 -8.23
CA ALA A 60 -13.61 0.16 -9.65
C ALA A 60 -14.14 -1.01 -10.48
N MET B 1 -5.74 17.33 3.21
CA MET B 1 -4.80 18.20 2.48
C MET B 1 -4.23 17.46 1.27
N ASN B 2 -4.77 16.29 0.97
CA ASN B 2 -4.25 15.46 -0.11
C ASN B 2 -5.16 15.45 -1.32
N LYS B 3 -4.69 14.72 -2.33
CA LYS B 3 -5.45 14.45 -3.54
C LYS B 3 -5.12 13.04 -3.98
N ALA B 4 -6.01 12.13 -3.63
CA ALA B 4 -5.86 10.72 -3.92
C ALA B 4 -7.11 9.98 -3.51
N HIS B 5 -7.18 8.69 -3.83
CA HIS B 5 -8.33 7.89 -3.47
C HIS B 5 -8.04 6.42 -3.71
N PHE B 6 -8.63 5.55 -2.92
CA PHE B 6 -8.46 4.12 -3.03
C PHE B 6 -9.42 3.55 -4.05
N GLU B 7 -8.97 2.54 -4.78
CA GLU B 7 -9.80 1.91 -5.81
C GLU B 7 -9.64 0.41 -5.77
N VAL B 8 -10.74 -0.29 -5.56
CA VAL B 8 -10.74 -1.74 -5.52
C VAL B 8 -11.06 -2.29 -6.91
N PHE B 9 -10.27 -3.25 -7.35
CA PHE B 9 -10.43 -3.83 -8.68
C PHE B 9 -10.20 -5.34 -8.62
N VAL B 10 -10.23 -5.97 -9.79
CA VAL B 10 -10.07 -7.41 -9.90
C VAL B 10 -8.71 -7.80 -10.50
N ASP B 11 -8.12 -8.85 -9.94
CA ASP B 11 -6.84 -9.38 -10.41
C ASP B 11 -7.08 -10.27 -11.63
N ALA B 12 -6.01 -10.83 -12.16
CA ALA B 12 -6.12 -11.70 -13.33
C ALA B 12 -6.85 -12.99 -13.02
N ALA B 13 -6.94 -13.32 -11.73
CA ALA B 13 -7.57 -14.56 -11.30
C ALA B 13 -8.90 -14.28 -10.61
N ASP B 14 -9.51 -13.15 -10.92
CA ASP B 14 -10.80 -12.75 -10.35
C ASP B 14 -10.68 -12.55 -8.84
N LYS B 15 -9.59 -11.94 -8.43
CA LYS B 15 -9.36 -11.65 -7.02
C LYS B 15 -9.62 -10.18 -6.78
N TYR B 16 -9.94 -9.85 -5.56
CA TYR B 16 -10.22 -8.47 -5.21
C TYR B 16 -8.99 -7.82 -4.60
N ARG B 17 -8.56 -6.73 -5.22
CA ARG B 17 -7.39 -6.00 -4.77
C ARG B 17 -7.69 -4.51 -4.82
N TRP B 18 -6.71 -3.69 -4.47
CA TRP B 18 -6.89 -2.26 -4.52
C TRP B 18 -5.57 -1.54 -4.67
N ARG B 19 -5.64 -0.29 -5.08
CA ARG B 19 -4.47 0.56 -5.27
C ARG B 19 -4.81 2.00 -4.93
N LEU B 20 -3.83 2.71 -4.40
CA LEU B 20 -4.01 4.11 -4.11
C LEU B 20 -3.44 4.92 -5.26
N VAL B 21 -4.23 5.85 -5.74
CA VAL B 21 -3.84 6.64 -6.90
C VAL B 21 -3.94 8.13 -6.60
N HIS B 22 -2.88 8.87 -6.90
CA HIS B 22 -2.85 10.31 -6.68
C HIS B 22 -3.57 11.01 -7.83
N ASP B 23 -3.71 12.32 -7.71
CA ASP B 23 -4.34 13.14 -8.76
C ASP B 23 -3.67 12.94 -10.12
N ASN B 24 -2.35 12.75 -10.11
CA ASN B 24 -1.57 12.58 -11.34
C ASN B 24 -1.93 11.27 -12.01
N GLY B 25 -2.24 10.28 -11.17
CA GLY B 25 -2.60 8.96 -11.66
C GLY B 25 -1.54 7.92 -11.35
N ASN B 26 -0.59 8.30 -10.51
CA ASN B 26 0.51 7.40 -10.12
C ASN B 26 0.13 6.52 -8.94
N ILE B 27 0.61 5.28 -8.99
CA ILE B 27 0.37 4.29 -7.95
C ILE B 27 1.19 4.63 -6.71
N LEU B 28 0.51 4.84 -5.61
CA LEU B 28 1.15 5.17 -4.35
C LEU B 28 1.30 3.93 -3.51
N ALA B 29 0.24 3.12 -3.50
CA ALA B 29 0.25 1.85 -2.79
C ALA B 29 -0.72 0.86 -3.41
N ASP B 30 -0.57 -0.39 -3.02
CA ASP B 30 -1.41 -1.50 -3.49
C ASP B 30 -1.71 -2.43 -2.33
N SER B 31 -2.76 -3.24 -2.44
CA SER B 31 -3.13 -4.19 -1.39
C SER B 31 -1.97 -5.12 -1.04
N GLY B 32 -1.17 -5.45 -2.05
CA GLY B 32 -0.06 -6.36 -1.86
C GLY B 32 -0.50 -7.78 -2.09
N GLU B 33 -1.57 -8.13 -1.41
CA GLU B 33 -2.16 -9.46 -1.48
C GLU B 33 -3.38 -9.47 -2.40
N GLY B 34 -3.96 -10.65 -2.56
CA GLY B 34 -5.16 -10.82 -3.37
C GLY B 34 -6.08 -11.82 -2.71
N TYR B 35 -7.38 -11.56 -2.72
CA TYR B 35 -8.34 -12.43 -2.06
C TYR B 35 -9.57 -12.64 -2.90
N ALA B 36 -10.44 -13.56 -2.46
CA ALA B 36 -11.63 -13.92 -3.20
C ALA B 36 -12.88 -13.16 -2.74
N SER B 37 -12.72 -12.14 -1.92
CA SER B 37 -13.86 -11.37 -1.46
C SER B 37 -13.57 -9.88 -1.50
N LYS B 38 -14.54 -9.12 -1.98
CA LYS B 38 -14.40 -7.67 -2.09
C LYS B 38 -14.27 -7.05 -0.71
N GLN B 39 -15.02 -7.59 0.23
CA GLN B 39 -15.03 -7.10 1.60
C GLN B 39 -13.62 -7.14 2.16
N LYS B 40 -12.93 -8.25 1.93
CA LYS B 40 -11.58 -8.44 2.46
C LYS B 40 -10.62 -7.41 1.86
N ALA B 41 -10.76 -7.12 0.58
CA ALA B 41 -9.93 -6.13 -0.07
C ALA B 41 -10.10 -4.79 0.64
N LYS B 42 -11.35 -4.42 0.84
CA LYS B 42 -11.68 -3.17 1.50
C LYS B 42 -11.20 -3.16 2.94
N GLN B 43 -11.27 -4.30 3.61
CA GLN B 43 -10.77 -4.40 4.98
C GLN B 43 -9.27 -4.14 5.00
N GLY B 44 -8.60 -4.45 3.88
CA GLY B 44 -7.17 -4.21 3.79
C GLY B 44 -6.89 -2.73 3.84
N ILE B 45 -7.72 -1.98 3.13
CA ILE B 45 -7.63 -0.54 3.11
C ILE B 45 -7.87 0.01 4.52
N GLU B 46 -8.89 -0.51 5.18
CA GLU B 46 -9.22 -0.07 6.52
C GLU B 46 -8.07 -0.35 7.46
N SER B 47 -7.45 -1.50 7.29
CA SER B 47 -6.31 -1.89 8.10
C SER B 47 -5.11 -1.00 7.81
N VAL B 48 -4.96 -0.56 6.56
CA VAL B 48 -3.80 0.24 6.20
C VAL B 48 -3.95 1.65 6.77
N LYS B 49 -5.16 2.21 6.74
CA LYS B 49 -5.41 3.55 7.27
C LYS B 49 -5.26 3.57 8.79
N ARG B 50 -5.20 2.39 9.38
CA ARG B 50 -5.11 2.23 10.81
C ARG B 50 -3.67 1.90 11.23
N ASN B 51 -2.78 1.77 10.26
CA ASN B 51 -1.39 1.38 10.54
C ASN B 51 -0.39 2.20 9.75
N ALA B 52 -0.71 2.46 8.50
CA ALA B 52 0.18 3.18 7.60
C ALA B 52 0.59 4.54 8.14
N PRO B 53 -0.35 5.40 8.61
CA PRO B 53 0.02 6.73 9.10
C PRO B 53 0.87 6.70 10.37
N ASP B 54 1.02 5.52 10.98
CA ASP B 54 1.79 5.41 12.22
C ASP B 54 2.96 4.44 12.10
N ALA B 55 2.96 3.65 11.05
CA ALA B 55 3.98 2.64 10.84
C ALA B 55 5.34 3.26 10.53
N ASP B 56 6.37 2.69 11.13
CA ASP B 56 7.75 3.15 10.95
C ASP B 56 8.43 2.41 9.80
N VAL B 57 9.27 3.14 9.09
CA VAL B 57 9.98 2.59 7.94
C VAL B 57 11.29 1.91 8.35
N ILE B 58 11.42 0.65 7.99
CA ILE B 58 12.64 -0.10 8.25
C ILE B 58 13.29 -0.48 6.93
N GLU B 59 14.59 -0.35 6.89
CA GLU B 59 15.35 -0.71 5.72
C GLU B 59 15.76 -2.17 5.84
N ALA B 60 15.02 -3.03 5.14
CA ALA B 60 15.26 -4.47 5.22
C ALA B 60 16.39 -4.89 4.30
N MET A 1 -1.55 3.12 19.12
CA MET A 1 -2.75 2.26 18.92
C MET A 1 -2.53 1.19 17.86
N ASN A 2 -1.62 1.45 16.92
CA ASN A 2 -1.41 0.51 15.82
C ASN A 2 -0.35 -0.51 16.15
N LYS A 3 -0.27 -1.53 15.31
CA LYS A 3 0.76 -2.53 15.39
C LYS A 3 1.15 -2.92 13.97
N ALA A 4 2.21 -2.31 13.49
CA ALA A 4 2.69 -2.53 12.13
C ALA A 4 3.98 -1.76 11.90
N HIS A 5 4.56 -1.97 10.73
CA HIS A 5 5.78 -1.27 10.35
C HIS A 5 6.07 -1.50 8.88
N PHE A 6 6.65 -0.51 8.24
CA PHE A 6 6.99 -0.58 6.82
C PHE A 6 8.35 -1.25 6.63
N GLU A 7 8.50 -1.96 5.51
CA GLU A 7 9.74 -2.64 5.20
C GLU A 7 10.07 -2.51 3.72
N VAL A 8 11.22 -1.93 3.43
CA VAL A 8 11.70 -1.73 2.07
C VAL A 8 12.62 -2.88 1.66
N PHE A 9 12.48 -3.35 0.44
CA PHE A 9 13.28 -4.48 -0.03
C PHE A 9 13.58 -4.32 -1.52
N VAL A 10 14.29 -5.30 -2.07
CA VAL A 10 14.68 -5.28 -3.48
C VAL A 10 13.82 -6.23 -4.34
N ASP A 11 13.42 -5.74 -5.51
CA ASP A 11 12.63 -6.51 -6.45
C ASP A 11 13.57 -7.40 -7.27
N ALA A 12 13.00 -8.17 -8.18
CA ALA A 12 13.78 -9.09 -8.99
C ALA A 12 14.70 -8.36 -9.96
N ALA A 13 14.45 -7.07 -10.17
CA ALA A 13 15.22 -6.28 -11.11
C ALA A 13 16.08 -5.26 -10.39
N ASP A 14 16.37 -5.53 -9.12
CA ASP A 14 17.23 -4.70 -8.28
C ASP A 14 16.56 -3.38 -7.96
N LYS A 15 15.28 -3.45 -7.70
CA LYS A 15 14.49 -2.27 -7.45
C LYS A 15 14.05 -2.19 -6.03
N TYR A 16 13.90 -1.00 -5.57
CA TYR A 16 13.52 -0.74 -4.20
C TYR A 16 12.02 -0.58 -4.09
N ARG A 17 11.43 -1.44 -3.29
CA ARG A 17 9.99 -1.43 -3.06
C ARG A 17 9.75 -1.56 -1.58
N TRP A 18 8.50 -1.59 -1.18
CA TRP A 18 8.19 -1.76 0.23
C TRP A 18 6.84 -2.38 0.42
N ARG A 19 6.62 -2.89 1.62
CA ARG A 19 5.37 -3.51 1.99
C ARG A 19 5.10 -3.28 3.47
N LEU A 20 3.86 -3.04 3.80
CA LEU A 20 3.48 -2.82 5.18
C LEU A 20 3.11 -4.16 5.79
N VAL A 21 3.59 -4.42 6.99
CA VAL A 21 3.36 -5.69 7.65
C VAL A 21 2.80 -5.46 9.04
N HIS A 22 1.72 -6.14 9.38
CA HIS A 22 1.13 -6.04 10.71
C HIS A 22 1.97 -6.86 11.67
N ASP A 23 1.68 -6.74 12.95
CA ASP A 23 2.38 -7.53 13.97
C ASP A 23 2.21 -9.02 13.70
N ASN A 24 1.07 -9.37 13.10
CA ASN A 24 0.74 -10.76 12.78
C ASN A 24 1.68 -11.30 11.71
N GLY A 25 2.10 -10.41 10.82
CA GLY A 25 3.04 -10.78 9.77
C GLY A 25 2.41 -10.77 8.40
N ASN A 26 1.18 -10.29 8.32
CA ASN A 26 0.45 -10.22 7.05
C ASN A 26 0.74 -8.93 6.31
N ILE A 27 0.77 -9.01 4.99
CA ILE A 27 1.00 -7.86 4.13
C ILE A 27 -0.26 -7.01 4.05
N LEU A 28 -0.14 -5.78 4.48
CA LEU A 28 -1.26 -4.85 4.50
C LEU A 28 -1.25 -4.01 3.24
N ALA A 29 -0.07 -3.54 2.89
CA ALA A 29 0.09 -2.74 1.67
C ALA A 29 1.46 -2.96 1.04
N ASP A 30 1.60 -2.45 -0.19
CA ASP A 30 2.83 -2.58 -0.98
C ASP A 30 3.03 -1.29 -1.78
N SER A 31 4.28 -1.00 -2.15
CA SER A 31 4.59 0.20 -2.94
C SER A 31 3.82 0.23 -4.25
N GLY A 32 3.59 -0.96 -4.79
CA GLY A 32 2.89 -1.08 -6.06
C GLY A 32 3.86 -1.00 -7.21
N GLU A 33 4.73 0.00 -7.14
CA GLU A 33 5.74 0.24 -8.17
C GLU A 33 7.14 -0.09 -7.66
N GLY A 34 8.09 -0.09 -8.57
CA GLY A 34 9.48 -0.37 -8.25
C GLY A 34 10.39 0.69 -8.84
N TYR A 35 11.47 1.01 -8.13
CA TYR A 35 12.37 2.07 -8.56
C TYR A 35 13.81 1.68 -8.27
N ALA A 36 14.75 2.39 -8.85
CA ALA A 36 16.17 2.08 -8.68
C ALA A 36 16.78 2.88 -7.53
N SER A 37 15.96 3.53 -6.73
CA SER A 37 16.44 4.33 -5.61
C SER A 37 15.76 3.95 -4.30
N LYS A 38 16.58 3.70 -3.29
CA LYS A 38 16.09 3.31 -1.97
C LYS A 38 15.33 4.46 -1.32
N GLN A 39 15.83 5.68 -1.54
CA GLN A 39 15.19 6.88 -1.04
C GLN A 39 13.76 6.98 -1.57
N LYS A 40 13.60 6.69 -2.87
CA LYS A 40 12.29 6.78 -3.53
C LYS A 40 11.30 5.83 -2.87
N ALA A 41 11.75 4.63 -2.54
CA ALA A 41 10.91 3.67 -1.85
C ALA A 41 10.36 4.28 -0.57
N LYS A 42 11.25 4.85 0.22
CA LYS A 42 10.87 5.48 1.47
C LYS A 42 10.00 6.72 1.23
N GLN A 43 10.24 7.42 0.12
CA GLN A 43 9.41 8.56 -0.23
C GLN A 43 7.99 8.12 -0.56
N GLY A 44 7.86 6.90 -1.11
CA GLY A 44 6.55 6.37 -1.46
C GLY A 44 5.72 6.12 -0.22
N ILE A 45 6.38 5.64 0.82
CA ILE A 45 5.76 5.40 2.10
C ILE A 45 5.21 6.69 2.69
N GLU A 46 6.03 7.71 2.73
CA GLU A 46 5.60 9.00 3.23
C GLU A 46 4.48 9.59 2.38
N SER A 47 4.53 9.32 1.09
CA SER A 47 3.50 9.79 0.18
C SER A 47 2.16 9.12 0.50
N VAL A 48 2.18 7.85 0.88
CA VAL A 48 0.94 7.14 1.15
C VAL A 48 0.36 7.59 2.49
N LYS A 49 1.25 7.91 3.42
CA LYS A 49 0.85 8.33 4.76
C LYS A 49 0.20 9.71 4.71
N ARG A 50 0.36 10.36 3.58
CA ARG A 50 -0.15 11.69 3.36
C ARG A 50 -1.44 11.67 2.53
N ASN A 51 -1.85 10.50 2.10
CA ASN A 51 -3.02 10.38 1.23
C ASN A 51 -3.94 9.26 1.67
N ALA A 52 -3.34 8.15 2.09
CA ALA A 52 -4.07 6.96 2.51
C ALA A 52 -5.06 7.25 3.65
N PRO A 53 -4.62 7.90 4.76
CA PRO A 53 -5.52 8.14 5.91
C PRO A 53 -6.75 8.99 5.55
N ASP A 54 -6.75 9.61 4.38
CA ASP A 54 -7.88 10.46 3.97
C ASP A 54 -8.48 10.03 2.64
N ALA A 55 -7.83 9.09 1.98
CA ALA A 55 -8.30 8.61 0.68
C ALA A 55 -9.54 7.74 0.80
N ASP A 56 -10.49 8.03 -0.07
CA ASP A 56 -11.75 7.29 -0.13
C ASP A 56 -11.63 6.11 -1.07
N VAL A 57 -12.15 4.97 -0.65
CA VAL A 57 -12.11 3.77 -1.49
C VAL A 57 -13.32 3.68 -2.40
N ILE A 58 -13.04 3.36 -3.65
CA ILE A 58 -14.07 3.19 -4.68
C ILE A 58 -14.02 1.76 -5.20
N GLU A 59 -15.19 1.21 -5.51
CA GLU A 59 -15.27 -0.13 -6.07
C GLU A 59 -15.19 -0.02 -7.59
N ALA A 60 -14.04 -0.37 -8.15
CA ALA A 60 -13.82 -0.29 -9.58
C ALA A 60 -14.44 -1.49 -10.29
N MET B 1 -5.99 17.56 3.01
CA MET B 1 -4.68 18.06 2.52
C MET B 1 -4.11 17.16 1.45
N ASN B 2 -4.91 16.26 0.89
CA ASN B 2 -4.40 15.32 -0.08
C ASN B 2 -5.21 15.29 -1.36
N LYS B 3 -4.67 14.58 -2.33
CA LYS B 3 -5.34 14.32 -3.58
C LYS B 3 -5.05 12.89 -3.96
N ALA B 4 -5.99 12.01 -3.64
CA ALA B 4 -5.85 10.60 -3.91
C ALA B 4 -7.13 9.88 -3.54
N HIS B 5 -7.20 8.61 -3.88
CA HIS B 5 -8.36 7.81 -3.57
C HIS B 5 -8.05 6.34 -3.84
N PHE B 6 -8.67 5.47 -3.06
CA PHE B 6 -8.47 4.04 -3.19
C PHE B 6 -9.40 3.46 -4.24
N GLU B 7 -8.96 2.41 -4.92
CA GLU B 7 -9.75 1.75 -5.95
C GLU B 7 -9.57 0.23 -5.86
N VAL B 8 -10.66 -0.47 -5.58
CA VAL B 8 -10.65 -1.93 -5.49
C VAL B 8 -11.04 -2.51 -6.84
N PHE B 9 -10.23 -3.45 -7.31
CA PHE B 9 -10.45 -4.04 -8.62
C PHE B 9 -10.15 -5.54 -8.59
N VAL B 10 -10.30 -6.19 -9.75
CA VAL B 10 -10.04 -7.62 -9.87
C VAL B 10 -8.69 -7.91 -10.53
N ASP B 11 -7.98 -8.86 -9.96
CA ASP B 11 -6.67 -9.28 -10.46
C ASP B 11 -6.85 -10.18 -11.67
N ALA B 12 -5.75 -10.63 -12.22
CA ALA B 12 -5.77 -11.50 -13.38
C ALA B 12 -6.34 -12.87 -13.03
N ALA B 13 -6.37 -13.19 -11.74
CA ALA B 13 -6.85 -14.49 -11.29
C ALA B 13 -8.17 -14.35 -10.52
N ASP B 14 -8.93 -13.30 -10.85
CA ASP B 14 -10.23 -13.04 -10.25
C ASP B 14 -10.12 -12.78 -8.76
N LYS B 15 -9.08 -12.06 -8.36
CA LYS B 15 -8.88 -11.73 -6.97
C LYS B 15 -9.28 -10.30 -6.74
N TYR B 16 -9.61 -9.99 -5.51
CA TYR B 16 -9.97 -8.63 -5.14
C TYR B 16 -8.76 -7.93 -4.54
N ARG B 17 -8.34 -6.87 -5.19
CA ARG B 17 -7.18 -6.11 -4.75
C ARG B 17 -7.50 -4.63 -4.80
N TRP B 18 -6.55 -3.81 -4.42
CA TRP B 18 -6.73 -2.37 -4.48
C TRP B 18 -5.42 -1.65 -4.61
N ARG B 19 -5.50 -0.40 -5.06
CA ARG B 19 -4.33 0.43 -5.25
C ARG B 19 -4.69 1.88 -4.96
N LEU B 20 -3.77 2.58 -4.34
CA LEU B 20 -3.97 3.98 -4.06
C LEU B 20 -3.39 4.77 -5.21
N VAL B 21 -4.16 5.70 -5.72
CA VAL B 21 -3.77 6.47 -6.88
C VAL B 21 -3.88 7.96 -6.59
N HIS B 22 -2.82 8.70 -6.90
CA HIS B 22 -2.84 10.15 -6.71
C HIS B 22 -3.65 10.78 -7.82
N ASP B 23 -3.88 12.08 -7.71
CA ASP B 23 -4.63 12.82 -8.73
C ASP B 23 -3.98 12.68 -10.11
N ASN B 24 -2.65 12.58 -10.13
CA ASN B 24 -1.89 12.48 -11.37
C ASN B 24 -2.16 11.13 -12.03
N GLY B 25 -2.34 10.12 -11.19
CA GLY B 25 -2.63 8.78 -11.68
C GLY B 25 -1.53 7.78 -11.40
N ASN B 26 -0.60 8.15 -10.53
CA ASN B 26 0.49 7.27 -10.15
C ASN B 26 0.09 6.38 -8.98
N ILE B 27 0.62 5.17 -8.95
CA ILE B 27 0.34 4.22 -7.89
C ILE B 27 1.17 4.55 -6.66
N LEU B 28 0.48 4.83 -5.58
CA LEU B 28 1.13 5.19 -4.32
C LEU B 28 1.30 3.96 -3.46
N ALA B 29 0.25 3.14 -3.44
CA ALA B 29 0.28 1.88 -2.70
C ALA B 29 -0.65 0.86 -3.31
N ASP B 30 -0.46 -0.39 -2.92
CA ASP B 30 -1.25 -1.51 -3.40
C ASP B 30 -1.57 -2.44 -2.23
N SER B 31 -2.63 -3.23 -2.35
CA SER B 31 -3.02 -4.20 -1.33
C SER B 31 -1.89 -5.16 -0.97
N GLY B 32 -1.05 -5.48 -1.95
CA GLY B 32 0.04 -6.39 -1.73
C GLY B 32 -0.39 -7.82 -1.94
N GLU B 33 -1.57 -8.15 -1.42
CA GLU B 33 -2.13 -9.49 -1.54
C GLU B 33 -3.34 -9.48 -2.47
N GLY B 34 -3.79 -10.70 -2.80
CA GLY B 34 -4.97 -10.88 -3.62
C GLY B 34 -5.97 -11.73 -2.87
N TYR B 35 -7.19 -11.22 -2.71
CA TYR B 35 -8.19 -11.91 -1.90
C TYR B 35 -9.31 -12.45 -2.77
N ALA B 36 -10.19 -13.22 -2.15
CA ALA B 36 -11.32 -13.81 -2.85
C ALA B 36 -12.62 -13.09 -2.48
N SER B 37 -12.50 -11.96 -1.81
CA SER B 37 -13.66 -11.21 -1.36
C SER B 37 -13.42 -9.70 -1.43
N LYS B 38 -14.36 -8.97 -2.04
CA LYS B 38 -14.23 -7.53 -2.18
C LYS B 38 -14.15 -6.85 -0.82
N GLN B 39 -15.01 -7.27 0.11
CA GLN B 39 -15.02 -6.71 1.45
C GLN B 39 -13.63 -6.82 2.07
N LYS B 40 -12.97 -7.94 1.83
CA LYS B 40 -11.64 -8.18 2.38
C LYS B 40 -10.66 -7.14 1.87
N ALA B 41 -10.74 -6.85 0.57
CA ALA B 41 -9.89 -5.84 -0.03
C ALA B 41 -10.12 -4.50 0.64
N LYS B 42 -11.38 -4.17 0.84
CA LYS B 42 -11.76 -2.94 1.50
C LYS B 42 -11.27 -2.91 2.94
N GLN B 43 -11.29 -4.07 3.60
CA GLN B 43 -10.79 -4.15 4.97
C GLN B 43 -9.29 -3.88 4.99
N GLY B 44 -8.59 -4.24 3.91
CA GLY B 44 -7.16 -4.02 3.85
C GLY B 44 -6.85 -2.55 3.84
N ILE B 45 -7.65 -1.81 3.09
CA ILE B 45 -7.51 -0.37 3.01
C ILE B 45 -7.68 0.28 4.37
N GLU B 46 -8.77 -0.05 5.03
CA GLU B 46 -9.05 0.51 6.34
C GLU B 46 -7.98 0.07 7.35
N SER B 47 -7.49 -1.15 7.18
CA SER B 47 -6.43 -1.65 8.05
C SER B 47 -5.14 -0.86 7.84
N VAL B 48 -4.88 -0.46 6.60
CA VAL B 48 -3.65 0.25 6.30
C VAL B 48 -3.73 1.67 6.84
N LYS B 49 -4.89 2.30 6.69
CA LYS B 49 -5.13 3.65 7.17
C LYS B 49 -5.06 3.75 8.69
N ARG B 50 -5.08 2.59 9.34
CA ARG B 50 -5.10 2.52 10.78
C ARG B 50 -3.71 2.16 11.34
N ASN B 51 -2.76 1.92 10.43
CA ASN B 51 -1.41 1.51 10.82
C ASN B 51 -0.34 2.23 10.02
N ALA B 52 -0.60 2.43 8.74
CA ALA B 52 0.36 3.07 7.84
C ALA B 52 0.81 4.44 8.33
N PRO B 53 -0.11 5.36 8.69
CA PRO B 53 0.29 6.71 9.11
C PRO B 53 1.13 6.71 10.40
N ASP B 54 1.20 5.57 11.08
CA ASP B 54 1.95 5.46 12.34
C ASP B 54 3.12 4.50 12.20
N ALA B 55 3.09 3.69 11.17
CA ALA B 55 4.12 2.67 10.95
C ALA B 55 5.46 3.25 10.55
N ASP B 56 6.50 2.70 11.16
CA ASP B 56 7.88 3.10 10.87
C ASP B 56 8.45 2.25 9.75
N VAL B 57 9.17 2.90 8.84
CA VAL B 57 9.80 2.21 7.72
C VAL B 57 11.19 1.72 8.06
N ILE B 58 11.43 0.46 7.72
CA ILE B 58 12.72 -0.20 7.91
C ILE B 58 13.22 -0.68 6.57
N GLU B 59 14.50 -0.58 6.35
CA GLU B 59 15.11 -1.05 5.12
C GLU B 59 15.57 -2.49 5.29
N ALA B 60 14.85 -3.42 4.68
CA ALA B 60 15.12 -4.84 4.81
C ALA B 60 16.22 -5.29 3.86
N MET A 1 -1.04 3.40 18.23
CA MET A 1 -2.43 2.97 17.99
C MET A 1 -2.49 1.56 17.38
N ASN A 2 -1.37 1.12 16.81
CA ASN A 2 -1.35 -0.15 16.10
C ASN A 2 -0.12 -0.98 16.40
N LYS A 3 -0.03 -2.08 15.67
CA LYS A 3 1.12 -2.96 15.67
C LYS A 3 1.45 -3.29 14.22
N ALA A 4 2.40 -2.58 13.65
CA ALA A 4 2.79 -2.75 12.25
C ALA A 4 4.01 -1.88 11.95
N HIS A 5 4.60 -2.05 10.78
CA HIS A 5 5.78 -1.28 10.41
C HIS A 5 6.12 -1.51 8.93
N PHE A 6 6.71 -0.50 8.31
CA PHE A 6 7.12 -0.60 6.91
C PHE A 6 8.53 -1.16 6.80
N GLU A 7 8.79 -1.83 5.68
CA GLU A 7 10.09 -2.40 5.39
C GLU A 7 10.42 -2.28 3.91
N VAL A 8 11.55 -1.65 3.62
CA VAL A 8 12.01 -1.46 2.25
C VAL A 8 13.03 -2.54 1.89
N PHE A 9 12.88 -3.13 0.71
CA PHE A 9 13.74 -4.23 0.29
C PHE A 9 13.96 -4.18 -1.23
N VAL A 10 14.70 -5.17 -1.74
CA VAL A 10 15.00 -5.24 -3.17
C VAL A 10 14.05 -6.17 -3.93
N ASP A 11 13.64 -5.74 -5.11
CA ASP A 11 12.75 -6.50 -5.97
C ASP A 11 13.54 -7.54 -6.75
N ALA A 12 12.85 -8.31 -7.56
CA ALA A 12 13.47 -9.33 -8.38
C ALA A 12 14.31 -8.71 -9.49
N ALA A 13 14.12 -7.42 -9.72
CA ALA A 13 14.84 -6.72 -10.76
C ALA A 13 15.79 -5.68 -10.16
N ASP A 14 16.22 -5.93 -8.92
CA ASP A 14 17.14 -5.04 -8.22
C ASP A 14 16.56 -3.65 -8.07
N LYS A 15 15.29 -3.60 -7.70
CA LYS A 15 14.60 -2.35 -7.47
C LYS A 15 14.52 -2.11 -5.98
N TYR A 16 13.95 -1.00 -5.57
CA TYR A 16 13.78 -0.69 -4.15
C TYR A 16 12.32 -0.55 -3.85
N ARG A 17 11.73 -1.56 -3.23
CA ARG A 17 10.29 -1.54 -2.95
C ARG A 17 10.05 -1.69 -1.46
N TRP A 18 8.78 -1.67 -1.06
CA TRP A 18 8.44 -1.81 0.34
C TRP A 18 7.06 -2.43 0.50
N ARG A 19 6.80 -2.90 1.72
CA ARG A 19 5.53 -3.52 2.06
C ARG A 19 5.22 -3.25 3.52
N LEU A 20 3.93 -3.17 3.83
CA LEU A 20 3.51 -2.98 5.21
C LEU A 20 3.16 -4.31 5.81
N VAL A 21 3.65 -4.56 7.00
CA VAL A 21 3.45 -5.82 7.67
C VAL A 21 2.98 -5.61 9.10
N HIS A 22 1.92 -6.31 9.49
CA HIS A 22 1.42 -6.22 10.85
C HIS A 22 2.35 -7.02 11.73
N ASP A 23 2.22 -6.88 13.03
CA ASP A 23 3.08 -7.60 13.96
C ASP A 23 2.91 -9.12 13.79
N ASN A 24 1.76 -9.54 13.25
CA ASN A 24 1.47 -10.95 13.05
C ASN A 24 2.34 -11.50 11.93
N GLY A 25 2.59 -10.63 10.95
CA GLY A 25 3.43 -11.00 9.81
C GLY A 25 2.66 -11.03 8.50
N ASN A 26 1.44 -10.51 8.51
CA ASN A 26 0.61 -10.46 7.31
C ASN A 26 0.80 -9.16 6.54
N ILE A 27 0.75 -9.28 5.21
CA ILE A 27 0.92 -8.12 4.33
C ILE A 27 -0.35 -7.27 4.33
N LEU A 28 -0.19 -6.00 4.60
CA LEU A 28 -1.31 -5.08 4.66
C LEU A 28 -1.33 -4.20 3.42
N ALA A 29 -0.15 -3.80 3.01
CA ALA A 29 0.01 -2.99 1.80
C ALA A 29 1.37 -3.20 1.18
N ASP A 30 1.50 -2.72 -0.05
CA ASP A 30 2.73 -2.81 -0.82
C ASP A 30 2.92 -1.50 -1.57
N SER A 31 4.15 -1.19 -1.92
CA SER A 31 4.48 0.03 -2.64
C SER A 31 3.72 0.16 -3.97
N GLY A 32 3.61 -0.94 -4.72
CA GLY A 32 2.89 -0.91 -6.00
C GLY A 32 3.77 -0.51 -7.17
N GLU A 33 4.63 0.49 -6.94
CA GLU A 33 5.54 0.99 -7.97
C GLU A 33 6.80 0.13 -8.02
N GLY A 34 7.80 0.63 -8.73
CA GLY A 34 9.10 -0.02 -8.76
C GLY A 34 10.14 0.85 -9.41
N TYR A 35 11.18 1.21 -8.64
CA TYR A 35 12.22 2.09 -9.13
C TYR A 35 13.58 1.62 -8.61
N ALA A 36 14.64 2.20 -9.15
CA ALA A 36 16.00 1.82 -8.80
C ALA A 36 16.60 2.72 -7.72
N SER A 37 15.78 3.56 -7.10
CA SER A 37 16.28 4.44 -6.04
C SER A 37 15.63 4.11 -4.70
N LYS A 38 16.48 3.99 -3.70
CA LYS A 38 16.03 3.69 -2.34
C LYS A 38 15.19 4.82 -1.79
N GLN A 39 15.55 6.05 -2.15
CA GLN A 39 14.84 7.22 -1.67
C GLN A 39 13.39 7.17 -2.14
N LYS A 40 13.19 6.85 -3.43
CA LYS A 40 11.85 6.81 -4.02
C LYS A 40 10.98 5.81 -3.28
N ALA A 41 11.56 4.68 -2.88
CA ALA A 41 10.81 3.69 -2.12
C ALA A 41 10.26 4.32 -0.85
N LYS A 42 11.16 4.95 -0.11
CA LYS A 42 10.81 5.60 1.13
C LYS A 42 9.86 6.77 0.91
N GLN A 43 10.03 7.48 -0.20
CA GLN A 43 9.13 8.59 -0.54
C GLN A 43 7.73 8.05 -0.83
N GLY A 44 7.66 6.79 -1.27
CA GLY A 44 6.38 6.18 -1.53
C GLY A 44 5.61 6.02 -0.25
N ILE A 45 6.32 5.59 0.78
CA ILE A 45 5.73 5.44 2.10
C ILE A 45 5.27 6.79 2.63
N GLU A 46 6.06 7.82 2.40
CA GLU A 46 5.69 9.16 2.84
C GLU A 46 4.43 9.60 2.12
N SER A 47 4.39 9.32 0.83
CA SER A 47 3.26 9.68 0.00
C SER A 47 2.01 8.94 0.46
N VAL A 48 2.16 7.70 0.92
CA VAL A 48 1.01 6.93 1.33
C VAL A 48 0.48 7.42 2.68
N LYS A 49 1.38 7.71 3.62
CA LYS A 49 0.97 8.17 4.94
C LYS A 49 0.33 9.54 4.90
N ARG A 50 0.50 10.23 3.77
CA ARG A 50 -0.01 11.57 3.61
C ARG A 50 -1.27 11.59 2.73
N ASN A 51 -1.66 10.40 2.24
CA ASN A 51 -2.81 10.28 1.34
C ASN A 51 -3.73 9.15 1.76
N ALA A 52 -3.15 8.05 2.19
CA ALA A 52 -3.90 6.86 2.59
C ALA A 52 -4.93 7.16 3.68
N PRO A 53 -4.56 7.82 4.79
CA PRO A 53 -5.50 8.09 5.88
C PRO A 53 -6.63 9.05 5.49
N ASP A 54 -6.52 9.66 4.31
CA ASP A 54 -7.52 10.63 3.83
C ASP A 54 -8.25 10.10 2.61
N ALA A 55 -7.55 9.29 1.83
CA ALA A 55 -8.07 8.77 0.57
C ALA A 55 -9.28 7.89 0.75
N ASP A 56 -10.24 8.10 -0.15
CA ASP A 56 -11.48 7.35 -0.18
C ASP A 56 -11.39 6.22 -1.19
N VAL A 57 -11.97 5.09 -0.84
CA VAL A 57 -11.95 3.92 -1.70
C VAL A 57 -13.13 3.87 -2.66
N ILE A 58 -12.82 3.54 -3.91
CA ILE A 58 -13.83 3.39 -4.94
C ILE A 58 -13.84 1.95 -5.40
N GLU A 59 -15.04 1.43 -5.63
CA GLU A 59 -15.20 0.08 -6.13
C GLU A 59 -15.15 0.10 -7.66
N ALA A 60 -14.03 -0.32 -8.22
CA ALA A 60 -13.86 -0.31 -9.66
C ALA A 60 -14.62 -1.47 -10.31
N MET B 1 -6.83 16.91 3.18
CA MET B 1 -5.39 17.24 3.28
C MET B 1 -4.64 16.77 2.04
N ASN B 2 -5.23 15.86 1.29
CA ASN B 2 -4.54 15.26 0.16
C ASN B 2 -5.36 15.31 -1.11
N LYS B 3 -4.79 14.69 -2.14
CA LYS B 3 -5.45 14.49 -3.40
C LYS B 3 -5.08 13.09 -3.87
N ALA B 4 -5.95 12.14 -3.59
CA ALA B 4 -5.73 10.75 -3.90
C ALA B 4 -6.98 9.95 -3.59
N HIS B 5 -6.98 8.68 -3.92
CA HIS B 5 -8.13 7.83 -3.66
C HIS B 5 -7.78 6.36 -3.90
N PHE B 6 -8.41 5.48 -3.14
CA PHE B 6 -8.23 4.05 -3.28
C PHE B 6 -9.15 3.48 -4.36
N GLU B 7 -8.73 2.38 -4.98
CA GLU B 7 -9.51 1.73 -6.03
C GLU B 7 -9.40 0.22 -5.91
N VAL B 8 -10.54 -0.42 -5.65
CA VAL B 8 -10.59 -1.87 -5.54
C VAL B 8 -11.00 -2.46 -6.88
N PHE B 9 -10.25 -3.46 -7.35
CA PHE B 9 -10.52 -4.05 -8.65
C PHE B 9 -10.29 -5.56 -8.59
N VAL B 10 -10.53 -6.23 -9.71
CA VAL B 10 -10.37 -7.67 -9.81
C VAL B 10 -9.05 -8.05 -10.49
N ASP B 11 -8.38 -9.05 -9.92
CA ASP B 11 -7.13 -9.55 -10.46
C ASP B 11 -7.43 -10.56 -11.57
N ALA B 12 -6.38 -11.09 -12.17
CA ALA B 12 -6.54 -12.06 -13.25
C ALA B 12 -7.11 -13.37 -12.72
N ALA B 13 -7.01 -13.57 -11.42
CA ALA B 13 -7.47 -14.78 -10.79
C ALA B 13 -8.77 -14.54 -10.04
N ASP B 14 -9.47 -13.48 -10.44
CA ASP B 14 -10.76 -13.12 -9.86
C ASP B 14 -10.63 -12.75 -8.40
N LYS B 15 -9.52 -12.10 -8.07
CA LYS B 15 -9.27 -11.69 -6.70
C LYS B 15 -9.62 -10.23 -6.58
N TYR B 16 -9.88 -9.80 -5.37
CA TYR B 16 -10.18 -8.42 -5.11
C TYR B 16 -8.99 -7.76 -4.48
N ARG B 17 -8.38 -6.84 -5.20
CA ARG B 17 -7.22 -6.13 -4.70
C ARG B 17 -7.47 -4.65 -4.85
N TRP B 18 -6.54 -3.83 -4.39
CA TRP B 18 -6.70 -2.40 -4.48
C TRP B 18 -5.36 -1.70 -4.63
N ARG B 19 -5.42 -0.46 -5.09
CA ARG B 19 -4.24 0.37 -5.27
C ARG B 19 -4.58 1.81 -4.99
N LEU B 20 -3.64 2.52 -4.39
CA LEU B 20 -3.83 3.92 -4.11
C LEU B 20 -3.26 4.74 -5.24
N VAL B 21 -4.00 5.73 -5.69
CA VAL B 21 -3.60 6.54 -6.83
C VAL B 21 -3.72 8.01 -6.50
N HIS B 22 -2.69 8.78 -6.83
CA HIS B 22 -2.69 10.23 -6.61
C HIS B 22 -3.47 10.89 -7.73
N ASP B 23 -3.71 12.18 -7.58
CA ASP B 23 -4.39 12.95 -8.62
C ASP B 23 -3.66 12.86 -9.96
N ASN B 24 -2.32 12.73 -9.88
CA ASN B 24 -1.48 12.66 -11.08
C ASN B 24 -1.76 11.38 -11.84
N GLY B 25 -2.08 10.34 -11.08
CA GLY B 25 -2.42 9.05 -11.67
C GLY B 25 -1.36 8.00 -11.39
N ASN B 26 -0.44 8.32 -10.50
CA ASN B 26 0.63 7.40 -10.13
C ASN B 26 0.22 6.49 -8.98
N ILE B 27 0.71 5.26 -9.03
CA ILE B 27 0.45 4.29 -7.97
C ILE B 27 1.27 4.65 -6.74
N LEU B 28 0.62 4.69 -5.60
CA LEU B 28 1.29 5.04 -4.36
C LEU B 28 1.44 3.81 -3.48
N ALA B 29 0.38 3.02 -3.46
CA ALA B 29 0.38 1.77 -2.71
C ALA B 29 -0.56 0.75 -3.31
N ASP B 30 -0.41 -0.48 -2.87
CA ASP B 30 -1.22 -1.60 -3.33
C ASP B 30 -1.58 -2.48 -2.13
N SER B 31 -2.68 -3.20 -2.24
CA SER B 31 -3.14 -4.11 -1.18
C SER B 31 -2.07 -5.11 -0.76
N GLY B 32 -1.33 -5.64 -1.73
CA GLY B 32 -0.35 -6.67 -1.44
C GLY B 32 -1.01 -8.02 -1.27
N GLU B 33 -2.28 -7.99 -0.86
CA GLU B 33 -3.07 -9.19 -0.67
C GLU B 33 -3.75 -9.63 -1.95
N GLY B 34 -4.57 -10.68 -1.83
CA GLY B 34 -5.32 -11.20 -2.95
C GLY B 34 -6.33 -12.22 -2.46
N TYR B 35 -7.58 -11.81 -2.36
CA TYR B 35 -8.63 -12.66 -1.84
C TYR B 35 -9.82 -12.67 -2.78
N ALA B 36 -10.77 -13.57 -2.54
CA ALA B 36 -11.92 -13.72 -3.41
C ALA B 36 -13.12 -12.93 -2.91
N SER B 37 -12.92 -12.09 -1.90
CA SER B 37 -14.01 -11.29 -1.36
C SER B 37 -13.71 -9.80 -1.46
N LYS B 38 -14.68 -9.08 -1.97
CA LYS B 38 -14.57 -7.64 -2.16
C LYS B 38 -14.49 -6.95 -0.81
N GLN B 39 -15.18 -7.51 0.17
CA GLN B 39 -15.17 -6.97 1.52
C GLN B 39 -13.74 -6.94 2.07
N LYS B 40 -13.03 -8.05 1.89
CA LYS B 40 -11.67 -8.17 2.41
C LYS B 40 -10.77 -7.11 1.81
N ALA B 41 -10.94 -6.85 0.52
CA ALA B 41 -10.17 -5.81 -0.15
C ALA B 41 -10.39 -4.47 0.54
N LYS B 42 -11.66 -4.11 0.71
CA LYS B 42 -12.02 -2.86 1.33
C LYS B 42 -11.57 -2.81 2.79
N GLN B 43 -11.63 -3.93 3.48
CA GLN B 43 -11.18 -3.99 4.86
C GLN B 43 -9.67 -3.76 4.92
N GLY B 44 -8.95 -4.18 3.87
CA GLY B 44 -7.51 -4.01 3.84
C GLY B 44 -7.13 -2.56 3.82
N ILE B 45 -7.91 -1.79 3.08
CA ILE B 45 -7.73 -0.35 2.99
C ILE B 45 -7.87 0.29 4.35
N GLU B 46 -8.98 0.01 5.00
CA GLU B 46 -9.22 0.58 6.31
C GLU B 46 -8.17 0.09 7.31
N SER B 47 -7.72 -1.14 7.12
CA SER B 47 -6.67 -1.70 7.97
C SER B 47 -5.35 -0.96 7.76
N VAL B 48 -5.05 -0.58 6.52
CA VAL B 48 -3.79 0.09 6.26
C VAL B 48 -3.86 1.50 6.80
N LYS B 49 -5.03 2.12 6.70
CA LYS B 49 -5.24 3.47 7.19
C LYS B 49 -5.13 3.54 8.71
N ARG B 50 -5.12 2.38 9.33
CA ARG B 50 -5.04 2.28 10.78
C ARG B 50 -3.64 1.84 11.21
N ASN B 51 -2.77 1.60 10.25
CA ASN B 51 -1.41 1.14 10.54
C ASN B 51 -0.36 1.94 9.80
N ALA B 52 -0.68 2.30 8.57
CA ALA B 52 0.23 3.07 7.72
C ALA B 52 0.66 4.39 8.36
N PRO B 53 -0.28 5.24 8.85
CA PRO B 53 0.10 6.54 9.42
C PRO B 53 0.91 6.41 10.72
N ASP B 54 0.94 5.22 11.29
CA ASP B 54 1.67 5.00 12.55
C ASP B 54 2.94 4.20 12.32
N ALA B 55 2.90 3.37 11.30
CA ALA B 55 4.01 2.48 10.98
C ALA B 55 5.28 3.23 10.59
N ASP B 56 6.38 2.72 11.10
CA ASP B 56 7.69 3.28 10.84
C ASP B 56 8.42 2.53 9.74
N VAL B 57 9.25 3.25 9.01
CA VAL B 57 10.01 2.69 7.89
C VAL B 57 11.32 2.06 8.35
N ILE B 58 11.56 0.84 7.88
CA ILE B 58 12.82 0.17 8.17
C ILE B 58 13.48 -0.22 6.85
N GLU B 59 14.78 -0.04 6.78
CA GLU B 59 15.55 -0.42 5.61
C GLU B 59 16.03 -1.85 5.79
N ALA B 60 15.36 -2.79 5.14
CA ALA B 60 15.66 -4.19 5.26
C ALA B 60 16.89 -4.58 4.44
N MET A 1 -1.32 2.63 19.78
CA MET A 1 -2.15 2.91 18.59
C MET A 1 -2.27 1.69 17.68
N ASN A 2 -1.18 1.31 17.05
CA ASN A 2 -1.21 0.22 16.08
C ASN A 2 -0.06 -0.76 16.28
N LYS A 3 -0.11 -1.80 15.48
CA LYS A 3 0.96 -2.77 15.40
C LYS A 3 1.23 -3.05 13.94
N ALA A 4 2.23 -2.37 13.43
CA ALA A 4 2.61 -2.48 12.03
C ALA A 4 3.86 -1.67 11.79
N HIS A 5 4.47 -1.88 10.65
CA HIS A 5 5.69 -1.18 10.30
C HIS A 5 6.03 -1.41 8.83
N PHE A 6 6.62 -0.42 8.21
CA PHE A 6 7.02 -0.48 6.81
C PHE A 6 8.39 -1.13 6.67
N GLU A 7 8.59 -1.83 5.58
CA GLU A 7 9.86 -2.51 5.32
C GLU A 7 10.25 -2.36 3.84
N VAL A 8 11.36 -1.70 3.60
CA VAL A 8 11.87 -1.49 2.25
C VAL A 8 12.88 -2.57 1.89
N PHE A 9 12.75 -3.14 0.69
CA PHE A 9 13.62 -4.23 0.27
C PHE A 9 13.87 -4.15 -1.23
N VAL A 10 14.65 -5.11 -1.74
CA VAL A 10 14.97 -5.18 -3.16
C VAL A 10 14.12 -6.23 -3.87
N ASP A 11 13.60 -5.86 -5.03
CA ASP A 11 12.76 -6.74 -5.82
C ASP A 11 13.63 -7.68 -6.63
N ALA A 12 12.99 -8.56 -7.38
CA ALA A 12 13.70 -9.54 -8.19
C ALA A 12 14.45 -8.89 -9.35
N ALA A 13 14.20 -7.60 -9.57
CA ALA A 13 14.81 -6.87 -10.67
C ALA A 13 15.72 -5.75 -10.16
N ASP A 14 16.16 -5.88 -8.90
CA ASP A 14 17.09 -4.93 -8.26
C ASP A 14 16.41 -3.62 -7.93
N LYS A 15 15.15 -3.71 -7.61
CA LYS A 15 14.36 -2.53 -7.39
C LYS A 15 14.03 -2.36 -5.94
N TYR A 16 13.87 -1.13 -5.56
CA TYR A 16 13.56 -0.80 -4.19
C TYR A 16 12.07 -0.65 -4.02
N ARG A 17 11.50 -1.52 -3.22
CA ARG A 17 10.07 -1.50 -2.97
C ARG A 17 9.85 -1.63 -1.48
N TRP A 18 8.60 -1.59 -1.06
CA TRP A 18 8.27 -1.74 0.33
C TRP A 18 6.91 -2.35 0.51
N ARG A 19 6.69 -2.89 1.70
CA ARG A 19 5.43 -3.50 2.05
C ARG A 19 5.13 -3.26 3.52
N LEU A 20 3.87 -3.03 3.82
CA LEU A 20 3.46 -2.81 5.19
C LEU A 20 3.06 -4.14 5.80
N VAL A 21 3.56 -4.42 6.99
CA VAL A 21 3.31 -5.69 7.65
C VAL A 21 2.79 -5.46 9.06
N HIS A 22 1.73 -6.17 9.42
CA HIS A 22 1.16 -6.08 10.76
C HIS A 22 1.98 -6.96 11.69
N ASP A 23 1.69 -6.88 12.98
CA ASP A 23 2.38 -7.72 13.97
C ASP A 23 2.19 -9.21 13.66
N ASN A 24 1.03 -9.53 13.08
CA ASN A 24 0.69 -10.91 12.71
C ASN A 24 1.66 -11.41 11.66
N GLY A 25 2.07 -10.49 10.80
CA GLY A 25 3.00 -10.82 9.73
C GLY A 25 2.34 -10.81 8.36
N ASN A 26 1.12 -10.31 8.31
CA ASN A 26 0.37 -10.22 7.07
C ASN A 26 0.65 -8.93 6.34
N ILE A 27 0.70 -9.00 5.02
CA ILE A 27 0.94 -7.85 4.18
C ILE A 27 -0.31 -6.99 4.13
N LEU A 28 -0.18 -5.74 4.50
CA LEU A 28 -1.29 -4.82 4.55
C LEU A 28 -1.31 -3.96 3.29
N ALA A 29 -0.11 -3.54 2.90
CA ALA A 29 0.06 -2.74 1.68
C ALA A 29 1.42 -2.96 1.06
N ASP A 30 1.57 -2.46 -0.16
CA ASP A 30 2.79 -2.58 -0.94
C ASP A 30 3.02 -1.29 -1.72
N SER A 31 4.27 -1.00 -2.06
CA SER A 31 4.61 0.25 -2.79
C SER A 31 3.85 0.35 -4.11
N GLY A 32 3.63 -0.79 -4.74
CA GLY A 32 2.95 -0.82 -6.02
C GLY A 32 3.91 -0.61 -7.17
N GLU A 33 4.79 0.37 -6.99
CA GLU A 33 5.78 0.70 -8.00
C GLU A 33 7.10 -0.01 -7.74
N GLY A 34 8.04 0.20 -8.64
CA GLY A 34 9.37 -0.36 -8.52
C GLY A 34 10.38 0.54 -9.21
N TYR A 35 11.43 0.91 -8.48
CA TYR A 35 12.44 1.83 -9.02
C TYR A 35 13.83 1.41 -8.53
N ALA A 36 14.85 2.03 -9.12
CA ALA A 36 16.22 1.71 -8.80
C ALA A 36 16.78 2.58 -7.68
N SER A 37 15.93 3.33 -7.00
CA SER A 37 16.38 4.19 -5.91
C SER A 37 15.64 3.90 -4.62
N LYS A 38 16.41 3.72 -3.56
CA LYS A 38 15.86 3.45 -2.25
C LYS A 38 15.08 4.64 -1.75
N GLN A 39 15.55 5.83 -2.11
CA GLN A 39 14.90 7.05 -1.71
C GLN A 39 13.46 7.07 -2.21
N LYS A 40 13.26 6.73 -3.49
CA LYS A 40 11.92 6.72 -4.08
C LYS A 40 11.01 5.76 -3.32
N ALA A 41 11.56 4.63 -2.90
CA ALA A 41 10.78 3.68 -2.11
C ALA A 41 10.32 4.33 -0.81
N LYS A 42 11.28 4.90 -0.09
CA LYS A 42 10.99 5.53 1.19
C LYS A 42 10.10 6.76 1.03
N GLN A 43 10.28 7.50 -0.05
CA GLN A 43 9.43 8.66 -0.31
C GLN A 43 8.00 8.20 -0.55
N GLY A 44 7.85 6.99 -1.11
CA GLY A 44 6.53 6.46 -1.41
C GLY A 44 5.75 6.20 -0.14
N ILE A 45 6.47 5.72 0.86
CA ILE A 45 5.89 5.45 2.16
C ILE A 45 5.35 6.73 2.77
N GLU A 46 6.19 7.74 2.83
CA GLU A 46 5.79 9.02 3.39
C GLU A 46 4.66 9.64 2.57
N SER A 47 4.68 9.39 1.27
CA SER A 47 3.64 9.87 0.39
C SER A 47 2.32 9.18 0.69
N VAL A 48 2.37 7.88 0.99
CA VAL A 48 1.14 7.14 1.24
C VAL A 48 0.56 7.54 2.59
N LYS A 49 1.42 7.86 3.53
CA LYS A 49 1.01 8.26 4.87
C LYS A 49 0.35 9.62 4.84
N ARG A 50 0.53 10.30 3.72
CA ARG A 50 -0.02 11.62 3.50
C ARG A 50 -1.27 11.57 2.64
N ASN A 51 -1.64 10.38 2.20
CA ASN A 51 -2.78 10.23 1.30
C ASN A 51 -3.71 9.10 1.72
N ALA A 52 -3.12 8.00 2.15
CA ALA A 52 -3.86 6.81 2.54
C ALA A 52 -4.87 7.08 3.65
N PRO A 53 -4.47 7.69 4.79
CA PRO A 53 -5.41 7.90 5.89
C PRO A 53 -6.55 8.84 5.55
N ASP A 54 -6.45 9.54 4.43
CA ASP A 54 -7.47 10.50 4.03
C ASP A 54 -8.25 10.00 2.83
N ALA A 55 -7.56 9.22 2.01
CA ALA A 55 -8.11 8.69 0.77
C ALA A 55 -9.32 7.80 0.97
N ASP A 56 -10.30 8.01 0.13
CA ASP A 56 -11.52 7.23 0.12
C ASP A 56 -11.48 6.17 -0.96
N VAL A 57 -12.04 5.02 -0.67
CA VAL A 57 -12.03 3.90 -1.60
C VAL A 57 -13.22 3.91 -2.56
N ILE A 58 -12.91 3.62 -3.82
CA ILE A 58 -13.92 3.53 -4.87
C ILE A 58 -13.88 2.13 -5.46
N GLU A 59 -15.03 1.62 -5.83
CA GLU A 59 -15.11 0.31 -6.45
C GLU A 59 -14.94 0.46 -7.95
N ALA A 60 -13.78 0.10 -8.46
CA ALA A 60 -13.47 0.24 -9.87
C ALA A 60 -13.99 -0.97 -10.67
N MET B 1 -6.02 17.54 2.91
CA MET B 1 -4.82 18.26 2.40
C MET B 1 -4.12 17.48 1.30
N ASN B 2 -4.70 16.35 0.93
CA ASN B 2 -4.07 15.47 -0.06
C ASN B 2 -4.86 15.43 -1.35
N LYS B 3 -4.33 14.67 -2.29
CA LYS B 3 -4.97 14.38 -3.55
C LYS B 3 -4.75 12.91 -3.87
N ALA B 4 -5.74 12.09 -3.54
CA ALA B 4 -5.64 10.66 -3.76
C ALA B 4 -6.95 9.98 -3.41
N HIS B 5 -7.04 8.70 -3.75
CA HIS B 5 -8.21 7.90 -3.44
C HIS B 5 -7.91 6.44 -3.74
N PHE B 6 -8.53 5.54 -2.98
CA PHE B 6 -8.34 4.11 -3.17
C PHE B 6 -9.27 3.59 -4.24
N GLU B 7 -8.87 2.50 -4.90
CA GLU B 7 -9.66 1.89 -5.94
C GLU B 7 -9.55 0.38 -5.87
N VAL B 8 -10.69 -0.30 -5.68
CA VAL B 8 -10.74 -1.75 -5.62
C VAL B 8 -11.10 -2.32 -6.97
N PHE B 9 -10.40 -3.36 -7.41
CA PHE B 9 -10.65 -3.96 -8.71
C PHE B 9 -10.39 -5.46 -8.66
N VAL B 10 -10.61 -6.12 -9.80
CA VAL B 10 -10.38 -7.56 -9.93
C VAL B 10 -9.03 -7.87 -10.56
N ASP B 11 -8.33 -8.83 -9.98
CA ASP B 11 -7.02 -9.24 -10.47
C ASP B 11 -7.19 -10.20 -11.64
N ALA B 12 -6.07 -10.62 -12.21
CA ALA B 12 -6.07 -11.55 -13.31
C ALA B 12 -6.53 -12.93 -12.85
N ALA B 13 -6.58 -13.13 -11.54
CA ALA B 13 -6.98 -14.41 -10.97
C ALA B 13 -8.34 -14.33 -10.28
N ASP B 14 -9.10 -13.29 -10.63
CA ASP B 14 -10.46 -13.06 -10.11
C ASP B 14 -10.43 -12.69 -8.65
N LYS B 15 -9.46 -11.91 -8.29
CA LYS B 15 -9.27 -11.53 -6.92
C LYS B 15 -9.62 -10.09 -6.71
N TYR B 16 -9.96 -9.77 -5.51
CA TYR B 16 -10.38 -8.41 -5.18
C TYR B 16 -9.24 -7.66 -4.57
N ARG B 17 -8.60 -6.80 -5.34
CA ARG B 17 -7.45 -6.07 -4.85
C ARG B 17 -7.68 -4.58 -4.95
N TRP B 18 -6.73 -3.79 -4.48
CA TRP B 18 -6.86 -2.34 -4.53
C TRP B 18 -5.51 -1.67 -4.65
N ARG B 19 -5.53 -0.42 -5.09
CA ARG B 19 -4.34 0.38 -5.26
C ARG B 19 -4.66 1.84 -4.97
N LEU B 20 -3.71 2.55 -4.41
CA LEU B 20 -3.89 3.96 -4.12
C LEU B 20 -3.33 4.78 -5.28
N VAL B 21 -4.09 5.78 -5.71
CA VAL B 21 -3.71 6.58 -6.86
C VAL B 21 -3.80 8.06 -6.53
N HIS B 22 -2.76 8.81 -6.89
CA HIS B 22 -2.73 10.25 -6.68
C HIS B 22 -3.50 10.94 -7.80
N ASP B 23 -3.68 12.25 -7.68
CA ASP B 23 -4.36 13.05 -8.71
C ASP B 23 -3.73 12.87 -10.09
N ASN B 24 -2.41 12.66 -10.12
CA ASN B 24 -1.66 12.53 -11.37
C ASN B 24 -2.00 11.21 -12.05
N GLY B 25 -2.23 10.20 -11.24
CA GLY B 25 -2.56 8.88 -11.74
C GLY B 25 -1.47 7.86 -11.45
N ASN B 26 -0.55 8.23 -10.58
CA ASN B 26 0.54 7.33 -10.18
C ASN B 26 0.15 6.45 -9.00
N ILE B 27 0.63 5.22 -9.03
CA ILE B 27 0.36 4.26 -7.96
C ILE B 27 1.22 4.59 -6.75
N LEU B 28 0.57 4.83 -5.64
CA LEU B 28 1.24 5.18 -4.40
C LEU B 28 1.41 3.95 -3.54
N ALA B 29 0.37 3.13 -3.54
CA ALA B 29 0.39 1.89 -2.79
C ALA B 29 -0.54 0.86 -3.40
N ASP B 30 -0.35 -0.38 -3.00
CA ASP B 30 -1.14 -1.52 -3.45
C ASP B 30 -1.47 -2.41 -2.27
N SER B 31 -2.54 -3.19 -2.39
CA SER B 31 -3.00 -4.08 -1.34
C SER B 31 -1.92 -5.09 -0.91
N GLY B 32 -1.26 -5.72 -1.88
CA GLY B 32 -0.20 -6.68 -1.56
C GLY B 32 -0.71 -8.10 -1.45
N GLU B 33 -1.87 -8.26 -0.83
CA GLU B 33 -2.51 -9.57 -0.67
C GLU B 33 -3.33 -9.91 -1.91
N GLY B 34 -4.13 -10.97 -1.79
CA GLY B 34 -5.06 -11.35 -2.84
C GLY B 34 -6.02 -12.42 -2.37
N TYR B 35 -7.32 -12.14 -2.50
CA TYR B 35 -8.36 -13.05 -2.05
C TYR B 35 -9.56 -12.94 -2.96
N ALA B 36 -10.51 -13.84 -2.80
CA ALA B 36 -11.70 -13.88 -3.64
C ALA B 36 -12.88 -13.16 -2.98
N SER B 37 -12.63 -12.46 -1.88
CA SER B 37 -13.70 -11.72 -1.21
C SER B 37 -13.48 -10.21 -1.33
N LYS B 38 -14.52 -9.52 -1.76
CA LYS B 38 -14.49 -8.08 -1.92
C LYS B 38 -14.32 -7.38 -0.58
N GLN B 39 -14.95 -7.95 0.43
CA GLN B 39 -14.90 -7.40 1.76
C GLN B 39 -13.45 -7.33 2.25
N LYS B 40 -12.71 -8.43 2.07
CA LYS B 40 -11.33 -8.50 2.54
C LYS B 40 -10.48 -7.42 1.89
N ALA B 41 -10.73 -7.16 0.60
CA ALA B 41 -10.01 -6.11 -0.09
C ALA B 41 -10.22 -4.77 0.61
N LYS B 42 -11.49 -4.44 0.81
CA LYS B 42 -11.87 -3.19 1.44
C LYS B 42 -11.39 -3.13 2.89
N GLN B 43 -11.36 -4.27 3.55
CA GLN B 43 -10.85 -4.34 4.92
C GLN B 43 -9.36 -4.02 4.92
N GLY B 44 -8.67 -4.37 3.84
CA GLY B 44 -7.24 -4.12 3.76
C GLY B 44 -6.95 -2.64 3.75
N ILE B 45 -7.78 -1.91 3.02
CA ILE B 45 -7.67 -0.46 2.94
C ILE B 45 -7.84 0.17 4.31
N GLU B 46 -8.91 -0.19 4.98
CA GLU B 46 -9.20 0.36 6.29
C GLU B 46 -8.12 -0.02 7.29
N SER B 47 -7.60 -1.23 7.16
CA SER B 47 -6.55 -1.69 8.03
C SER B 47 -5.26 -0.89 7.79
N VAL B 48 -5.01 -0.52 6.54
CA VAL B 48 -3.78 0.20 6.23
C VAL B 48 -3.88 1.63 6.77
N LYS B 49 -5.05 2.23 6.64
CA LYS B 49 -5.29 3.60 7.10
C LYS B 49 -5.16 3.72 8.61
N ARG B 50 -5.24 2.59 9.28
CA ARG B 50 -5.18 2.54 10.73
C ARG B 50 -3.80 2.13 11.21
N ASN B 51 -2.89 1.86 10.28
CA ASN B 51 -1.54 1.40 10.62
C ASN B 51 -0.46 2.15 9.86
N ALA B 52 -0.72 2.41 8.60
CA ALA B 52 0.22 3.10 7.71
C ALA B 52 0.64 4.47 8.24
N PRO B 53 -0.32 5.35 8.63
CA PRO B 53 0.04 6.70 9.09
C PRO B 53 0.83 6.71 10.40
N ASP B 54 0.99 5.55 11.02
CA ASP B 54 1.73 5.44 12.28
C ASP B 54 2.89 4.45 12.18
N ALA B 55 2.90 3.69 11.10
CA ALA B 55 3.93 2.66 10.90
C ALA B 55 5.29 3.27 10.58
N ASP B 56 6.31 2.72 11.19
CA ASP B 56 7.68 3.15 10.96
C ASP B 56 8.33 2.32 9.87
N VAL B 57 9.10 2.96 9.03
CA VAL B 57 9.77 2.30 7.93
C VAL B 57 11.16 1.82 8.30
N ILE B 58 11.41 0.56 8.00
CA ILE B 58 12.70 -0.06 8.24
C ILE B 58 13.32 -0.44 6.91
N GLU B 59 14.61 -0.23 6.79
CA GLU B 59 15.34 -0.60 5.59
C GLU B 59 15.82 -2.04 5.73
N ALA B 60 15.13 -2.95 5.07
CA ALA B 60 15.44 -4.38 5.16
C ALA B 60 16.60 -4.75 4.24
N MET A 1 -0.97 2.33 19.38
CA MET A 1 -2.35 2.02 18.93
C MET A 1 -2.37 0.76 18.08
N ASN A 2 -1.55 0.76 17.04
CA ASN A 2 -1.53 -0.34 16.09
C ASN A 2 -0.35 -1.26 16.30
N LYS A 3 -0.26 -2.24 15.41
CA LYS A 3 0.86 -3.17 15.33
C LYS A 3 1.19 -3.40 13.87
N ALA A 4 2.20 -2.69 13.40
CA ALA A 4 2.62 -2.78 12.01
C ALA A 4 3.87 -1.97 11.79
N HIS A 5 4.51 -2.16 10.65
CA HIS A 5 5.72 -1.43 10.32
C HIS A 5 6.07 -1.63 8.85
N PHE A 6 6.65 -0.61 8.25
CA PHE A 6 7.05 -0.64 6.84
C PHE A 6 8.44 -1.23 6.67
N GLU A 7 8.66 -1.90 5.56
CA GLU A 7 9.96 -2.49 5.25
C GLU A 7 10.27 -2.37 3.77
N VAL A 8 11.37 -1.70 3.45
CA VAL A 8 11.80 -1.50 2.09
C VAL A 8 12.83 -2.55 1.71
N PHE A 9 12.64 -3.19 0.57
CA PHE A 9 13.53 -4.26 0.13
C PHE A 9 13.80 -4.16 -1.36
N VAL A 10 14.62 -5.07 -1.87
CA VAL A 10 14.98 -5.09 -3.29
C VAL A 10 14.23 -6.17 -4.06
N ASP A 11 13.75 -5.80 -5.24
CA ASP A 11 13.00 -6.71 -6.10
C ASP A 11 13.95 -7.56 -6.93
N ALA A 12 13.40 -8.36 -7.83
CA ALA A 12 14.19 -9.25 -8.66
C ALA A 12 15.05 -8.51 -9.69
N ALA A 13 14.81 -7.21 -9.85
CA ALA A 13 15.55 -6.42 -10.82
C ALA A 13 16.24 -5.21 -10.18
N ASP A 14 16.68 -5.40 -8.93
CA ASP A 14 17.36 -4.35 -8.16
C ASP A 14 16.47 -3.14 -7.97
N LYS A 15 15.18 -3.39 -7.81
CA LYS A 15 14.24 -2.31 -7.60
C LYS A 15 13.98 -2.16 -6.13
N TYR A 16 13.61 -0.97 -5.73
CA TYR A 16 13.33 -0.68 -4.34
C TYR A 16 11.84 -0.60 -4.12
N ARG A 17 11.32 -1.53 -3.35
CA ARG A 17 9.90 -1.58 -3.06
C ARG A 17 9.71 -1.74 -1.57
N TRP A 18 8.47 -1.71 -1.13
CA TRP A 18 8.18 -1.85 0.29
C TRP A 18 6.83 -2.47 0.51
N ARG A 19 6.62 -2.96 1.74
CA ARG A 19 5.38 -3.61 2.12
C ARG A 19 5.10 -3.35 3.59
N LEU A 20 3.83 -3.21 3.93
CA LEU A 20 3.43 -3.01 5.31
C LEU A 20 3.00 -4.34 5.88
N VAL A 21 3.45 -4.64 7.09
CA VAL A 21 3.17 -5.92 7.70
C VAL A 21 2.58 -5.74 9.10
N HIS A 22 1.50 -6.46 9.38
CA HIS A 22 0.84 -6.39 10.69
C HIS A 22 1.51 -7.33 11.68
N ASP A 23 1.02 -7.30 12.92
CA ASP A 23 1.47 -8.18 13.99
C ASP A 23 1.43 -9.65 13.55
N ASN A 24 0.34 -10.00 12.89
CA ASN A 24 0.10 -11.38 12.42
C ASN A 24 1.15 -11.78 11.40
N GLY A 25 1.59 -10.80 10.63
CA GLY A 25 2.60 -11.03 9.61
C GLY A 25 2.04 -10.97 8.21
N ASN A 26 0.82 -10.48 8.10
CA ASN A 26 0.15 -10.35 6.81
C ASN A 26 0.51 -9.04 6.14
N ILE A 27 0.61 -9.08 4.83
CA ILE A 27 0.90 -7.89 4.04
C ILE A 27 -0.35 -7.04 3.98
N LEU A 28 -0.24 -5.82 4.47
CA LEU A 28 -1.35 -4.89 4.51
C LEU A 28 -1.35 -4.02 3.27
N ALA A 29 -0.15 -3.57 2.93
CA ALA A 29 0.03 -2.75 1.74
C ALA A 29 1.40 -2.97 1.12
N ASP A 30 1.55 -2.49 -0.10
CA ASP A 30 2.78 -2.58 -0.87
C ASP A 30 2.97 -1.30 -1.66
N SER A 31 4.21 -0.97 -2.01
CA SER A 31 4.52 0.20 -2.82
C SER A 31 3.71 0.23 -4.12
N GLY A 32 3.40 -0.95 -4.65
CA GLY A 32 2.65 -1.05 -5.88
C GLY A 32 3.55 -1.01 -7.09
N GLU A 33 4.54 -0.14 -7.02
CA GLU A 33 5.48 0.07 -8.11
C GLU A 33 6.90 -0.33 -7.72
N GLY A 34 7.77 -0.29 -8.71
CA GLY A 34 9.18 -0.59 -8.49
C GLY A 34 10.02 0.58 -8.93
N TYR A 35 10.98 0.98 -8.09
CA TYR A 35 11.79 2.14 -8.39
C TYR A 35 13.26 1.75 -8.41
N ALA A 36 14.09 2.65 -8.92
CA ALA A 36 15.53 2.39 -9.01
C ALA A 36 16.29 3.12 -7.92
N SER A 37 15.57 3.68 -6.97
CA SER A 37 16.21 4.41 -5.87
C SER A 37 15.50 4.08 -4.56
N LYS A 38 16.27 3.80 -3.53
CA LYS A 38 15.72 3.46 -2.24
C LYS A 38 14.95 4.63 -1.66
N GLN A 39 15.47 5.82 -1.88
CA GLN A 39 14.85 7.03 -1.40
C GLN A 39 13.45 7.15 -1.97
N LYS A 40 13.31 6.85 -3.27
CA LYS A 40 12.02 6.94 -3.94
C LYS A 40 11.03 6.00 -3.29
N ALA A 41 11.48 4.80 -2.95
CA ALA A 41 10.63 3.83 -2.28
C ALA A 41 10.14 4.40 -0.96
N LYS A 42 11.07 4.93 -0.17
CA LYS A 42 10.73 5.51 1.11
C LYS A 42 9.82 6.71 0.96
N GLN A 43 10.06 7.51 -0.08
CA GLN A 43 9.19 8.66 -0.36
C GLN A 43 7.79 8.16 -0.68
N GLY A 44 7.67 6.94 -1.19
CA GLY A 44 6.36 6.39 -1.47
C GLY A 44 5.60 6.17 -0.19
N ILE A 45 6.31 5.66 0.81
CA ILE A 45 5.74 5.45 2.13
C ILE A 45 5.28 6.79 2.71
N GLU A 46 6.09 7.81 2.52
CA GLU A 46 5.73 9.15 3.00
C GLU A 46 4.51 9.65 2.27
N SER A 47 4.48 9.44 0.96
CA SER A 47 3.38 9.87 0.14
C SER A 47 2.10 9.15 0.54
N VAL A 48 2.22 7.89 0.94
CA VAL A 48 1.04 7.11 1.28
C VAL A 48 0.50 7.56 2.62
N LYS A 49 1.38 7.81 3.58
CA LYS A 49 0.97 8.25 4.92
C LYS A 49 0.35 9.64 4.87
N ARG A 50 0.50 10.31 3.75
CA ARG A 50 0.01 11.67 3.57
C ARG A 50 -1.25 11.70 2.69
N ASN A 51 -1.65 10.52 2.19
CA ASN A 51 -2.80 10.40 1.30
C ASN A 51 -3.73 9.27 1.71
N ALA A 52 -3.14 8.17 2.13
CA ALA A 52 -3.89 6.99 2.54
C ALA A 52 -4.92 7.30 3.63
N PRO A 53 -4.55 7.98 4.74
CA PRO A 53 -5.50 8.25 5.83
C PRO A 53 -6.65 9.17 5.41
N ASP A 54 -6.56 9.76 4.22
CA ASP A 54 -7.58 10.69 3.72
C ASP A 54 -8.30 10.15 2.48
N ALA A 55 -7.63 9.25 1.79
CA ALA A 55 -8.15 8.70 0.55
C ALA A 55 -9.38 7.81 0.75
N ASP A 56 -10.34 7.98 -0.15
CA ASP A 56 -11.58 7.20 -0.15
C ASP A 56 -11.47 5.98 -1.04
N VAL A 57 -12.22 4.96 -0.68
CA VAL A 57 -12.25 3.70 -1.42
C VAL A 57 -13.27 3.74 -2.55
N ILE A 58 -12.85 3.32 -3.75
CA ILE A 58 -13.76 3.22 -4.89
C ILE A 58 -13.64 1.83 -5.49
N GLU A 59 -14.76 1.28 -5.88
CA GLU A 59 -14.78 -0.02 -6.51
C GLU A 59 -14.58 0.15 -8.01
N ALA A 60 -13.41 -0.24 -8.49
CA ALA A 60 -13.05 -0.08 -9.89
C ALA A 60 -13.58 -1.24 -10.73
N MET B 1 -6.78 18.18 2.05
CA MET B 1 -5.31 18.35 2.12
C MET B 1 -4.63 17.68 0.94
N ASN B 2 -4.97 16.43 0.70
CA ASN B 2 -4.34 15.65 -0.35
C ASN B 2 -5.20 15.54 -1.59
N LYS B 3 -4.65 14.83 -2.57
CA LYS B 3 -5.35 14.48 -3.78
C LYS B 3 -5.00 13.04 -4.13
N ALA B 4 -5.88 12.13 -3.75
CA ALA B 4 -5.67 10.71 -3.96
C ALA B 4 -6.91 9.94 -3.56
N HIS B 5 -6.96 8.68 -3.91
CA HIS B 5 -8.10 7.85 -3.59
C HIS B 5 -7.77 6.38 -3.85
N PHE B 6 -8.39 5.50 -3.07
CA PHE B 6 -8.18 4.06 -3.20
C PHE B 6 -9.10 3.48 -4.24
N GLU B 7 -8.64 2.45 -4.92
CA GLU B 7 -9.43 1.79 -5.95
C GLU B 7 -9.26 0.28 -5.87
N VAL B 8 -10.38 -0.41 -5.65
CA VAL B 8 -10.39 -1.86 -5.56
C VAL B 8 -10.69 -2.46 -6.93
N PHE B 9 -9.89 -3.43 -7.33
CA PHE B 9 -10.03 -4.06 -8.64
C PHE B 9 -9.76 -5.56 -8.53
N VAL B 10 -9.82 -6.25 -9.66
CA VAL B 10 -9.59 -7.69 -9.69
C VAL B 10 -8.22 -8.06 -10.27
N ASP B 11 -7.60 -9.04 -9.64
CA ASP B 11 -6.30 -9.55 -10.06
C ASP B 11 -6.46 -10.54 -11.21
N ALA B 12 -5.35 -11.10 -11.67
CA ALA B 12 -5.37 -12.05 -12.76
C ALA B 12 -6.04 -13.36 -12.35
N ALA B 13 -6.09 -13.59 -11.04
CA ALA B 13 -6.66 -14.80 -10.49
C ALA B 13 -8.02 -14.55 -9.86
N ASP B 14 -8.67 -13.48 -10.33
CA ASP B 14 -9.99 -13.10 -9.84
C ASP B 14 -9.96 -12.79 -8.35
N LYS B 15 -8.89 -12.12 -7.93
CA LYS B 15 -8.75 -11.73 -6.54
C LYS B 15 -9.12 -10.28 -6.40
N TYR B 16 -9.50 -9.91 -5.22
CA TYR B 16 -9.86 -8.53 -4.93
C TYR B 16 -8.67 -7.82 -4.29
N ARG B 17 -8.16 -6.83 -5.00
CA ARG B 17 -7.01 -6.07 -4.52
C ARG B 17 -7.30 -4.60 -4.72
N TRP B 18 -6.37 -3.75 -4.31
CA TRP B 18 -6.57 -2.32 -4.46
C TRP B 18 -5.25 -1.59 -4.59
N ARG B 19 -5.34 -0.35 -5.06
CA ARG B 19 -4.17 0.50 -5.26
C ARG B 19 -4.53 1.94 -4.97
N LEU B 20 -3.58 2.68 -4.45
CA LEU B 20 -3.78 4.09 -4.17
C LEU B 20 -3.23 4.89 -5.34
N VAL B 21 -4.01 5.85 -5.80
CA VAL B 21 -3.62 6.64 -6.96
C VAL B 21 -3.73 8.12 -6.66
N HIS B 22 -2.67 8.88 -6.98
CA HIS B 22 -2.68 10.33 -6.78
C HIS B 22 -3.42 10.97 -7.94
N ASP B 23 -3.65 12.27 -7.85
CA ASP B 23 -4.34 13.01 -8.92
C ASP B 23 -3.63 12.82 -10.27
N ASN B 24 -2.30 12.76 -10.23
CA ASN B 24 -1.49 12.62 -11.44
C ASN B 24 -1.81 11.30 -12.14
N GLY B 25 -2.09 10.29 -11.34
CA GLY B 25 -2.41 8.97 -11.87
C GLY B 25 -1.34 7.96 -11.56
N ASN B 26 -0.46 8.28 -10.64
CA ASN B 26 0.63 7.39 -10.24
C ASN B 26 0.23 6.50 -9.07
N ILE B 27 0.68 5.26 -9.11
CA ILE B 27 0.41 4.29 -8.06
C ILE B 27 1.28 4.59 -6.84
N LEU B 28 0.62 4.87 -5.74
CA LEU B 28 1.30 5.21 -4.50
C LEU B 28 1.46 3.97 -3.64
N ALA B 29 0.40 3.19 -3.58
CA ALA B 29 0.41 1.95 -2.82
C ALA B 29 -0.53 0.91 -3.43
N ASP B 30 -0.42 -0.30 -2.92
CA ASP B 30 -1.20 -1.45 -3.39
C ASP B 30 -1.54 -2.33 -2.17
N SER B 31 -2.59 -3.14 -2.27
CA SER B 31 -2.99 -4.02 -1.17
C SER B 31 -1.87 -4.99 -0.79
N GLY B 32 -1.14 -5.45 -1.80
CA GLY B 32 -0.08 -6.41 -1.58
C GLY B 32 -0.61 -7.81 -1.59
N GLU B 33 -1.72 -8.00 -0.88
CA GLU B 33 -2.39 -9.29 -0.81
C GLU B 33 -3.51 -9.39 -1.83
N GLY B 34 -3.97 -10.61 -2.01
CA GLY B 34 -5.07 -10.90 -2.90
C GLY B 34 -6.09 -11.76 -2.19
N TYR B 35 -7.34 -11.34 -2.19
CA TYR B 35 -8.38 -12.06 -1.49
C TYR B 35 -9.49 -12.49 -2.42
N ALA B 36 -10.35 -13.38 -1.93
CA ALA B 36 -11.44 -13.91 -2.73
C ALA B 36 -12.74 -13.17 -2.45
N SER B 37 -12.65 -12.06 -1.72
CA SER B 37 -13.83 -11.29 -1.38
C SER B 37 -13.53 -9.80 -1.44
N LYS B 38 -14.44 -9.05 -2.05
CA LYS B 38 -14.29 -7.62 -2.19
C LYS B 38 -14.25 -6.95 -0.83
N GLN B 39 -15.12 -7.41 0.06
CA GLN B 39 -15.21 -6.85 1.40
C GLN B 39 -13.87 -6.91 2.09
N LYS B 40 -13.19 -8.05 1.99
CA LYS B 40 -11.91 -8.26 2.65
C LYS B 40 -10.86 -7.27 2.13
N ALA B 41 -10.85 -7.06 0.81
CA ALA B 41 -9.92 -6.12 0.22
C ALA B 41 -10.14 -4.72 0.78
N LYS B 42 -11.40 -4.32 0.82
CA LYS B 42 -11.77 -3.03 1.35
C LYS B 42 -11.41 -2.91 2.83
N GLN B 43 -11.53 -4.01 3.56
CA GLN B 43 -11.14 -4.01 4.98
C GLN B 43 -9.62 -3.81 5.08
N GLY B 44 -8.89 -4.22 4.03
CA GLY B 44 -7.45 -4.06 4.04
C GLY B 44 -7.09 -2.60 4.02
N ILE B 45 -7.83 -1.84 3.22
CA ILE B 45 -7.63 -0.40 3.14
C ILE B 45 -7.85 0.22 4.51
N GLU B 46 -8.92 -0.18 5.17
CA GLU B 46 -9.23 0.35 6.49
C GLU B 46 -8.12 0.00 7.47
N SER B 47 -7.61 -1.21 7.34
CA SER B 47 -6.52 -1.68 8.18
C SER B 47 -5.25 -0.89 7.92
N VAL B 48 -5.02 -0.50 6.66
CA VAL B 48 -3.79 0.22 6.33
C VAL B 48 -3.87 1.64 6.87
N LYS B 49 -5.04 2.26 6.75
CA LYS B 49 -5.22 3.63 7.23
C LYS B 49 -5.11 3.70 8.75
N ARG B 50 -5.12 2.55 9.39
CA ARG B 50 -5.07 2.44 10.83
C ARG B 50 -3.68 1.98 11.29
N ASN B 51 -2.79 1.71 10.34
CA ASN B 51 -1.44 1.21 10.64
C ASN B 51 -0.38 1.98 9.91
N ALA B 52 -0.66 2.30 8.66
CA ALA B 52 0.27 3.01 7.80
C ALA B 52 0.73 4.34 8.40
N PRO B 53 -0.19 5.22 8.86
CA PRO B 53 0.22 6.53 9.40
C PRO B 53 1.02 6.41 10.71
N ASP B 54 1.04 5.22 11.30
CA ASP B 54 1.74 5.01 12.58
C ASP B 54 2.94 4.10 12.42
N ALA B 55 2.99 3.40 11.31
CA ALA B 55 4.06 2.44 11.04
C ALA B 55 5.37 3.09 10.67
N ASP B 56 6.44 2.55 11.23
CA ASP B 56 7.79 3.00 10.95
C ASP B 56 8.40 2.20 9.81
N VAL B 57 9.10 2.89 8.93
CA VAL B 57 9.77 2.26 7.80
C VAL B 57 11.18 1.79 8.15
N ILE B 58 11.45 0.53 7.82
CA ILE B 58 12.75 -0.06 8.04
C ILE B 58 13.36 -0.42 6.71
N GLU B 59 14.65 -0.24 6.59
CA GLU B 59 15.37 -0.59 5.39
C GLU B 59 15.85 -2.04 5.48
N ALA B 60 15.18 -2.93 4.77
CA ALA B 60 15.51 -4.34 4.80
C ALA B 60 16.70 -4.63 3.89
N MET A 1 -1.68 2.47 19.21
CA MET A 1 -2.96 2.17 18.52
C MET A 1 -2.80 1.03 17.53
N ASN A 2 -1.80 1.14 16.67
CA ASN A 2 -1.61 0.15 15.61
C ASN A 2 -0.52 -0.85 15.94
N LYS A 3 -0.39 -1.82 15.06
CA LYS A 3 0.66 -2.80 15.13
C LYS A 3 1.11 -3.11 13.71
N ALA A 4 2.16 -2.43 13.27
CA ALA A 4 2.67 -2.57 11.92
C ALA A 4 3.90 -1.73 11.72
N HIS A 5 4.52 -1.88 10.57
CA HIS A 5 5.70 -1.11 10.22
C HIS A 5 6.03 -1.33 8.75
N PHE A 6 6.60 -0.33 8.11
CA PHE A 6 6.99 -0.43 6.71
C PHE A 6 8.38 -1.01 6.57
N GLU A 7 8.62 -1.70 5.47
CA GLU A 7 9.92 -2.31 5.20
C GLU A 7 10.28 -2.19 3.73
N VAL A 8 11.41 -1.53 3.48
CA VAL A 8 11.91 -1.34 2.12
C VAL A 8 12.92 -2.43 1.80
N PHE A 9 12.78 -3.06 0.64
CA PHE A 9 13.66 -4.15 0.25
C PHE A 9 13.96 -4.09 -1.24
N VAL A 10 14.77 -5.03 -1.71
CA VAL A 10 15.14 -5.13 -3.12
C VAL A 10 14.31 -6.19 -3.84
N ASP A 11 13.79 -5.82 -4.99
CA ASP A 11 12.95 -6.71 -5.78
C ASP A 11 13.82 -7.67 -6.58
N ALA A 12 13.19 -8.56 -7.32
CA ALA A 12 13.90 -9.55 -8.11
C ALA A 12 14.63 -8.91 -9.29
N ALA A 13 14.38 -7.63 -9.50
CA ALA A 13 14.98 -6.90 -10.60
C ALA A 13 15.90 -5.79 -10.08
N ASP A 14 16.32 -5.92 -8.82
CA ASP A 14 17.25 -4.97 -8.17
C ASP A 14 16.57 -3.65 -7.89
N LYS A 15 15.31 -3.71 -7.55
CA LYS A 15 14.53 -2.51 -7.34
C LYS A 15 14.19 -2.31 -5.91
N TYR A 16 14.03 -1.08 -5.54
CA TYR A 16 13.69 -0.72 -4.18
C TYR A 16 12.19 -0.60 -4.05
N ARG A 17 11.61 -1.50 -3.29
CA ARG A 17 10.17 -1.48 -3.06
C ARG A 17 9.93 -1.59 -1.57
N TRP A 18 8.67 -1.58 -1.17
CA TRP A 18 8.34 -1.70 0.24
C TRP A 18 7.00 -2.35 0.43
N ARG A 19 6.77 -2.81 1.66
CA ARG A 19 5.52 -3.47 2.04
C ARG A 19 5.20 -3.17 3.49
N LEU A 20 3.92 -3.06 3.78
CA LEU A 20 3.48 -2.84 5.14
C LEU A 20 3.12 -4.18 5.73
N VAL A 21 3.63 -4.46 6.92
CA VAL A 21 3.43 -5.74 7.56
C VAL A 21 2.91 -5.53 8.98
N HIS A 22 1.85 -6.25 9.32
CA HIS A 22 1.29 -6.17 10.67
C HIS A 22 2.16 -6.99 11.59
N ASP A 23 1.89 -6.90 12.88
CA ASP A 23 2.65 -7.68 13.88
C ASP A 23 2.54 -9.19 13.58
N ASN A 24 1.41 -9.59 13.02
CA ASN A 24 1.14 -10.99 12.70
C ASN A 24 2.07 -11.48 11.60
N GLY A 25 2.39 -10.56 10.70
CA GLY A 25 3.30 -10.86 9.60
C GLY A 25 2.61 -10.88 8.26
N ASN A 26 1.37 -10.43 8.23
CA ASN A 26 0.59 -10.37 6.99
C ASN A 26 0.80 -9.06 6.26
N ILE A 27 0.79 -9.14 4.93
CA ILE A 27 0.96 -7.97 4.07
C ILE A 27 -0.31 -7.15 4.06
N LEU A 28 -0.18 -5.89 4.45
CA LEU A 28 -1.31 -4.98 4.50
C LEU A 28 -1.33 -4.14 3.25
N ALA A 29 -0.14 -3.69 2.87
CA ALA A 29 0.03 -2.89 1.66
C ALA A 29 1.42 -3.10 1.06
N ASP A 30 1.57 -2.66 -0.18
CA ASP A 30 2.82 -2.77 -0.93
C ASP A 30 3.00 -1.50 -1.76
N SER A 31 4.24 -1.15 -2.10
CA SER A 31 4.54 0.05 -2.89
C SER A 31 3.76 0.06 -4.22
N GLY A 32 3.56 -1.14 -4.76
CA GLY A 32 2.86 -1.28 -6.03
C GLY A 32 3.82 -1.22 -7.19
N GLU A 33 4.77 -0.30 -7.08
CA GLU A 33 5.78 -0.07 -8.10
C GLU A 33 7.18 -0.39 -7.59
N GLY A 34 8.14 -0.32 -8.50
CA GLY A 34 9.54 -0.55 -8.17
C GLY A 34 10.41 0.53 -8.77
N TYR A 35 11.51 0.88 -8.10
CA TYR A 35 12.36 1.96 -8.57
C TYR A 35 13.83 1.63 -8.33
N ALA A 36 14.71 2.48 -8.82
CA ALA A 36 16.15 2.26 -8.71
C ALA A 36 16.79 3.07 -7.58
N SER A 37 15.97 3.68 -6.72
CA SER A 37 16.49 4.48 -5.62
C SER A 37 15.78 4.13 -4.32
N LYS A 38 16.56 3.90 -3.27
CA LYS A 38 16.01 3.56 -1.97
C LYS A 38 15.20 4.72 -1.43
N GLN A 39 15.66 5.94 -1.71
CA GLN A 39 14.98 7.15 -1.28
C GLN A 39 13.57 7.16 -1.84
N LYS A 40 13.45 6.83 -3.13
CA LYS A 40 12.17 6.84 -3.82
C LYS A 40 11.20 5.88 -3.15
N ALA A 41 11.69 4.72 -2.75
CA ALA A 41 10.86 3.74 -2.08
C ALA A 41 10.30 4.35 -0.80
N LYS A 42 11.18 4.96 -0.02
CA LYS A 42 10.77 5.59 1.22
C LYS A 42 9.83 6.76 0.95
N GLN A 43 10.08 7.50 -0.12
CA GLN A 43 9.21 8.62 -0.50
C GLN A 43 7.82 8.10 -0.83
N GLY A 44 7.74 6.86 -1.34
CA GLY A 44 6.45 6.29 -1.67
C GLY A 44 5.64 6.10 -0.40
N ILE A 45 6.32 5.65 0.64
CA ILE A 45 5.71 5.48 1.94
C ILE A 45 5.27 6.83 2.50
N GLU A 46 6.13 7.83 2.39
CA GLU A 46 5.80 9.15 2.89
C GLU A 46 4.62 9.72 2.13
N SER A 47 4.57 9.44 0.84
CA SER A 47 3.47 9.87 0.00
C SER A 47 2.18 9.16 0.41
N VAL A 48 2.29 7.90 0.81
CA VAL A 48 1.10 7.14 1.16
C VAL A 48 0.57 7.59 2.52
N LYS A 49 1.45 7.81 3.48
CA LYS A 49 1.04 8.22 4.83
C LYS A 49 0.42 9.61 4.83
N ARG A 50 0.54 10.32 3.72
CA ARG A 50 0.03 11.67 3.61
C ARG A 50 -1.25 11.71 2.78
N ASN A 51 -1.64 10.56 2.25
CA ASN A 51 -2.81 10.47 1.38
C ASN A 51 -3.72 9.32 1.77
N ALA A 52 -3.12 8.20 2.15
CA ALA A 52 -3.85 6.99 2.53
C ALA A 52 -4.86 7.23 3.65
N PRO A 53 -4.46 7.86 4.79
CA PRO A 53 -5.39 8.07 5.91
C PRO A 53 -6.58 8.96 5.56
N ASP A 54 -6.48 9.67 4.44
CA ASP A 54 -7.55 10.59 4.04
C ASP A 54 -8.29 10.09 2.81
N ALA A 55 -7.59 9.30 2.03
CA ALA A 55 -8.12 8.75 0.78
C ALA A 55 -9.32 7.86 0.97
N ASP A 56 -10.30 8.07 0.10
CA ASP A 56 -11.54 7.31 0.11
C ASP A 56 -11.48 6.16 -0.89
N VAL A 57 -12.05 5.03 -0.52
CA VAL A 57 -12.07 3.85 -1.38
C VAL A 57 -13.30 3.81 -2.28
N ILE A 58 -13.05 3.50 -3.55
CA ILE A 58 -14.11 3.37 -4.54
C ILE A 58 -14.10 1.96 -5.09
N GLU A 59 -15.28 1.43 -5.36
CA GLU A 59 -15.40 0.12 -5.94
C GLU A 59 -15.36 0.23 -7.46
N ALA A 60 -14.25 -0.19 -8.06
CA ALA A 60 -14.09 -0.11 -9.50
C ALA A 60 -14.76 -1.31 -10.18
N MET B 1 -7.10 18.08 1.97
CA MET B 1 -5.75 18.59 1.64
C MET B 1 -5.10 17.73 0.56
N ASN B 2 -5.01 16.43 0.84
CA ASN B 2 -4.35 15.48 -0.05
C ASN B 2 -5.06 15.37 -1.40
N LYS B 3 -4.43 14.65 -2.30
CA LYS B 3 -5.00 14.35 -3.60
C LYS B 3 -4.73 12.89 -3.91
N ALA B 4 -5.72 12.04 -3.60
CA ALA B 4 -5.60 10.62 -3.81
C ALA B 4 -6.92 9.94 -3.45
N HIS B 5 -7.00 8.65 -3.77
CA HIS B 5 -8.18 7.86 -3.46
C HIS B 5 -7.92 6.38 -3.73
N PHE B 6 -8.56 5.52 -2.96
CA PHE B 6 -8.41 4.08 -3.10
C PHE B 6 -9.39 3.55 -4.14
N GLU B 7 -9.00 2.47 -4.82
CA GLU B 7 -9.81 1.85 -5.85
C GLU B 7 -9.68 0.35 -5.80
N VAL B 8 -10.80 -0.33 -5.56
CA VAL B 8 -10.83 -1.79 -5.48
C VAL B 8 -11.20 -2.38 -6.83
N PHE B 9 -10.47 -3.38 -7.28
CA PHE B 9 -10.69 -3.99 -8.59
C PHE B 9 -10.39 -5.49 -8.54
N VAL B 10 -10.54 -6.15 -9.70
CA VAL B 10 -10.29 -7.58 -9.82
C VAL B 10 -8.92 -7.87 -10.45
N ASP B 11 -8.24 -8.87 -9.89
CA ASP B 11 -6.93 -9.29 -10.36
C ASP B 11 -7.09 -10.20 -11.57
N ALA B 12 -5.97 -10.66 -12.12
CA ALA B 12 -5.98 -11.55 -13.25
C ALA B 12 -6.45 -12.95 -12.86
N ALA B 13 -6.58 -13.15 -11.55
CA ALA B 13 -7.00 -14.44 -11.02
C ALA B 13 -8.37 -14.34 -10.32
N ASP B 14 -9.13 -13.29 -10.67
CA ASP B 14 -10.48 -13.06 -10.16
C ASP B 14 -10.47 -12.68 -8.70
N LYS B 15 -9.47 -11.92 -8.32
CA LYS B 15 -9.31 -11.56 -6.93
C LYS B 15 -9.54 -10.09 -6.72
N TYR B 16 -10.01 -9.79 -5.56
CA TYR B 16 -10.30 -8.42 -5.19
C TYR B 16 -9.09 -7.78 -4.55
N ARG B 17 -8.62 -6.73 -5.18
CA ARG B 17 -7.44 -6.01 -4.71
C ARG B 17 -7.73 -4.53 -4.76
N TRP B 18 -6.76 -3.73 -4.39
CA TRP B 18 -6.91 -2.29 -4.44
C TRP B 18 -5.59 -1.60 -4.59
N ARG B 19 -5.64 -0.35 -5.03
CA ARG B 19 -4.45 0.46 -5.22
C ARG B 19 -4.75 1.91 -4.93
N LEU B 20 -3.79 2.58 -4.31
CA LEU B 20 -3.93 3.99 -4.02
C LEU B 20 -3.32 4.77 -5.16
N VAL B 21 -4.05 5.74 -5.67
CA VAL B 21 -3.61 6.51 -6.81
C VAL B 21 -3.69 7.99 -6.51
N HIS B 22 -2.60 8.70 -6.80
CA HIS B 22 -2.56 10.15 -6.60
C HIS B 22 -3.24 10.85 -7.77
N ASP B 23 -3.41 12.15 -7.65
CA ASP B 23 -3.99 12.97 -8.73
C ASP B 23 -3.25 12.76 -10.05
N ASN B 24 -1.92 12.62 -9.95
CA ASN B 24 -1.06 12.45 -11.12
C ASN B 24 -1.39 11.15 -11.83
N GLY B 25 -1.77 10.16 -11.04
CA GLY B 25 -2.14 8.86 -11.59
C GLY B 25 -1.12 7.79 -11.27
N ASN B 26 -0.22 8.09 -10.35
CA ASN B 26 0.81 7.15 -9.93
C ASN B 26 0.33 6.28 -8.79
N ILE B 27 0.78 5.03 -8.81
CA ILE B 27 0.44 4.06 -7.77
C ILE B 27 1.27 4.35 -6.53
N LEU B 28 0.59 4.69 -5.47
CA LEU B 28 1.24 5.03 -4.21
C LEU B 28 1.39 3.79 -3.38
N ALA B 29 0.32 3.02 -3.33
CA ALA B 29 0.30 1.76 -2.62
C ALA B 29 -0.69 0.79 -3.24
N ASP B 30 -0.49 -0.48 -2.93
CA ASP B 30 -1.34 -1.57 -3.42
C ASP B 30 -1.67 -2.48 -2.25
N SER B 31 -2.77 -3.20 -2.36
CA SER B 31 -3.18 -4.16 -1.34
C SER B 31 -2.07 -5.14 -0.97
N GLY B 32 -1.27 -5.52 -1.97
CA GLY B 32 -0.20 -6.47 -1.77
C GLY B 32 -0.69 -7.89 -1.90
N GLU B 33 -1.83 -8.15 -1.27
CA GLU B 33 -2.44 -9.46 -1.29
C GLU B 33 -3.58 -9.52 -2.31
N GLY B 34 -4.20 -10.68 -2.40
CA GLY B 34 -5.34 -10.87 -3.29
C GLY B 34 -6.31 -11.85 -2.68
N TYR B 35 -7.62 -11.56 -2.77
CA TYR B 35 -8.61 -12.41 -2.13
C TYR B 35 -9.84 -12.60 -3.00
N ALA B 36 -10.72 -13.50 -2.57
CA ALA B 36 -11.91 -13.83 -3.33
C ALA B 36 -13.14 -13.06 -2.85
N SER B 37 -12.94 -12.07 -1.99
CA SER B 37 -14.06 -11.28 -1.48
C SER B 37 -13.74 -9.80 -1.49
N LYS B 38 -14.69 -9.03 -1.97
CA LYS B 38 -14.54 -7.59 -2.06
C LYS B 38 -14.42 -6.99 -0.67
N GLN B 39 -15.15 -7.56 0.28
CA GLN B 39 -15.11 -7.08 1.65
C GLN B 39 -13.68 -7.07 2.18
N LYS B 40 -12.99 -8.19 1.96
CA LYS B 40 -11.63 -8.35 2.44
C LYS B 40 -10.71 -7.30 1.84
N ALA B 41 -10.89 -7.03 0.55
CA ALA B 41 -10.09 -6.00 -0.10
C ALA B 41 -10.29 -4.67 0.62
N LYS B 42 -11.55 -4.33 0.84
CA LYS B 42 -11.88 -3.10 1.52
C LYS B 42 -11.37 -3.08 2.95
N GLN B 43 -11.39 -4.24 3.60
CA GLN B 43 -10.85 -4.35 4.96
C GLN B 43 -9.35 -4.10 4.95
N GLY B 44 -8.69 -4.41 3.84
CA GLY B 44 -7.27 -4.18 3.73
C GLY B 44 -6.97 -2.70 3.78
N ILE B 45 -7.82 -1.94 3.09
CA ILE B 45 -7.71 -0.50 3.07
C ILE B 45 -7.93 0.06 4.47
N GLU B 46 -8.93 -0.48 5.18
CA GLU B 46 -9.19 -0.04 6.54
C GLU B 46 -7.99 -0.35 7.42
N SER B 47 -7.46 -1.54 7.25
CA SER B 47 -6.31 -1.97 8.02
C SER B 47 -5.09 -1.09 7.71
N VAL B 48 -4.95 -0.65 6.46
CA VAL B 48 -3.81 0.15 6.11
C VAL B 48 -3.96 1.56 6.67
N LYS B 49 -5.17 2.12 6.57
CA LYS B 49 -5.43 3.46 7.09
C LYS B 49 -5.34 3.50 8.61
N ARG B 50 -5.28 2.32 9.22
CA ARG B 50 -5.24 2.22 10.67
C ARG B 50 -3.83 1.91 11.16
N ASN B 51 -2.90 1.72 10.23
CA ASN B 51 -1.53 1.34 10.59
C ASN B 51 -0.50 2.13 9.81
N ALA B 52 -0.80 2.40 8.55
CA ALA B 52 0.09 3.13 7.66
C ALA B 52 0.48 4.50 8.21
N PRO B 53 -0.49 5.34 8.66
CA PRO B 53 -0.16 6.69 9.15
C PRO B 53 0.71 6.71 10.40
N ASP B 54 0.93 5.54 11.02
CA ASP B 54 1.77 5.48 12.23
C ASP B 54 2.95 4.52 12.08
N ALA B 55 2.92 3.72 11.03
CA ALA B 55 3.97 2.73 10.80
C ALA B 55 5.28 3.39 10.38
N ASP B 56 6.37 2.86 10.92
CA ASP B 56 7.72 3.37 10.65
C ASP B 56 8.39 2.59 9.53
N VAL B 57 9.23 3.28 8.79
CA VAL B 57 9.98 2.68 7.69
C VAL B 57 11.26 2.00 8.17
N ILE B 58 11.48 0.77 7.72
CA ILE B 58 12.70 0.05 8.05
C ILE B 58 13.37 -0.39 6.76
N GLU B 59 14.68 -0.28 6.74
CA GLU B 59 15.47 -0.68 5.59
C GLU B 59 15.81 -2.16 5.72
N ALA B 60 15.09 -2.99 4.99
CA ALA B 60 15.26 -4.44 5.06
C ALA B 60 16.43 -4.89 4.20
N MET A 1 -1.97 5.09 17.30
CA MET A 1 -2.31 3.69 17.67
C MET A 1 -2.19 2.78 16.47
N ASN A 2 -1.49 1.66 16.65
CA ASN A 2 -1.36 0.63 15.62
C ASN A 2 -0.34 -0.41 16.04
N LYS A 3 -0.27 -1.47 15.24
CA LYS A 3 0.75 -2.49 15.41
C LYS A 3 1.16 -2.95 14.01
N ALA A 4 2.22 -2.35 13.52
CA ALA A 4 2.72 -2.61 12.18
C ALA A 4 4.00 -1.86 11.95
N HIS A 5 4.57 -2.03 10.78
CA HIS A 5 5.81 -1.36 10.40
C HIS A 5 6.07 -1.55 8.92
N PHE A 6 6.68 -0.55 8.30
CA PHE A 6 7.05 -0.61 6.89
C PHE A 6 8.42 -1.24 6.71
N GLU A 7 8.61 -1.93 5.59
CA GLU A 7 9.87 -2.58 5.28
C GLU A 7 10.21 -2.45 3.80
N VAL A 8 11.34 -1.80 3.52
CA VAL A 8 11.79 -1.57 2.15
C VAL A 8 12.76 -2.66 1.73
N PHE A 9 12.58 -3.18 0.52
CA PHE A 9 13.43 -4.27 0.01
C PHE A 9 13.65 -4.11 -1.49
N VAL A 10 14.41 -5.05 -2.08
CA VAL A 10 14.71 -5.02 -3.51
C VAL A 10 13.88 -6.05 -4.30
N ASP A 11 13.41 -5.62 -5.47
CA ASP A 11 12.61 -6.46 -6.36
C ASP A 11 13.52 -7.36 -7.19
N ALA A 12 12.92 -8.17 -8.03
CA ALA A 12 13.67 -9.09 -8.89
C ALA A 12 14.40 -8.35 -10.00
N ALA A 13 14.14 -7.04 -10.11
CA ALA A 13 14.74 -6.23 -11.16
C ALA A 13 15.57 -5.09 -10.56
N ASP A 14 16.04 -5.29 -9.32
CA ASP A 14 16.90 -4.33 -8.60
C ASP A 14 16.15 -3.08 -8.22
N LYS A 15 14.89 -3.25 -7.93
CA LYS A 15 14.06 -2.11 -7.63
C LYS A 15 13.73 -2.06 -6.17
N TYR A 16 13.60 -0.86 -5.70
CA TYR A 16 13.33 -0.63 -4.30
C TYR A 16 11.83 -0.50 -4.08
N ARG A 17 11.32 -1.41 -3.27
CA ARG A 17 9.90 -1.45 -2.98
C ARG A 17 9.71 -1.57 -1.48
N TRP A 18 8.47 -1.62 -1.05
CA TRP A 18 8.17 -1.78 0.35
C TRP A 18 6.82 -2.41 0.56
N ARG A 19 6.61 -2.93 1.76
CA ARG A 19 5.36 -3.57 2.13
C ARG A 19 5.09 -3.32 3.60
N LEU A 20 3.83 -3.11 3.93
CA LEU A 20 3.46 -2.90 5.30
C LEU A 20 3.10 -4.24 5.92
N VAL A 21 3.63 -4.49 7.10
CA VAL A 21 3.43 -5.76 7.76
C VAL A 21 2.91 -5.55 9.17
N HIS A 22 1.81 -6.23 9.51
CA HIS A 22 1.25 -6.11 10.85
C HIS A 22 2.07 -6.93 11.82
N ASP A 23 1.76 -6.81 13.10
CA ASP A 23 2.45 -7.57 14.14
C ASP A 23 2.36 -9.08 13.89
N ASN A 24 1.30 -9.52 13.21
CA ASN A 24 1.10 -10.93 12.93
C ASN A 24 2.07 -11.39 11.86
N GLY A 25 2.35 -10.49 10.93
CA GLY A 25 3.27 -10.78 9.85
C GLY A 25 2.58 -10.80 8.49
N ASN A 26 1.32 -10.36 8.46
CA ASN A 26 0.54 -10.32 7.23
C ASN A 26 0.78 -9.04 6.46
N ILE A 27 0.80 -9.16 5.14
CA ILE A 27 1.00 -8.02 4.25
C ILE A 27 -0.28 -7.19 4.19
N LEU A 28 -0.16 -5.93 4.59
CA LEU A 28 -1.28 -5.02 4.62
C LEU A 28 -1.31 -4.18 3.36
N ALA A 29 -0.13 -3.70 2.99
CA ALA A 29 0.01 -2.91 1.78
C ALA A 29 1.39 -3.08 1.16
N ASP A 30 1.52 -2.59 -0.06
CA ASP A 30 2.76 -2.68 -0.84
C ASP A 30 2.93 -1.38 -1.63
N SER A 31 4.16 -1.07 -2.03
CA SER A 31 4.44 0.14 -2.82
C SER A 31 3.63 0.16 -4.12
N GLY A 32 3.38 -1.02 -4.66
CA GLY A 32 2.64 -1.16 -5.90
C GLY A 32 3.57 -1.08 -7.08
N GLU A 33 4.39 -0.06 -7.06
CA GLU A 33 5.38 0.19 -8.11
C GLU A 33 6.77 -0.26 -7.68
N GLY A 34 7.72 -0.08 -8.58
CA GLY A 34 9.10 -0.40 -8.31
C GLY A 34 10.00 0.63 -8.96
N TYR A 35 11.03 1.07 -8.25
CA TYR A 35 11.92 2.11 -8.76
C TYR A 35 13.38 1.77 -8.48
N ALA A 36 14.28 2.50 -9.14
CA ALA A 36 15.70 2.25 -9.05
C ALA A 36 16.37 3.07 -7.95
N SER A 37 15.60 3.71 -7.09
CA SER A 37 16.18 4.51 -6.02
C SER A 37 15.60 4.13 -4.67
N LYS A 38 16.49 3.91 -3.71
CA LYS A 38 16.10 3.51 -2.37
C LYS A 38 15.30 4.62 -1.69
N GLN A 39 15.70 5.85 -1.94
CA GLN A 39 15.04 7.01 -1.37
C GLN A 39 13.61 7.09 -1.87
N LYS A 40 13.44 6.84 -3.16
CA LYS A 40 12.12 6.91 -3.80
C LYS A 40 11.15 5.96 -3.13
N ALA A 41 11.62 4.76 -2.81
CA ALA A 41 10.78 3.78 -2.13
C ALA A 41 10.28 4.35 -0.80
N LYS A 42 11.20 4.88 -0.02
CA LYS A 42 10.86 5.46 1.26
C LYS A 42 9.97 6.68 1.10
N GLN A 43 10.18 7.43 0.01
CA GLN A 43 9.33 8.58 -0.27
C GLN A 43 7.91 8.12 -0.55
N GLY A 44 7.75 6.91 -1.11
CA GLY A 44 6.43 6.39 -1.42
C GLY A 44 5.64 6.14 -0.17
N ILE A 45 6.34 5.61 0.84
CA ILE A 45 5.75 5.35 2.14
C ILE A 45 5.20 6.63 2.74
N GLU A 46 6.03 7.64 2.78
CA GLU A 46 5.64 8.93 3.34
C GLU A 46 4.53 9.57 2.53
N SER A 47 4.58 9.36 1.22
CA SER A 47 3.55 9.89 0.33
C SER A 47 2.22 9.21 0.60
N VAL A 48 2.24 7.91 0.89
CA VAL A 48 0.99 7.19 1.10
C VAL A 48 0.40 7.58 2.44
N LYS A 49 1.25 7.78 3.43
CA LYS A 49 0.82 8.12 4.79
C LYS A 49 0.11 9.47 4.85
N ARG A 50 0.27 10.27 3.81
CA ARG A 50 -0.32 11.59 3.80
C ARG A 50 -1.55 11.64 2.90
N ASN A 51 -1.81 10.55 2.20
CA ASN A 51 -2.93 10.46 1.28
C ASN A 51 -3.86 9.32 1.67
N ALA A 52 -3.27 8.22 2.11
CA ALA A 52 -4.02 7.02 2.51
C ALA A 52 -5.08 7.30 3.57
N PRO A 53 -4.73 7.98 4.70
CA PRO A 53 -5.72 8.23 5.76
C PRO A 53 -6.82 9.22 5.35
N ASP A 54 -6.67 9.83 4.18
CA ASP A 54 -7.65 10.81 3.69
C ASP A 54 -8.35 10.31 2.43
N ALA A 55 -7.71 9.37 1.75
CA ALA A 55 -8.20 8.83 0.49
C ALA A 55 -9.46 7.99 0.65
N ASP A 56 -10.37 8.18 -0.28
CA ASP A 56 -11.63 7.47 -0.30
C ASP A 56 -11.55 6.27 -1.24
N VAL A 57 -12.09 5.14 -0.81
CA VAL A 57 -12.06 3.91 -1.61
C VAL A 57 -13.27 3.81 -2.54
N ILE A 58 -12.98 3.43 -3.78
CA ILE A 58 -13.99 3.29 -4.82
C ILE A 58 -13.85 1.94 -5.50
N GLU A 59 -14.94 1.41 -6.05
CA GLU A 59 -14.89 0.18 -6.80
C GLU A 59 -14.48 0.46 -8.24
N ALA A 60 -13.35 -0.07 -8.65
CA ALA A 60 -12.85 0.15 -10.01
C ALA A 60 -13.53 -0.77 -11.01
N MET B 1 -5.31 16.57 4.33
CA MET B 1 -4.89 17.23 3.07
C MET B 1 -4.27 16.21 2.13
N ASN B 2 -4.85 16.06 0.95
CA ASN B 2 -4.30 15.13 -0.02
C ASN B 2 -5.01 15.22 -1.35
N LYS B 3 -4.46 14.50 -2.31
CA LYS B 3 -5.05 14.32 -3.62
C LYS B 3 -4.77 12.89 -4.03
N ALA B 4 -5.74 12.04 -3.77
CA ALA B 4 -5.61 10.62 -4.04
C ALA B 4 -6.93 9.93 -3.74
N HIS B 5 -6.99 8.64 -4.02
CA HIS B 5 -8.18 7.86 -3.74
C HIS B 5 -7.90 6.38 -3.95
N PHE B 6 -8.53 5.54 -3.15
CA PHE B 6 -8.37 4.10 -3.25
C PHE B 6 -9.33 3.53 -4.28
N GLU B 7 -8.90 2.47 -4.95
CA GLU B 7 -9.71 1.80 -5.95
C GLU B 7 -9.53 0.29 -5.86
N VAL B 8 -10.62 -0.42 -5.64
CA VAL B 8 -10.60 -1.88 -5.56
C VAL B 8 -10.91 -2.47 -6.94
N PHE B 9 -10.10 -3.42 -7.37
CA PHE B 9 -10.25 -4.01 -8.70
C PHE B 9 -9.97 -5.51 -8.66
N VAL B 10 -10.08 -6.15 -9.81
CA VAL B 10 -9.86 -7.59 -9.95
C VAL B 10 -8.49 -7.91 -10.54
N ASP B 11 -7.86 -8.93 -9.97
CA ASP B 11 -6.55 -9.39 -10.41
C ASP B 11 -6.72 -10.27 -11.65
N ALA B 12 -5.62 -10.82 -12.14
CA ALA B 12 -5.67 -11.71 -13.29
C ALA B 12 -6.36 -13.02 -12.95
N ALA B 13 -6.47 -13.29 -11.65
CA ALA B 13 -7.07 -14.53 -11.17
C ALA B 13 -8.45 -14.28 -10.56
N ASP B 14 -9.02 -13.12 -10.86
CA ASP B 14 -10.37 -12.73 -10.39
C ASP B 14 -10.37 -12.50 -8.90
N LYS B 15 -9.33 -11.81 -8.46
CA LYS B 15 -9.15 -11.56 -7.06
C LYS B 15 -9.31 -10.09 -6.78
N TYR B 16 -9.74 -9.82 -5.58
CA TYR B 16 -10.01 -8.45 -5.17
C TYR B 16 -8.79 -7.83 -4.53
N ARG B 17 -8.30 -6.79 -5.18
CA ARG B 17 -7.15 -6.05 -4.71
C ARG B 17 -7.46 -4.57 -4.78
N TRP B 18 -6.53 -3.74 -4.38
CA TRP B 18 -6.73 -2.31 -4.45
C TRP B 18 -5.40 -1.59 -4.57
N ARG B 19 -5.47 -0.36 -5.02
CA ARG B 19 -4.30 0.48 -5.20
C ARG B 19 -4.65 1.93 -4.94
N LEU B 20 -3.72 2.64 -4.34
CA LEU B 20 -3.91 4.05 -4.09
C LEU B 20 -3.32 4.82 -5.25
N VAL B 21 -4.07 5.78 -5.76
CA VAL B 21 -3.64 6.54 -6.92
C VAL B 21 -3.69 8.03 -6.62
N HIS B 22 -2.60 8.74 -6.91
CA HIS B 22 -2.55 10.18 -6.70
C HIS B 22 -3.24 10.87 -7.86
N ASP B 23 -3.42 12.18 -7.75
CA ASP B 23 -4.03 12.97 -8.82
C ASP B 23 -3.26 12.82 -10.14
N ASN B 24 -1.95 12.58 -10.04
CA ASN B 24 -1.11 12.41 -11.23
C ASN B 24 -1.48 11.14 -11.96
N GLY B 25 -1.88 10.15 -11.18
CA GLY B 25 -2.26 8.86 -11.71
C GLY B 25 -1.26 7.78 -11.39
N ASN B 26 -0.33 8.10 -10.51
CA ASN B 26 0.69 7.15 -10.09
C ASN B 26 0.23 6.28 -8.94
N ILE B 27 0.63 5.02 -8.96
CA ILE B 27 0.30 4.08 -7.90
C ILE B 27 1.19 4.35 -6.70
N LEU B 28 0.54 4.68 -5.59
CA LEU B 28 1.23 5.02 -4.36
C LEU B 28 1.37 3.79 -3.49
N ALA B 29 0.28 3.02 -3.42
CA ALA B 29 0.27 1.79 -2.65
C ALA B 29 -0.67 0.76 -3.28
N ASP B 30 -0.51 -0.48 -2.85
CA ASP B 30 -1.32 -1.61 -3.32
C ASP B 30 -1.63 -2.54 -2.16
N SER B 31 -2.68 -3.36 -2.28
CA SER B 31 -3.05 -4.30 -1.23
C SER B 31 -1.91 -5.26 -0.89
N GLY B 32 -1.11 -5.61 -1.90
CA GLY B 32 0.00 -6.52 -1.70
C GLY B 32 -0.43 -7.95 -1.92
N GLU B 33 -1.55 -8.30 -1.31
CA GLU B 33 -2.13 -9.62 -1.42
C GLU B 33 -3.34 -9.62 -2.34
N GLY B 34 -3.84 -10.82 -2.63
CA GLY B 34 -5.01 -10.99 -3.46
C GLY B 34 -5.95 -12.01 -2.84
N TYR B 35 -7.24 -11.72 -2.88
CA TYR B 35 -8.23 -12.60 -2.24
C TYR B 35 -9.48 -12.71 -3.09
N ALA B 36 -10.38 -13.60 -2.69
CA ALA B 36 -11.59 -13.86 -3.44
C ALA B 36 -12.80 -13.08 -2.92
N SER B 37 -12.58 -12.13 -2.03
CA SER B 37 -13.69 -11.36 -1.48
C SER B 37 -13.40 -9.86 -1.51
N LYS B 38 -14.38 -9.13 -2.01
CA LYS B 38 -14.27 -7.68 -2.11
C LYS B 38 -14.21 -7.06 -0.73
N GLN B 39 -14.93 -7.69 0.20
CA GLN B 39 -14.98 -7.23 1.59
C GLN B 39 -13.57 -7.19 2.15
N LYS B 40 -12.81 -8.27 1.91
CA LYS B 40 -11.45 -8.39 2.42
C LYS B 40 -10.58 -7.27 1.88
N ALA B 41 -10.74 -6.99 0.59
CA ALA B 41 -9.97 -5.92 -0.05
C ALA B 41 -10.23 -4.59 0.66
N LYS B 42 -11.51 -4.28 0.87
CA LYS B 42 -11.88 -3.04 1.53
C LYS B 42 -11.38 -3.00 2.97
N GLN B 43 -11.40 -4.15 3.65
CA GLN B 43 -10.90 -4.22 5.01
C GLN B 43 -9.40 -3.91 5.04
N GLY B 44 -8.69 -4.29 3.97
CA GLY B 44 -7.26 -4.06 3.93
C GLY B 44 -6.93 -2.59 3.88
N ILE B 45 -7.74 -1.86 3.13
CA ILE B 45 -7.59 -0.42 3.01
C ILE B 45 -7.73 0.24 4.36
N GLU B 46 -8.81 -0.08 5.05
CA GLU B 46 -9.07 0.51 6.35
C GLU B 46 -8.02 0.09 7.36
N SER B 47 -7.53 -1.13 7.22
CA SER B 47 -6.47 -1.65 8.08
C SER B 47 -5.18 -0.86 7.86
N VAL B 48 -4.90 -0.48 6.61
CA VAL B 48 -3.67 0.23 6.32
C VAL B 48 -3.76 1.65 6.85
N LYS B 49 -4.92 2.27 6.70
CA LYS B 49 -5.15 3.63 7.15
C LYS B 49 -5.04 3.76 8.66
N ARG B 50 -5.08 2.63 9.34
CA ARG B 50 -5.06 2.61 10.78
C ARG B 50 -3.66 2.25 11.31
N ASN B 51 -2.79 1.82 10.40
CA ASN B 51 -1.44 1.39 10.79
C ASN B 51 -0.37 2.14 10.02
N ALA B 52 -0.63 2.41 8.76
CA ALA B 52 0.31 3.08 7.87
C ALA B 52 0.80 4.42 8.42
N PRO B 53 -0.11 5.34 8.82
CA PRO B 53 0.32 6.67 9.30
C PRO B 53 1.13 6.62 10.60
N ASP B 54 1.16 5.45 11.26
CA ASP B 54 1.90 5.30 12.53
C ASP B 54 3.06 4.34 12.39
N ALA B 55 3.09 3.58 11.30
CA ALA B 55 4.11 2.58 11.07
C ALA B 55 5.47 3.16 10.71
N ASP B 56 6.50 2.55 11.28
CA ASP B 56 7.89 2.93 11.03
C ASP B 56 8.47 2.15 9.87
N VAL B 57 9.16 2.85 8.98
CA VAL B 57 9.80 2.20 7.85
C VAL B 57 11.20 1.73 8.20
N ILE B 58 11.47 0.49 7.84
CA ILE B 58 12.78 -0.12 8.06
C ILE B 58 13.37 -0.51 6.70
N GLU B 59 14.67 -0.37 6.59
CA GLU B 59 15.37 -0.75 5.37
C GLU B 59 15.81 -2.21 5.48
N ALA B 60 15.10 -3.10 4.79
CA ALA B 60 15.39 -4.52 4.87
C ALA B 60 16.52 -4.90 3.93
N MET A 1 -1.08 5.34 17.38
CA MET A 1 -1.45 3.95 17.73
C MET A 1 -1.56 3.07 16.49
N ASN A 2 -1.00 1.86 16.60
CA ASN A 2 -1.07 0.85 15.54
C ASN A 2 -0.15 -0.30 15.88
N LYS A 3 -0.23 -1.35 15.08
CA LYS A 3 0.67 -2.48 15.21
C LYS A 3 1.05 -2.92 13.80
N ALA A 4 2.17 -2.38 13.33
CA ALA A 4 2.67 -2.64 11.99
C ALA A 4 4.00 -1.93 11.80
N HIS A 5 4.58 -2.09 10.62
CA HIS A 5 5.81 -1.40 10.27
C HIS A 5 6.11 -1.59 8.78
N PHE A 6 6.67 -0.56 8.16
CA PHE A 6 7.03 -0.60 6.75
C PHE A 6 8.40 -1.24 6.58
N GLU A 7 8.61 -1.91 5.46
CA GLU A 7 9.88 -2.56 5.17
C GLU A 7 10.24 -2.39 3.70
N VAL A 8 11.35 -1.74 3.45
CA VAL A 8 11.84 -1.50 2.10
C VAL A 8 12.83 -2.59 1.71
N PHE A 9 12.66 -3.14 0.52
CA PHE A 9 13.51 -4.23 0.06
C PHE A 9 13.79 -4.09 -1.43
N VAL A 10 14.57 -5.03 -1.97
CA VAL A 10 14.91 -5.04 -3.39
C VAL A 10 14.07 -6.06 -4.17
N ASP A 11 13.57 -5.63 -5.33
CA ASP A 11 12.75 -6.47 -6.18
C ASP A 11 13.62 -7.39 -7.03
N ALA A 12 12.97 -8.21 -7.84
CA ALA A 12 13.68 -9.15 -8.71
C ALA A 12 14.42 -8.43 -9.83
N ALA A 13 14.20 -7.12 -9.95
CA ALA A 13 14.83 -6.32 -10.98
C ALA A 13 15.73 -5.24 -10.38
N ASP A 14 16.13 -5.47 -9.12
CA ASP A 14 17.05 -4.58 -8.38
C ASP A 14 16.38 -3.27 -8.05
N LYS A 15 15.11 -3.34 -7.74
CA LYS A 15 14.33 -2.17 -7.49
C LYS A 15 13.99 -2.05 -6.04
N TYR A 16 13.85 -0.83 -5.62
CA TYR A 16 13.53 -0.55 -4.25
C TYR A 16 12.04 -0.43 -4.07
N ARG A 17 11.47 -1.38 -3.35
CA ARG A 17 10.04 -1.39 -3.10
C ARG A 17 9.81 -1.55 -1.61
N TRP A 18 8.56 -1.55 -1.20
CA TRP A 18 8.24 -1.71 0.22
C TRP A 18 6.89 -2.35 0.40
N ARG A 19 6.67 -2.84 1.61
CA ARG A 19 5.42 -3.50 1.97
C ARG A 19 5.13 -3.26 3.44
N LEU A 20 3.87 -3.05 3.77
CA LEU A 20 3.46 -2.85 5.14
C LEU A 20 3.04 -4.18 5.72
N VAL A 21 3.51 -4.48 6.92
CA VAL A 21 3.23 -5.76 7.55
C VAL A 21 2.68 -5.54 8.94
N HIS A 22 1.59 -6.21 9.27
CA HIS A 22 1.01 -6.10 10.60
C HIS A 22 1.82 -6.94 11.57
N ASP A 23 1.51 -6.81 12.84
CA ASP A 23 2.18 -7.59 13.88
C ASP A 23 1.95 -9.09 13.67
N ASN A 24 0.93 -9.43 12.88
CA ASN A 24 0.58 -10.83 12.62
C ASN A 24 1.51 -11.40 11.57
N GLY A 25 1.88 -10.54 10.63
CA GLY A 25 2.78 -10.92 9.56
C GLY A 25 2.12 -10.89 8.19
N ASN A 26 0.92 -10.34 8.14
CA ASN A 26 0.18 -10.22 6.89
C ASN A 26 0.53 -8.92 6.19
N ILE A 27 0.55 -8.96 4.86
CA ILE A 27 0.85 -7.79 4.07
C ILE A 27 -0.39 -6.92 3.97
N LEU A 28 -0.27 -5.70 4.47
CA LEU A 28 -1.38 -4.77 4.50
C LEU A 28 -1.36 -3.94 3.24
N ALA A 29 -0.17 -3.52 2.85
CA ALA A 29 0.01 -2.75 1.63
C ALA A 29 1.39 -2.96 1.02
N ASP A 30 1.50 -2.58 -0.24
CA ASP A 30 2.74 -2.72 -1.01
C ASP A 30 2.94 -1.44 -1.83
N SER A 31 4.19 -1.10 -2.15
CA SER A 31 4.49 0.12 -2.92
C SER A 31 3.75 0.15 -4.25
N GLY A 32 3.55 -1.03 -4.84
CA GLY A 32 2.88 -1.15 -6.11
C GLY A 32 3.85 -0.99 -7.26
N GLU A 33 4.69 0.02 -7.14
CA GLU A 33 5.70 0.32 -8.13
C GLU A 33 7.10 0.00 -7.62
N GLY A 34 8.06 0.02 -8.53
CA GLY A 34 9.44 -0.21 -8.20
C GLY A 34 10.31 0.90 -8.75
N TYR A 35 11.36 1.25 -8.05
CA TYR A 35 12.20 2.36 -8.46
C TYR A 35 13.68 2.03 -8.30
N ALA A 36 14.52 2.83 -8.92
CA ALA A 36 15.96 2.60 -8.91
C ALA A 36 16.65 3.34 -7.76
N SER A 37 15.89 3.91 -6.84
CA SER A 37 16.47 4.62 -5.71
C SER A 37 15.75 4.26 -4.42
N LYS A 38 16.55 3.99 -3.39
CA LYS A 38 16.02 3.63 -2.10
C LYS A 38 15.22 4.78 -1.50
N GLN A 39 15.71 5.98 -1.74
CA GLN A 39 15.05 7.18 -1.26
C GLN A 39 13.62 7.25 -1.75
N LYS A 40 13.42 6.98 -3.04
CA LYS A 40 12.10 7.03 -3.64
C LYS A 40 11.17 6.02 -3.01
N ALA A 41 11.69 4.83 -2.70
CA ALA A 41 10.88 3.82 -2.03
C ALA A 41 10.32 4.37 -0.73
N LYS A 42 11.21 4.95 0.06
CA LYS A 42 10.84 5.54 1.33
C LYS A 42 9.94 6.74 1.13
N GLN A 43 10.15 7.46 0.04
CA GLN A 43 9.29 8.60 -0.29
C GLN A 43 7.87 8.12 -0.59
N GLY A 44 7.76 6.91 -1.16
CA GLY A 44 6.46 6.38 -1.50
C GLY A 44 5.66 6.12 -0.25
N ILE A 45 6.35 5.61 0.76
CA ILE A 45 5.76 5.35 2.05
C ILE A 45 5.22 6.64 2.65
N GLU A 46 6.06 7.64 2.69
CA GLU A 46 5.69 8.93 3.25
C GLU A 46 4.55 9.54 2.43
N SER A 47 4.56 9.28 1.13
CA SER A 47 3.49 9.75 0.26
C SER A 47 2.18 9.04 0.57
N VAL A 48 2.25 7.76 0.93
CA VAL A 48 1.03 7.01 1.21
C VAL A 48 0.46 7.48 2.54
N LYS A 49 1.33 7.73 3.51
CA LYS A 49 0.93 8.22 4.83
C LYS A 49 0.32 9.61 4.75
N ARG A 50 0.56 10.26 3.61
CA ARG A 50 0.12 11.62 3.39
C ARG A 50 -1.15 11.65 2.54
N ASN A 51 -1.62 10.46 2.15
CA ASN A 51 -2.80 10.35 1.28
C ASN A 51 -3.74 9.25 1.73
N ALA A 52 -3.18 8.11 2.09
CA ALA A 52 -3.95 6.93 2.49
C ALA A 52 -4.95 7.20 3.61
N PRO A 53 -4.55 7.84 4.74
CA PRO A 53 -5.47 8.06 5.86
C PRO A 53 -6.62 9.01 5.50
N ASP A 54 -6.53 9.64 4.33
CA ASP A 54 -7.57 10.60 3.90
C ASP A 54 -8.20 10.19 2.58
N ALA A 55 -7.58 9.23 1.91
CA ALA A 55 -8.07 8.73 0.63
C ALA A 55 -9.32 7.89 0.81
N ASP A 56 -10.28 8.12 -0.06
CA ASP A 56 -11.54 7.38 -0.05
C ASP A 56 -11.49 6.25 -1.06
N VAL A 57 -12.12 5.14 -0.72
CA VAL A 57 -12.15 3.98 -1.59
C VAL A 57 -13.33 3.99 -2.53
N ILE A 58 -13.03 3.77 -3.79
CA ILE A 58 -14.02 3.74 -4.86
C ILE A 58 -14.06 2.35 -5.50
N GLU A 59 -15.22 1.96 -5.99
CA GLU A 59 -15.35 0.69 -6.68
C GLU A 59 -14.98 0.90 -8.14
N ALA A 60 -13.87 0.31 -8.57
CA ALA A 60 -13.41 0.46 -9.94
C ALA A 60 -14.17 -0.47 -10.87
N MET B 1 -6.60 17.35 2.60
CA MET B 1 -5.40 18.15 2.23
C MET B 1 -4.62 17.42 1.13
N ASN B 2 -5.17 16.31 0.66
CA ASN B 2 -4.48 15.49 -0.33
C ASN B 2 -5.30 15.30 -1.59
N LYS B 3 -4.66 14.71 -2.58
CA LYS B 3 -5.33 14.34 -3.82
C LYS B 3 -4.93 12.92 -4.15
N ALA B 4 -5.81 12.01 -3.78
CA ALA B 4 -5.61 10.58 -3.96
C ALA B 4 -6.88 9.88 -3.55
N HIS B 5 -6.98 8.61 -3.89
CA HIS B 5 -8.16 7.84 -3.57
C HIS B 5 -7.89 6.36 -3.82
N PHE B 6 -8.55 5.52 -3.05
CA PHE B 6 -8.40 4.07 -3.20
C PHE B 6 -9.36 3.56 -4.25
N GLU B 7 -8.97 2.48 -4.92
CA GLU B 7 -9.78 1.87 -5.96
C GLU B 7 -9.66 0.35 -5.90
N VAL B 8 -10.79 -0.32 -5.69
CA VAL B 8 -10.82 -1.78 -5.59
C VAL B 8 -11.11 -2.39 -6.96
N PHE B 9 -10.38 -3.43 -7.31
CA PHE B 9 -10.53 -4.07 -8.60
C PHE B 9 -10.21 -5.57 -8.52
N VAL B 10 -10.32 -6.26 -9.65
CA VAL B 10 -10.04 -7.69 -9.74
C VAL B 10 -8.67 -7.96 -10.36
N ASP B 11 -7.98 -8.95 -9.80
CA ASP B 11 -6.65 -9.32 -10.25
C ASP B 11 -6.73 -10.27 -11.44
N ALA B 12 -5.56 -10.69 -11.92
CA ALA B 12 -5.48 -11.61 -13.04
C ALA B 12 -5.95 -13.00 -12.66
N ALA B 13 -6.12 -13.23 -11.35
CA ALA B 13 -6.54 -14.53 -10.85
C ALA B 13 -7.89 -14.43 -10.15
N ASP B 14 -8.69 -13.43 -10.54
CA ASP B 14 -10.02 -13.22 -10.00
C ASP B 14 -9.97 -12.90 -8.52
N LYS B 15 -8.98 -12.11 -8.13
CA LYS B 15 -8.82 -11.74 -6.74
C LYS B 15 -9.29 -10.32 -6.55
N TYR B 16 -9.66 -10.00 -5.34
CA TYR B 16 -10.07 -8.64 -5.01
C TYR B 16 -8.92 -7.90 -4.40
N ARG B 17 -8.50 -6.84 -5.07
CA ARG B 17 -7.38 -6.04 -4.62
C ARG B 17 -7.72 -4.58 -4.70
N TRP B 18 -6.77 -3.74 -4.33
CA TRP B 18 -6.95 -2.31 -4.41
C TRP B 18 -5.63 -1.62 -4.56
N ARG B 19 -5.68 -0.37 -5.00
CA ARG B 19 -4.49 0.42 -5.20
C ARG B 19 -4.77 1.88 -4.92
N LEU B 20 -3.82 2.54 -4.31
CA LEU B 20 -3.95 3.95 -4.03
C LEU B 20 -3.30 4.71 -5.17
N VAL B 21 -4.02 5.69 -5.69
CA VAL B 21 -3.54 6.43 -6.84
C VAL B 21 -3.65 7.92 -6.57
N HIS B 22 -2.58 8.66 -6.87
CA HIS B 22 -2.59 10.11 -6.72
C HIS B 22 -3.26 10.70 -7.94
N ASP B 23 -3.54 11.98 -7.89
CA ASP B 23 -4.18 12.66 -9.02
C ASP B 23 -3.33 12.54 -10.29
N ASN B 24 -2.01 12.37 -10.10
CA ASN B 24 -1.08 12.25 -11.22
C ASN B 24 -1.33 10.95 -11.96
N GLY B 25 -1.74 9.94 -11.21
CA GLY B 25 -2.02 8.63 -11.77
C GLY B 25 -0.98 7.60 -11.37
N ASN B 26 -0.13 7.98 -10.45
CA ASN B 26 0.93 7.08 -9.96
C ASN B 26 0.42 6.22 -8.82
N ILE B 27 0.88 4.98 -8.78
CA ILE B 27 0.48 4.05 -7.75
C ILE B 27 1.26 4.32 -6.48
N LEU B 28 0.55 4.70 -5.43
CA LEU B 28 1.17 5.03 -4.17
C LEU B 28 1.28 3.80 -3.31
N ALA B 29 0.23 3.00 -3.35
CA ALA B 29 0.21 1.73 -2.65
C ALA B 29 -0.76 0.74 -3.29
N ASP B 30 -0.61 -0.51 -2.91
CA ASP B 30 -1.42 -1.62 -3.39
C ASP B 30 -1.76 -2.53 -2.22
N SER B 31 -2.81 -3.33 -2.34
CA SER B 31 -3.19 -4.28 -1.28
C SER B 31 -2.03 -5.20 -0.91
N GLY B 32 -1.19 -5.49 -1.90
CA GLY B 32 -0.05 -6.35 -1.68
C GLY B 32 -0.42 -7.81 -1.85
N GLU B 33 -1.60 -8.14 -1.35
CA GLU B 33 -2.14 -9.48 -1.46
C GLU B 33 -3.43 -9.49 -2.28
N GLY B 34 -3.88 -10.69 -2.61
CA GLY B 34 -5.10 -10.86 -3.36
C GLY B 34 -6.01 -11.86 -2.67
N TYR B 35 -7.28 -11.51 -2.52
CA TYR B 35 -8.22 -12.37 -1.81
C TYR B 35 -9.45 -12.68 -2.64
N ALA B 36 -10.28 -13.58 -2.13
CA ALA B 36 -11.46 -14.03 -2.84
C ALA B 36 -12.75 -13.30 -2.42
N SER B 37 -12.61 -12.24 -1.63
CA SER B 37 -13.78 -11.49 -1.17
C SER B 37 -13.53 -10.00 -1.27
N LYS B 38 -14.50 -9.30 -1.85
CA LYS B 38 -14.40 -7.87 -2.02
C LYS B 38 -14.35 -7.17 -0.68
N GLN B 39 -15.10 -7.70 0.28
CA GLN B 39 -15.12 -7.15 1.63
C GLN B 39 -13.72 -7.13 2.21
N LYS B 40 -12.99 -8.22 1.99
CA LYS B 40 -11.63 -8.35 2.52
C LYS B 40 -10.74 -7.26 1.93
N ALA B 41 -10.90 -6.99 0.64
CA ALA B 41 -10.13 -5.94 -0.01
C ALA B 41 -10.37 -4.61 0.68
N LYS B 42 -11.64 -4.33 0.94
CA LYS B 42 -12.02 -3.10 1.60
C LYS B 42 -11.48 -3.05 3.03
N GLN B 43 -11.42 -4.20 3.68
CA GLN B 43 -10.87 -4.27 5.03
C GLN B 43 -9.38 -3.93 5.01
N GLY B 44 -8.70 -4.31 3.92
CA GLY B 44 -7.27 -4.06 3.82
C GLY B 44 -6.98 -2.58 3.80
N ILE B 45 -7.83 -1.84 3.09
CA ILE B 45 -7.72 -0.40 3.01
C ILE B 45 -7.84 0.23 4.38
N GLU B 46 -8.89 -0.12 5.09
CA GLU B 46 -9.11 0.43 6.42
C GLU B 46 -8.01 -0.01 7.38
N SER B 47 -7.54 -1.24 7.23
CA SER B 47 -6.45 -1.76 8.05
C SER B 47 -5.17 -0.96 7.81
N VAL B 48 -4.93 -0.55 6.56
CA VAL B 48 -3.70 0.17 6.25
C VAL B 48 -3.81 1.59 6.82
N LYS B 49 -4.97 2.19 6.69
CA LYS B 49 -5.21 3.54 7.17
C LYS B 49 -5.10 3.64 8.70
N ARG B 50 -5.13 2.48 9.35
CA ARG B 50 -5.11 2.42 10.80
C ARG B 50 -3.70 2.07 11.30
N ASN B 51 -2.79 1.83 10.37
CA ASN B 51 -1.42 1.44 10.73
C ASN B 51 -0.37 2.19 9.92
N ALA B 52 -0.65 2.42 8.65
CA ALA B 52 0.27 3.09 7.75
C ALA B 52 0.73 4.45 8.27
N PRO B 53 -0.19 5.35 8.70
CA PRO B 53 0.21 6.69 9.15
C PRO B 53 1.05 6.69 10.43
N ASP B 54 1.17 5.53 11.08
CA ASP B 54 1.94 5.41 12.34
C ASP B 54 3.11 4.45 12.20
N ALA B 55 3.04 3.59 11.20
CA ALA B 55 4.06 2.57 10.96
C ALA B 55 5.40 3.15 10.57
N ASP B 56 6.43 2.60 11.15
CA ASP B 56 7.79 3.02 10.87
C ASP B 56 8.41 2.20 9.77
N VAL B 57 9.09 2.87 8.85
CA VAL B 57 9.76 2.20 7.75
C VAL B 57 11.15 1.72 8.13
N ILE B 58 11.39 0.46 7.81
CA ILE B 58 12.68 -0.16 8.08
C ILE B 58 13.32 -0.55 6.75
N GLU B 59 14.62 -0.37 6.67
CA GLU B 59 15.36 -0.75 5.50
C GLU B 59 15.76 -2.22 5.63
N ALA B 60 15.11 -3.09 4.86
CA ALA B 60 15.36 -4.52 4.93
C ALA B 60 16.65 -4.88 4.21
N MET A 1 0.04 3.92 17.87
CA MET A 1 -0.82 3.14 18.80
C MET A 1 -1.09 1.73 18.27
N ASN A 2 -0.59 1.47 17.07
CA ASN A 2 -0.81 0.19 16.38
C ASN A 2 0.40 -0.70 16.46
N LYS A 3 0.26 -1.87 15.85
CA LYS A 3 1.38 -2.78 15.69
C LYS A 3 1.48 -3.12 14.21
N ALA A 4 2.40 -2.43 13.56
CA ALA A 4 2.66 -2.60 12.13
C ALA A 4 3.86 -1.75 11.77
N HIS A 5 4.46 -2.01 10.63
CA HIS A 5 5.64 -1.28 10.23
C HIS A 5 5.97 -1.52 8.77
N PHE A 6 6.55 -0.51 8.14
CA PHE A 6 6.93 -0.58 6.75
C PHE A 6 8.33 -1.15 6.60
N GLU A 7 8.55 -1.84 5.50
CA GLU A 7 9.85 -2.42 5.20
C GLU A 7 10.17 -2.29 3.73
N VAL A 8 11.25 -1.59 3.42
CA VAL A 8 11.70 -1.42 2.05
C VAL A 8 12.64 -2.54 1.69
N PHE A 9 12.41 -3.16 0.55
CA PHE A 9 13.21 -4.30 0.13
C PHE A 9 13.49 -4.23 -1.38
N VAL A 10 14.21 -5.23 -1.88
CA VAL A 10 14.59 -5.28 -3.29
C VAL A 10 13.72 -6.25 -4.09
N ASP A 11 13.33 -5.81 -5.29
CA ASP A 11 12.53 -6.60 -6.21
C ASP A 11 13.44 -7.57 -6.95
N ALA A 12 12.86 -8.37 -7.83
CA ALA A 12 13.64 -9.33 -8.59
C ALA A 12 14.56 -8.62 -9.57
N ALA A 13 14.24 -7.36 -9.86
CA ALA A 13 15.00 -6.58 -10.83
C ALA A 13 15.88 -5.54 -10.15
N ASP A 14 16.17 -5.77 -8.87
CA ASP A 14 17.05 -4.89 -8.07
C ASP A 14 16.41 -3.56 -7.79
N LYS A 15 15.13 -3.59 -7.56
CA LYS A 15 14.37 -2.38 -7.36
C LYS A 15 13.91 -2.26 -5.94
N TYR A 16 13.77 -1.04 -5.50
CA TYR A 16 13.38 -0.77 -4.13
C TYR A 16 11.88 -0.61 -4.03
N ARG A 17 11.30 -1.45 -3.20
CA ARG A 17 9.87 -1.46 -2.97
C ARG A 17 9.64 -1.56 -1.48
N TRP A 18 8.40 -1.65 -1.06
CA TRP A 18 8.13 -1.78 0.36
C TRP A 18 6.84 -2.51 0.64
N ARG A 19 6.70 -2.92 1.89
CA ARG A 19 5.56 -3.69 2.33
C ARG A 19 5.18 -3.31 3.75
N LEU A 20 3.87 -3.24 3.99
CA LEU A 20 3.39 -2.98 5.34
C LEU A 20 2.95 -4.30 5.95
N VAL A 21 3.38 -4.55 7.17
CA VAL A 21 3.08 -5.81 7.84
C VAL A 21 2.47 -5.55 9.21
N HIS A 22 1.38 -6.25 9.51
CA HIS A 22 0.70 -6.10 10.80
C HIS A 22 1.36 -6.94 11.87
N ASP A 23 0.83 -6.82 13.08
CA ASP A 23 1.27 -7.60 14.25
C ASP A 23 1.30 -9.09 13.92
N ASN A 24 0.23 -9.55 13.27
CA ASN A 24 0.07 -10.97 12.93
C ASN A 24 1.11 -11.39 11.91
N GLY A 25 1.46 -10.46 11.03
CA GLY A 25 2.47 -10.72 10.03
C GLY A 25 1.91 -10.79 8.61
N ASN A 26 0.70 -10.30 8.44
CA ASN A 26 0.05 -10.26 7.13
C ASN A 26 0.42 -9.00 6.36
N ILE A 27 0.49 -9.13 5.04
CA ILE A 27 0.76 -8.00 4.18
C ILE A 27 -0.46 -7.10 4.10
N LEU A 28 -0.30 -5.85 4.52
CA LEU A 28 -1.37 -4.89 4.52
C LEU A 28 -1.33 -4.07 3.24
N ALA A 29 -0.13 -3.65 2.89
CA ALA A 29 0.07 -2.86 1.68
C ALA A 29 1.46 -3.05 1.09
N ASP A 30 1.62 -2.60 -0.13
CA ASP A 30 2.86 -2.68 -0.89
C ASP A 30 3.08 -1.37 -1.64
N SER A 31 4.32 -1.10 -2.05
CA SER A 31 4.64 0.13 -2.80
C SER A 31 3.83 0.23 -4.10
N GLY A 32 3.65 -0.89 -4.78
CA GLY A 32 2.97 -0.89 -6.05
C GLY A 32 3.93 -0.55 -7.18
N GLU A 33 4.77 0.44 -6.91
CA GLU A 33 5.80 0.88 -7.84
C GLU A 33 7.10 0.13 -7.60
N GLY A 34 8.06 0.37 -8.48
CA GLY A 34 9.37 -0.25 -8.37
C GLY A 34 10.42 0.57 -9.10
N TYR A 35 11.47 0.94 -8.39
CA TYR A 35 12.52 1.79 -8.95
C TYR A 35 13.89 1.39 -8.41
N ALA A 36 14.94 1.96 -8.96
CA ALA A 36 16.30 1.60 -8.58
C ALA A 36 16.84 2.46 -7.44
N SER A 37 15.99 3.27 -6.82
CA SER A 37 16.43 4.13 -5.73
C SER A 37 15.66 3.86 -4.44
N LYS A 38 16.42 3.68 -3.36
CA LYS A 38 15.85 3.40 -2.05
C LYS A 38 15.03 4.57 -1.53
N GLN A 39 15.56 5.78 -1.71
CA GLN A 39 14.87 6.98 -1.30
C GLN A 39 13.49 7.05 -1.93
N LYS A 40 13.41 6.74 -3.23
CA LYS A 40 12.15 6.77 -3.96
C LYS A 40 11.12 5.86 -3.30
N ALA A 41 11.57 4.68 -2.90
CA ALA A 41 10.69 3.74 -2.21
C ALA A 41 10.16 4.36 -0.92
N LYS A 42 11.08 4.91 -0.13
CA LYS A 42 10.73 5.53 1.13
C LYS A 42 9.83 6.74 0.93
N GLN A 43 10.08 7.52 -0.13
CA GLN A 43 9.23 8.67 -0.43
C GLN A 43 7.83 8.17 -0.77
N GLY A 44 7.73 6.94 -1.26
CA GLY A 44 6.43 6.37 -1.56
C GLY A 44 5.63 6.19 -0.29
N ILE A 45 6.31 5.69 0.73
CA ILE A 45 5.72 5.51 2.04
C ILE A 45 5.30 6.85 2.62
N GLU A 46 6.19 7.82 2.51
CA GLU A 46 5.90 9.15 3.02
C GLU A 46 4.71 9.76 2.31
N SER A 47 4.65 9.54 1.00
CA SER A 47 3.54 10.03 0.21
C SER A 47 2.25 9.30 0.57
N VAL A 48 2.35 8.02 0.91
CA VAL A 48 1.17 7.24 1.21
C VAL A 48 0.59 7.65 2.56
N LYS A 49 1.45 7.88 3.54
CA LYS A 49 1.00 8.27 4.88
C LYS A 49 0.35 9.65 4.88
N ARG A 50 0.52 10.36 3.78
CA ARG A 50 0.00 11.70 3.62
C ARG A 50 -1.24 11.70 2.72
N ASN A 51 -1.60 10.53 2.21
CA ASN A 51 -2.74 10.40 1.29
C ASN A 51 -3.67 9.27 1.70
N ALA A 52 -3.07 8.18 2.14
CA ALA A 52 -3.81 6.97 2.54
C ALA A 52 -4.86 7.26 3.62
N PRO A 53 -4.51 7.96 4.73
CA PRO A 53 -5.48 8.22 5.80
C PRO A 53 -6.65 9.11 5.35
N ASP A 54 -6.49 9.80 4.23
CA ASP A 54 -7.53 10.71 3.73
C ASP A 54 -8.23 10.13 2.52
N ALA A 55 -7.54 9.24 1.83
CA ALA A 55 -8.05 8.63 0.62
C ALA A 55 -9.28 7.77 0.86
N ASP A 56 -10.25 7.94 -0.02
CA ASP A 56 -11.50 7.19 0.04
C ASP A 56 -11.48 5.98 -0.88
N VAL A 57 -12.18 4.94 -0.47
CA VAL A 57 -12.25 3.70 -1.21
C VAL A 57 -13.33 3.74 -2.29
N ILE A 58 -12.96 3.35 -3.50
CA ILE A 58 -13.91 3.25 -4.59
C ILE A 58 -13.89 1.84 -5.14
N GLU A 59 -15.07 1.31 -5.33
CA GLU A 59 -15.22 -0.02 -5.88
C GLU A 59 -15.23 0.09 -7.40
N ALA A 60 -14.11 -0.28 -8.01
CA ALA A 60 -13.96 -0.17 -9.46
C ALA A 60 -14.77 -1.25 -10.17
N MET B 1 -6.06 18.46 2.21
CA MET B 1 -4.61 18.33 2.42
C MET B 1 -3.96 17.55 1.28
N ASN B 2 -4.65 16.52 0.81
CA ASN B 2 -4.11 15.66 -0.23
C ASN B 2 -5.04 15.55 -1.41
N LYS B 3 -4.56 14.83 -2.42
CA LYS B 3 -5.34 14.50 -3.59
C LYS B 3 -4.98 13.08 -3.99
N ALA B 4 -5.84 12.15 -3.62
CA ALA B 4 -5.64 10.73 -3.87
C ALA B 4 -6.88 9.97 -3.46
N HIS B 5 -6.95 8.70 -3.82
CA HIS B 5 -8.11 7.87 -3.48
C HIS B 5 -7.81 6.41 -3.77
N PHE B 6 -8.44 5.53 -3.01
CA PHE B 6 -8.27 4.09 -3.19
C PHE B 6 -9.27 3.54 -4.21
N GLU B 7 -8.86 2.49 -4.90
CA GLU B 7 -9.70 1.84 -5.90
C GLU B 7 -9.52 0.33 -5.85
N VAL B 8 -10.59 -0.38 -5.53
CA VAL B 8 -10.58 -1.84 -5.46
C VAL B 8 -11.05 -2.42 -6.78
N PHE B 9 -10.33 -3.40 -7.29
CA PHE B 9 -10.66 -4.00 -8.58
C PHE B 9 -10.45 -5.51 -8.53
N VAL B 10 -10.81 -6.19 -9.62
CA VAL B 10 -10.63 -7.64 -9.70
C VAL B 10 -9.40 -8.01 -10.52
N ASP B 11 -8.65 -8.98 -10.00
CA ASP B 11 -7.43 -9.46 -10.62
C ASP B 11 -7.78 -10.47 -11.71
N ALA B 12 -6.75 -10.96 -12.38
CA ALA B 12 -6.92 -11.95 -13.43
C ALA B 12 -7.34 -13.30 -12.85
N ALA B 13 -7.27 -13.41 -11.52
CA ALA B 13 -7.61 -14.64 -10.83
C ALA B 13 -8.87 -14.46 -9.99
N ASP B 14 -9.64 -13.44 -10.32
CA ASP B 14 -10.92 -13.15 -9.67
C ASP B 14 -10.71 -12.66 -8.26
N LYS B 15 -9.66 -11.91 -8.07
CA LYS B 15 -9.31 -11.45 -6.76
C LYS B 15 -9.52 -9.98 -6.62
N TYR B 16 -9.93 -9.61 -5.44
CA TYR B 16 -10.20 -8.24 -5.13
C TYR B 16 -8.96 -7.61 -4.55
N ARG B 17 -8.38 -6.69 -5.30
CA ARG B 17 -7.17 -6.01 -4.89
C ARG B 17 -7.40 -4.53 -5.02
N TRP B 18 -6.45 -3.73 -4.61
CA TRP B 18 -6.62 -2.30 -4.66
C TRP B 18 -5.28 -1.60 -4.77
N ARG B 19 -5.33 -0.36 -5.18
CA ARG B 19 -4.15 0.48 -5.28
C ARG B 19 -4.50 1.90 -4.92
N LEU B 20 -3.54 2.62 -4.40
CA LEU B 20 -3.73 4.01 -4.10
C LEU B 20 -3.16 4.83 -5.23
N VAL B 21 -3.94 5.78 -5.72
CA VAL B 21 -3.54 6.58 -6.86
C VAL B 21 -3.67 8.06 -6.55
N HIS B 22 -2.65 8.83 -6.89
CA HIS B 22 -2.69 10.28 -6.68
C HIS B 22 -3.43 10.93 -7.82
N ASP B 23 -3.67 12.22 -7.69
CA ASP B 23 -4.36 13.01 -8.73
C ASP B 23 -3.60 12.93 -10.06
N ASN B 24 -2.29 12.70 -9.97
CA ASN B 24 -1.43 12.64 -11.14
C ASN B 24 -1.67 11.34 -11.91
N GLY B 25 -2.00 10.31 -11.15
CA GLY B 25 -2.28 9.02 -11.73
C GLY B 25 -1.20 7.98 -11.41
N ASN B 26 -0.30 8.34 -10.50
CA ASN B 26 0.79 7.45 -10.09
C ASN B 26 0.36 6.54 -8.95
N ILE B 27 0.85 5.31 -9.00
CA ILE B 27 0.57 4.33 -7.96
C ILE B 27 1.38 4.65 -6.71
N LEU B 28 0.68 4.82 -5.60
CA LEU B 28 1.32 5.15 -4.34
C LEU B 28 1.46 3.91 -3.48
N ALA B 29 0.38 3.12 -3.47
CA ALA B 29 0.38 1.88 -2.72
C ALA B 29 -0.49 0.82 -3.40
N ASP B 30 -0.35 -0.42 -2.93
CA ASP B 30 -1.06 -1.58 -3.46
C ASP B 30 -1.44 -2.49 -2.30
N SER B 31 -2.50 -3.26 -2.45
CA SER B 31 -2.99 -4.17 -1.41
C SER B 31 -1.92 -5.18 -0.97
N GLY B 32 -1.18 -5.69 -1.95
CA GLY B 32 -0.18 -6.70 -1.65
C GLY B 32 -0.79 -8.09 -1.62
N GLU B 33 -1.97 -8.17 -1.02
CA GLU B 33 -2.73 -9.41 -0.93
C GLU B 33 -3.66 -9.57 -2.14
N GLY B 34 -4.36 -10.69 -2.19
CA GLY B 34 -5.29 -10.95 -3.26
C GLY B 34 -6.18 -12.15 -2.95
N TYR B 35 -7.48 -11.89 -2.80
CA TYR B 35 -8.43 -12.95 -2.46
C TYR B 35 -9.74 -12.73 -3.20
N ALA B 36 -10.58 -13.76 -3.20
CA ALA B 36 -11.85 -13.72 -3.90
C ALA B 36 -12.95 -13.00 -3.13
N SER B 37 -12.60 -12.34 -2.04
CA SER B 37 -13.59 -11.62 -1.25
C SER B 37 -13.38 -10.10 -1.32
N LYS B 38 -14.46 -9.40 -1.67
CA LYS B 38 -14.43 -7.96 -1.82
C LYS B 38 -14.23 -7.27 -0.49
N GLN B 39 -14.90 -7.79 0.53
CA GLN B 39 -14.77 -7.25 1.87
C GLN B 39 -13.31 -7.26 2.31
N LYS B 40 -12.63 -8.39 2.08
CA LYS B 40 -11.24 -8.54 2.48
C LYS B 40 -10.36 -7.47 1.86
N ALA B 41 -10.58 -7.18 0.57
CA ALA B 41 -9.83 -6.14 -0.10
C ALA B 41 -10.03 -4.80 0.60
N LYS B 42 -11.28 -4.46 0.81
CA LYS B 42 -11.63 -3.22 1.46
C LYS B 42 -11.11 -3.17 2.89
N GLN B 43 -11.17 -4.30 3.58
CA GLN B 43 -10.65 -4.37 4.95
C GLN B 43 -9.14 -4.12 4.94
N GLY B 44 -8.49 -4.44 3.82
CA GLY B 44 -7.07 -4.21 3.72
C GLY B 44 -6.78 -2.74 3.78
N ILE B 45 -7.59 -1.98 3.07
CA ILE B 45 -7.49 -0.54 3.06
C ILE B 45 -7.77 0.02 4.45
N GLU B 46 -8.83 -0.47 5.07
CA GLU B 46 -9.20 0.03 6.39
C GLU B 46 -8.10 -0.28 7.40
N SER B 47 -7.49 -1.44 7.24
CA SER B 47 -6.39 -1.83 8.10
C SER B 47 -5.16 -0.95 7.82
N VAL B 48 -4.97 -0.56 6.57
CA VAL B 48 -3.80 0.22 6.22
C VAL B 48 -3.93 1.66 6.74
N LYS B 49 -5.12 2.25 6.62
CA LYS B 49 -5.34 3.62 7.04
C LYS B 49 -5.20 3.79 8.55
N ARG B 50 -5.22 2.68 9.27
CA ARG B 50 -5.13 2.71 10.72
C ARG B 50 -3.75 2.27 11.20
N ASN B 51 -2.89 1.90 10.26
CA ASN B 51 -1.54 1.43 10.59
C ASN B 51 -0.48 2.18 9.80
N ALA B 52 -0.80 2.48 8.56
CA ALA B 52 0.10 3.19 7.66
C ALA B 52 0.58 4.51 8.26
N PRO B 53 -0.34 5.39 8.75
CA PRO B 53 0.06 6.69 9.29
C PRO B 53 0.89 6.58 10.59
N ASP B 54 0.92 5.39 11.18
CA ASP B 54 1.64 5.18 12.44
C ASP B 54 2.90 4.35 12.23
N ALA B 55 2.86 3.53 11.20
CA ALA B 55 3.93 2.60 10.90
C ALA B 55 5.24 3.27 10.50
N ASP B 56 6.32 2.73 11.05
CA ASP B 56 7.68 3.19 10.75
C ASP B 56 8.28 2.37 9.61
N VAL B 57 8.98 3.03 8.73
CA VAL B 57 9.65 2.38 7.62
C VAL B 57 11.05 1.94 8.01
N ILE B 58 11.34 0.68 7.69
CA ILE B 58 12.65 0.10 7.93
C ILE B 58 13.26 -0.32 6.61
N GLU B 59 14.55 -0.17 6.49
CA GLU B 59 15.26 -0.58 5.30
C GLU B 59 15.68 -2.04 5.42
N ALA B 60 14.93 -2.91 4.75
CA ALA B 60 15.18 -4.34 4.83
C ALA B 60 16.33 -4.75 3.93
N MET A 1 -1.48 3.36 18.40
CA MET A 1 -1.84 2.16 19.20
C MET A 1 -1.75 0.91 18.33
N ASN A 2 -1.22 1.08 17.12
CA ASN A 2 -1.14 -0.03 16.17
C ASN A 2 0.16 -0.79 16.30
N LYS A 3 0.14 -1.99 15.76
CA LYS A 3 1.34 -2.78 15.67
C LYS A 3 1.52 -3.16 14.21
N ALA A 4 2.40 -2.43 13.57
CA ALA A 4 2.67 -2.58 12.15
C ALA A 4 3.86 -1.72 11.79
N HIS A 5 4.45 -1.93 10.64
CA HIS A 5 5.62 -1.18 10.25
C HIS A 5 5.92 -1.40 8.77
N PHE A 6 6.51 -0.40 8.15
CA PHE A 6 6.90 -0.47 6.75
C PHE A 6 8.28 -1.08 6.61
N GLU A 7 8.49 -1.79 5.50
CA GLU A 7 9.78 -2.39 5.22
C GLU A 7 10.12 -2.29 3.74
N VAL A 8 11.25 -1.66 3.46
CA VAL A 8 11.72 -1.48 2.09
C VAL A 8 12.70 -2.60 1.73
N PHE A 9 12.55 -3.16 0.55
CA PHE A 9 13.40 -4.26 0.12
C PHE A 9 13.71 -4.16 -1.37
N VAL A 10 14.51 -5.10 -1.86
CA VAL A 10 14.85 -5.17 -3.27
C VAL A 10 14.03 -6.23 -3.98
N ASP A 11 13.48 -5.86 -5.12
CA ASP A 11 12.65 -6.75 -5.91
C ASP A 11 13.54 -7.70 -6.70
N ALA A 12 12.92 -8.59 -7.46
CA ALA A 12 13.66 -9.56 -8.25
C ALA A 12 14.35 -8.88 -9.43
N ALA A 13 13.97 -7.63 -9.67
CA ALA A 13 14.51 -6.86 -10.78
C ALA A 13 15.42 -5.73 -10.29
N ASP A 14 15.87 -5.86 -9.04
CA ASP A 14 16.81 -4.92 -8.40
C ASP A 14 16.14 -3.60 -8.09
N LYS A 15 14.89 -3.68 -7.73
CA LYS A 15 14.12 -2.48 -7.49
C LYS A 15 13.82 -2.31 -6.03
N TYR A 16 13.73 -1.08 -5.65
CA TYR A 16 13.45 -0.73 -4.27
C TYR A 16 11.96 -0.55 -4.09
N ARG A 17 11.37 -1.45 -3.35
CA ARG A 17 9.94 -1.41 -3.10
C ARG A 17 9.70 -1.61 -1.61
N TRP A 18 8.45 -1.57 -1.18
CA TRP A 18 8.15 -1.73 0.23
C TRP A 18 6.79 -2.36 0.44
N ARG A 19 6.57 -2.85 1.65
CA ARG A 19 5.32 -3.47 2.04
C ARG A 19 5.03 -3.18 3.50
N LEU A 20 3.76 -3.07 3.83
CA LEU A 20 3.35 -2.85 5.20
C LEU A 20 2.98 -4.18 5.82
N VAL A 21 3.45 -4.42 7.03
CA VAL A 21 3.22 -5.69 7.68
C VAL A 21 2.65 -5.47 9.08
N HIS A 22 1.57 -6.19 9.39
CA HIS A 22 0.96 -6.11 10.71
C HIS A 22 1.76 -6.94 11.69
N ASP A 23 1.40 -6.86 12.95
CA ASP A 23 2.04 -7.66 14.00
C ASP A 23 2.00 -9.15 13.64
N ASN A 24 0.86 -9.56 13.08
CA ASN A 24 0.62 -10.96 12.72
C ASN A 24 1.61 -11.42 11.67
N GLY A 25 1.99 -10.49 10.80
CA GLY A 25 2.96 -10.80 9.75
C GLY A 25 2.34 -10.80 8.36
N ASN A 26 1.10 -10.34 8.28
CA ASN A 26 0.38 -10.29 7.01
C ASN A 26 0.66 -9.00 6.27
N ILE A 27 0.71 -9.09 4.94
CA ILE A 27 0.91 -7.93 4.09
C ILE A 27 -0.36 -7.10 4.03
N LEU A 28 -0.26 -5.87 4.45
CA LEU A 28 -1.39 -4.95 4.47
C LEU A 28 -1.40 -4.11 3.22
N ALA A 29 -0.22 -3.63 2.87
CA ALA A 29 -0.06 -2.83 1.66
C ALA A 29 1.33 -3.02 1.06
N ASP A 30 1.47 -2.55 -0.17
CA ASP A 30 2.72 -2.62 -0.92
C ASP A 30 2.88 -1.33 -1.70
N SER A 31 4.13 -0.95 -1.99
CA SER A 31 4.42 0.26 -2.77
C SER A 31 3.65 0.29 -4.10
N GLY A 32 3.50 -0.88 -4.73
CA GLY A 32 2.82 -0.96 -6.01
C GLY A 32 3.77 -0.70 -7.16
N GLU A 33 4.57 0.35 -7.01
CA GLU A 33 5.54 0.74 -8.02
C GLU A 33 6.91 0.13 -7.75
N GLY A 34 7.82 0.35 -8.69
CA GLY A 34 9.18 -0.12 -8.55
C GLY A 34 10.15 0.97 -8.99
N TYR A 35 11.23 1.17 -8.24
CA TYR A 35 12.17 2.24 -8.55
C TYR A 35 13.60 1.76 -8.40
N ALA A 36 14.52 2.54 -8.94
CA ALA A 36 15.94 2.20 -8.92
C ALA A 36 16.69 2.86 -7.78
N SER A 37 15.96 3.47 -6.84
CA SER A 37 16.60 4.14 -5.72
C SER A 37 15.85 3.89 -4.41
N LYS A 38 16.63 3.64 -3.38
CA LYS A 38 16.10 3.36 -2.06
C LYS A 38 15.34 4.55 -1.51
N GLN A 39 15.88 5.74 -1.76
CA GLN A 39 15.26 6.98 -1.30
C GLN A 39 13.84 7.09 -1.84
N LYS A 40 13.70 6.85 -3.14
CA LYS A 40 12.42 6.98 -3.83
C LYS A 40 11.37 6.07 -3.18
N ALA A 41 11.75 4.84 -2.89
CA ALA A 41 10.85 3.90 -2.25
C ALA A 41 10.36 4.45 -0.92
N LYS A 42 11.29 4.95 -0.12
CA LYS A 42 10.95 5.52 1.16
C LYS A 42 10.08 6.77 1.01
N GLN A 43 10.33 7.54 -0.04
CA GLN A 43 9.50 8.71 -0.31
C GLN A 43 8.08 8.28 -0.64
N GLY A 44 7.93 7.07 -1.18
CA GLY A 44 6.62 6.56 -1.52
C GLY A 44 5.81 6.32 -0.27
N ILE A 45 6.49 5.80 0.75
CA ILE A 45 5.87 5.57 2.04
C ILE A 45 5.36 6.87 2.63
N GLU A 46 6.17 7.91 2.54
CA GLU A 46 5.77 9.21 3.04
C GLU A 46 4.58 9.72 2.26
N SER A 47 4.62 9.49 0.96
CA SER A 47 3.54 9.89 0.08
C SER A 47 2.26 9.15 0.42
N VAL A 48 2.37 7.88 0.82
CA VAL A 48 1.19 7.11 1.13
C VAL A 48 0.60 7.57 2.47
N LYS A 49 1.47 7.80 3.45
CA LYS A 49 1.03 8.24 4.77
C LYS A 49 0.41 9.64 4.74
N ARG A 50 0.59 10.33 3.61
CA ARG A 50 0.12 11.70 3.45
C ARG A 50 -1.17 11.72 2.62
N ASN A 51 -1.59 10.56 2.15
CA ASN A 51 -2.78 10.45 1.29
C ASN A 51 -3.68 9.31 1.71
N ALA A 52 -3.08 8.20 2.12
CA ALA A 52 -3.79 7.00 2.51
C ALA A 52 -4.83 7.26 3.62
N PRO A 53 -4.46 7.95 4.73
CA PRO A 53 -5.40 8.17 5.82
C PRO A 53 -6.55 9.11 5.43
N ASP A 54 -6.42 9.78 4.28
CA ASP A 54 -7.45 10.71 3.81
C ASP A 54 -8.16 10.16 2.59
N ALA A 55 -7.52 9.22 1.92
CA ALA A 55 -8.04 8.63 0.69
C ALA A 55 -9.25 7.74 0.91
N ASP A 56 -10.23 7.94 0.07
CA ASP A 56 -11.47 7.17 0.08
C ASP A 56 -11.38 6.00 -0.88
N VAL A 57 -11.94 4.87 -0.49
CA VAL A 57 -11.94 3.69 -1.35
C VAL A 57 -13.17 3.63 -2.24
N ILE A 58 -12.92 3.32 -3.51
CA ILE A 58 -13.98 3.19 -4.50
C ILE A 58 -13.96 1.77 -5.05
N GLU A 59 -15.13 1.22 -5.30
CA GLU A 59 -15.22 -0.10 -5.88
C GLU A 59 -15.19 0.03 -7.41
N ALA A 60 -14.05 -0.31 -7.99
CA ALA A 60 -13.87 -0.20 -9.43
C ALA A 60 -14.38 -1.43 -10.15
N MET B 1 -6.34 17.91 2.30
CA MET B 1 -5.25 18.65 1.63
C MET B 1 -4.62 17.78 0.54
N ASN B 2 -5.21 16.63 0.29
CA ASN B 2 -4.63 15.70 -0.67
C ASN B 2 -5.58 15.39 -1.81
N LYS B 3 -4.99 14.89 -2.89
CA LYS B 3 -5.76 14.39 -4.01
C LYS B 3 -5.28 12.98 -4.26
N ALA B 4 -6.08 12.03 -3.80
CA ALA B 4 -5.76 10.62 -3.91
C ALA B 4 -6.95 9.81 -3.42
N HIS B 5 -7.01 8.55 -3.82
CA HIS B 5 -8.15 7.73 -3.46
C HIS B 5 -7.86 6.26 -3.76
N PHE B 6 -8.47 5.38 -2.99
CA PHE B 6 -8.30 3.95 -3.14
C PHE B 6 -9.28 3.40 -4.16
N GLU B 7 -8.87 2.33 -4.84
CA GLU B 7 -9.70 1.70 -5.86
C GLU B 7 -9.55 0.18 -5.82
N VAL B 8 -10.65 -0.50 -5.54
CA VAL B 8 -10.66 -1.96 -5.48
C VAL B 8 -11.09 -2.55 -6.81
N PHE B 9 -10.35 -3.53 -7.30
CA PHE B 9 -10.63 -4.15 -8.60
C PHE B 9 -10.34 -5.65 -8.55
N VAL B 10 -10.61 -6.33 -9.66
CA VAL B 10 -10.38 -7.78 -9.75
C VAL B 10 -9.07 -8.11 -10.47
N ASP B 11 -8.35 -9.07 -9.90
CA ASP B 11 -7.08 -9.54 -10.43
C ASP B 11 -7.34 -10.57 -11.53
N ALA B 12 -6.28 -11.09 -12.10
CA ALA B 12 -6.39 -12.09 -13.15
C ALA B 12 -6.91 -13.41 -12.62
N ALA B 13 -6.88 -13.57 -11.30
CA ALA B 13 -7.30 -14.79 -10.65
C ALA B 13 -8.60 -14.63 -9.89
N ASP B 14 -9.36 -13.59 -10.27
CA ASP B 14 -10.68 -13.30 -9.69
C ASP B 14 -10.55 -12.80 -8.27
N LYS B 15 -9.50 -12.07 -8.03
CA LYS B 15 -9.23 -11.60 -6.70
C LYS B 15 -9.46 -10.14 -6.57
N TYR B 16 -9.86 -9.76 -5.40
CA TYR B 16 -10.16 -8.38 -5.11
C TYR B 16 -8.94 -7.72 -4.51
N ARG B 17 -8.33 -6.85 -5.28
CA ARG B 17 -7.17 -6.12 -4.83
C ARG B 17 -7.46 -4.64 -4.92
N TRP B 18 -6.53 -3.82 -4.48
CA TRP B 18 -6.73 -2.38 -4.53
C TRP B 18 -5.43 -1.65 -4.68
N ARG B 19 -5.53 -0.39 -5.09
CA ARG B 19 -4.37 0.46 -5.30
C ARG B 19 -4.71 1.90 -4.97
N LEU B 20 -3.73 2.61 -4.46
CA LEU B 20 -3.90 4.02 -4.16
C LEU B 20 -3.29 4.83 -5.29
N VAL B 21 -4.02 5.81 -5.77
CA VAL B 21 -3.58 6.61 -6.89
C VAL B 21 -3.62 8.09 -6.54
N HIS B 22 -2.54 8.80 -6.88
CA HIS B 22 -2.46 10.22 -6.61
C HIS B 22 -3.09 11.01 -7.75
N ASP B 23 -3.14 12.32 -7.58
CA ASP B 23 -3.64 13.24 -8.59
C ASP B 23 -2.94 13.02 -9.93
N ASN B 24 -1.63 12.83 -9.87
CA ASN B 24 -0.80 12.64 -11.07
C ASN B 24 -1.22 11.37 -11.80
N GLY B 25 -1.63 10.38 -11.02
CA GLY B 25 -2.05 9.10 -11.58
C GLY B 25 -1.07 7.98 -11.29
N ASN B 26 -0.14 8.26 -10.39
CA ASN B 26 0.87 7.27 -9.99
C ASN B 26 0.36 6.37 -8.88
N ILE B 27 0.77 5.11 -8.92
CA ILE B 27 0.39 4.15 -7.90
C ILE B 27 1.21 4.42 -6.65
N LEU B 28 0.55 4.78 -5.58
CA LEU B 28 1.19 5.09 -4.32
C LEU B 28 1.34 3.84 -3.49
N ALA B 29 0.27 3.07 -3.48
CA ALA B 29 0.27 1.80 -2.76
C ALA B 29 -0.67 0.80 -3.40
N ASP B 30 -0.50 -0.45 -3.01
CA ASP B 30 -1.32 -1.56 -3.50
C ASP B 30 -1.61 -2.48 -2.32
N SER B 31 -2.68 -3.24 -2.43
CA SER B 31 -3.07 -4.20 -1.40
C SER B 31 -1.93 -5.17 -1.04
N GLY B 32 -1.13 -5.54 -2.03
CA GLY B 32 -0.05 -6.47 -1.83
C GLY B 32 -0.52 -7.89 -2.02
N GLU B 33 -1.65 -8.20 -1.42
CA GLU B 33 -2.25 -9.53 -1.48
C GLU B 33 -3.46 -9.56 -2.41
N GLY B 34 -4.04 -10.75 -2.55
CA GLY B 34 -5.22 -10.95 -3.36
C GLY B 34 -6.19 -11.85 -2.65
N TYR B 35 -7.47 -11.50 -2.63
CA TYR B 35 -8.46 -12.27 -1.90
C TYR B 35 -9.69 -12.55 -2.74
N ALA B 36 -10.51 -13.48 -2.29
CA ALA B 36 -11.71 -13.89 -3.00
C ALA B 36 -12.95 -13.10 -2.59
N SER B 37 -12.77 -12.04 -1.82
CA SER B 37 -13.92 -11.25 -1.38
C SER B 37 -13.64 -9.75 -1.46
N LYS B 38 -14.60 -9.00 -1.98
CA LYS B 38 -14.46 -7.57 -2.12
C LYS B 38 -14.34 -6.90 -0.76
N GLN B 39 -15.09 -7.41 0.20
CA GLN B 39 -15.07 -6.89 1.55
C GLN B 39 -13.68 -6.99 2.13
N LYS B 40 -13.03 -8.14 1.90
CA LYS B 40 -11.70 -8.40 2.43
C LYS B 40 -10.69 -7.39 1.87
N ALA B 41 -10.83 -7.07 0.58
CA ALA B 41 -9.95 -6.08 -0.03
C ALA B 41 -10.09 -4.74 0.70
N LYS B 42 -11.33 -4.36 0.95
CA LYS B 42 -11.60 -3.12 1.65
C LYS B 42 -11.07 -3.17 3.06
N GLN B 43 -11.14 -4.35 3.69
CA GLN B 43 -10.61 -4.51 5.04
C GLN B 43 -9.11 -4.26 5.03
N GLY B 44 -8.46 -4.53 3.89
CA GLY B 44 -7.04 -4.27 3.78
C GLY B 44 -6.78 -2.79 3.85
N ILE B 45 -7.63 -2.03 3.16
CA ILE B 45 -7.55 -0.58 3.16
C ILE B 45 -7.83 -0.04 4.57
N GLU B 46 -8.84 -0.59 5.22
CA GLU B 46 -9.18 -0.15 6.57
C GLU B 46 -8.02 -0.44 7.52
N SER B 47 -7.41 -1.59 7.35
CA SER B 47 -6.28 -1.97 8.15
C SER B 47 -5.10 -1.04 7.88
N VAL B 48 -4.96 -0.60 6.62
CA VAL B 48 -3.82 0.23 6.26
C VAL B 48 -4.00 1.65 6.81
N LYS B 49 -5.21 2.20 6.71
CA LYS B 49 -5.47 3.56 7.18
C LYS B 49 -5.37 3.67 8.70
N ARG B 50 -5.32 2.53 9.35
CA ARG B 50 -5.27 2.48 10.80
C ARG B 50 -3.86 2.12 11.29
N ASN B 51 -2.97 1.81 10.35
CA ASN B 51 -1.60 1.38 10.70
C ASN B 51 -0.55 2.15 9.90
N ALA B 52 -0.85 2.41 8.65
CA ALA B 52 0.07 3.11 7.75
C ALA B 52 0.49 4.47 8.29
N PRO B 53 -0.45 5.34 8.73
CA PRO B 53 -0.09 6.67 9.22
C PRO B 53 0.81 6.64 10.47
N ASP B 54 0.86 5.48 11.14
CA ASP B 54 1.66 5.35 12.37
C ASP B 54 2.91 4.53 12.15
N ALA B 55 2.81 3.62 11.22
CA ALA B 55 3.88 2.68 10.92
C ALA B 55 5.19 3.35 10.51
N ASP B 56 6.26 2.82 11.09
CA ASP B 56 7.61 3.26 10.81
C ASP B 56 8.24 2.41 9.72
N VAL B 57 9.00 3.04 8.84
CA VAL B 57 9.67 2.33 7.76
C VAL B 57 11.05 1.84 8.18
N ILE B 58 11.30 0.57 7.86
CA ILE B 58 12.58 -0.07 8.12
C ILE B 58 13.20 -0.51 6.80
N GLU B 59 14.51 -0.47 6.73
CA GLU B 59 15.23 -0.91 5.55
C GLU B 59 15.52 -2.41 5.68
N ALA B 60 14.76 -3.22 4.94
CA ALA B 60 14.86 -4.67 5.02
C ALA B 60 15.94 -5.21 4.10
N MET A 1 -0.51 2.57 19.68
CA MET A 1 -1.86 2.16 19.22
C MET A 1 -1.80 0.93 18.32
N ASN A 2 -1.21 1.09 17.14
CA ASN A 2 -1.17 0.02 16.16
C ASN A 2 0.03 -0.89 16.34
N LYS A 3 0.00 -2.00 15.62
CA LYS A 3 1.13 -2.90 15.56
C LYS A 3 1.36 -3.23 14.09
N ALA A 4 2.29 -2.52 13.51
CA ALA A 4 2.63 -2.64 12.09
C ALA A 4 3.84 -1.78 11.79
N HIS A 5 4.42 -1.97 10.63
CA HIS A 5 5.61 -1.20 10.24
C HIS A 5 5.94 -1.47 8.78
N PHE A 6 6.55 -0.47 8.15
CA PHE A 6 6.97 -0.58 6.76
C PHE A 6 8.36 -1.17 6.65
N GLU A 7 8.61 -1.86 5.54
CA GLU A 7 9.91 -2.47 5.28
C GLU A 7 10.27 -2.32 3.80
N VAL A 8 11.37 -1.64 3.53
CA VAL A 8 11.85 -1.43 2.17
C VAL A 8 12.86 -2.50 1.79
N PHE A 9 12.67 -3.10 0.62
CA PHE A 9 13.53 -4.20 0.18
C PHE A 9 13.81 -4.10 -1.31
N VAL A 10 14.59 -5.05 -1.83
CA VAL A 10 14.95 -5.10 -3.24
C VAL A 10 14.13 -6.14 -4.01
N ASP A 11 13.70 -5.76 -5.20
CA ASP A 11 12.90 -6.62 -6.07
C ASP A 11 13.81 -7.57 -6.84
N ALA A 12 13.22 -8.41 -7.66
CA ALA A 12 13.97 -9.37 -8.46
C ALA A 12 14.79 -8.68 -9.54
N ALA A 13 14.50 -7.39 -9.76
CA ALA A 13 15.17 -6.62 -10.80
C ALA A 13 16.04 -5.52 -10.20
N ASP A 14 16.39 -5.69 -8.92
CA ASP A 14 17.28 -4.76 -8.18
C ASP A 14 16.59 -3.45 -7.91
N LYS A 15 15.30 -3.54 -7.66
CA LYS A 15 14.49 -2.36 -7.46
C LYS A 15 14.08 -2.21 -6.03
N TYR A 16 13.84 -1.01 -5.64
CA TYR A 16 13.48 -0.71 -4.26
C TYR A 16 11.98 -0.61 -4.11
N ARG A 17 11.44 -1.50 -3.30
CA ARG A 17 10.01 -1.53 -3.04
C ARG A 17 9.79 -1.65 -1.55
N TRP A 18 8.54 -1.69 -1.12
CA TRP A 18 8.25 -1.84 0.30
C TRP A 18 6.96 -2.57 0.55
N ARG A 19 6.74 -2.90 1.81
CA ARG A 19 5.59 -3.64 2.26
C ARG A 19 5.20 -3.23 3.65
N LEU A 20 3.90 -3.16 3.91
CA LEU A 20 3.41 -2.88 5.24
C LEU A 20 2.95 -4.20 5.83
N VAL A 21 3.40 -4.49 7.03
CA VAL A 21 3.10 -5.77 7.66
C VAL A 21 2.58 -5.58 9.07
N HIS A 22 1.51 -6.29 9.41
CA HIS A 22 0.96 -6.23 10.76
C HIS A 22 1.75 -7.19 11.64
N ASP A 23 1.50 -7.16 12.93
CA ASP A 23 2.16 -8.06 13.88
C ASP A 23 1.94 -9.54 13.51
N ASN A 24 0.79 -9.82 12.90
CA ASN A 24 0.43 -11.20 12.54
C ASN A 24 1.34 -11.69 11.43
N GLY A 25 1.74 -10.77 10.57
CA GLY A 25 2.63 -11.11 9.47
C GLY A 25 1.94 -11.01 8.13
N ASN A 26 0.76 -10.41 8.12
CA ASN A 26 -0.01 -10.24 6.89
C ASN A 26 0.35 -8.93 6.22
N ILE A 27 0.40 -8.96 4.90
CA ILE A 27 0.70 -7.78 4.11
C ILE A 27 -0.52 -6.88 4.03
N LEU A 28 -0.37 -5.69 4.56
CA LEU A 28 -1.45 -4.72 4.60
C LEU A 28 -1.41 -3.88 3.35
N ALA A 29 -0.19 -3.53 2.94
CA ALA A 29 0.02 -2.76 1.74
C ALA A 29 1.40 -3.03 1.13
N ASP A 30 1.53 -2.62 -0.13
CA ASP A 30 2.75 -2.78 -0.91
C ASP A 30 3.01 -1.49 -1.68
N SER A 31 4.27 -1.23 -2.02
CA SER A 31 4.63 0.00 -2.73
C SER A 31 3.87 0.16 -4.05
N GLY A 32 3.70 -0.92 -4.78
CA GLY A 32 3.03 -0.86 -6.06
C GLY A 32 3.99 -0.42 -7.16
N GLU A 33 4.91 0.46 -6.81
CA GLU A 33 5.92 0.94 -7.74
C GLU A 33 7.21 0.14 -7.61
N GLY A 34 8.15 0.45 -8.49
CA GLY A 34 9.45 -0.18 -8.48
C GLY A 34 10.47 0.65 -9.25
N TYR A 35 11.56 1.02 -8.59
CA TYR A 35 12.58 1.87 -9.20
C TYR A 35 13.95 1.47 -8.70
N ALA A 36 14.97 2.16 -9.18
CA ALA A 36 16.35 1.86 -8.80
C ALA A 36 16.84 2.77 -7.69
N SER A 37 15.93 3.55 -7.09
CA SER A 37 16.32 4.44 -6.01
C SER A 37 15.62 4.08 -4.70
N LYS A 38 16.42 3.95 -3.67
CA LYS A 38 15.95 3.61 -2.33
C LYS A 38 15.16 4.76 -1.75
N GLN A 39 15.57 5.97 -2.12
CA GLN A 39 14.90 7.16 -1.63
C GLN A 39 13.45 7.19 -2.12
N LYS A 40 13.26 6.86 -3.40
CA LYS A 40 11.94 6.86 -4.00
C LYS A 40 11.03 5.87 -3.31
N ALA A 41 11.59 4.73 -2.91
CA ALA A 41 10.82 3.74 -2.17
C ALA A 41 10.24 4.37 -0.91
N LYS A 42 11.09 5.04 -0.16
CA LYS A 42 10.67 5.68 1.06
C LYS A 42 9.70 6.81 0.78
N GLN A 43 9.92 7.53 -0.32
CA GLN A 43 9.01 8.62 -0.70
C GLN A 43 7.62 8.05 -0.97
N GLY A 44 7.56 6.77 -1.37
CA GLY A 44 6.28 6.14 -1.60
C GLY A 44 5.55 5.98 -0.30
N ILE A 45 6.27 5.55 0.72
CA ILE A 45 5.72 5.39 2.06
C ILE A 45 5.28 6.75 2.59
N GLU A 46 6.11 7.76 2.41
CA GLU A 46 5.79 9.11 2.84
C GLU A 46 4.53 9.60 2.14
N SER A 47 4.47 9.36 0.85
CA SER A 47 3.31 9.75 0.06
C SER A 47 2.08 9.00 0.52
N VAL A 48 2.23 7.75 0.93
CA VAL A 48 1.07 6.97 1.33
C VAL A 48 0.57 7.47 2.70
N LYS A 49 1.48 7.72 3.62
CA LYS A 49 1.11 8.19 4.96
C LYS A 49 0.53 9.61 4.90
N ARG A 50 0.68 10.25 3.76
CA ARG A 50 0.22 11.62 3.57
C ARG A 50 -1.07 11.66 2.74
N ASN A 51 -1.53 10.48 2.29
CA ASN A 51 -2.71 10.41 1.43
C ASN A 51 -3.64 9.28 1.83
N ALA A 52 -3.06 8.17 2.24
CA ALA A 52 -3.82 6.97 2.63
C ALA A 52 -4.86 7.28 3.70
N PRO A 53 -4.49 7.95 4.83
CA PRO A 53 -5.45 8.23 5.91
C PRO A 53 -6.60 9.15 5.48
N ASP A 54 -6.47 9.77 4.31
CA ASP A 54 -7.49 10.69 3.81
C ASP A 54 -8.20 10.12 2.59
N ALA A 55 -7.53 9.20 1.93
CA ALA A 55 -8.02 8.61 0.70
C ALA A 55 -9.26 7.73 0.91
N ASP A 56 -10.19 7.88 -0.01
CA ASP A 56 -11.45 7.14 0.01
C ASP A 56 -11.42 5.96 -0.94
N VAL A 57 -12.22 4.95 -0.66
CA VAL A 57 -12.29 3.72 -1.47
C VAL A 57 -13.29 3.85 -2.61
N ILE A 58 -12.88 3.45 -3.80
CA ILE A 58 -13.77 3.44 -4.96
C ILE A 58 -13.68 2.09 -5.67
N GLU A 59 -14.78 1.63 -6.23
CA GLU A 59 -14.77 0.39 -6.99
C GLU A 59 -14.32 0.69 -8.42
N ALA A 60 -13.20 0.09 -8.82
CA ALA A 60 -12.66 0.30 -10.15
C ALA A 60 -13.43 -0.51 -11.18
N MET B 1 -6.61 16.52 3.45
CA MET B 1 -5.38 17.34 3.29
C MET B 1 -4.61 16.94 2.03
N ASN B 2 -5.24 16.13 1.18
CA ASN B 2 -4.54 15.60 0.02
C ASN B 2 -5.44 15.50 -1.20
N LYS B 3 -4.85 14.92 -2.25
CA LYS B 3 -5.55 14.59 -3.46
C LYS B 3 -5.13 13.17 -3.86
N ALA B 4 -5.96 12.20 -3.51
CA ALA B 4 -5.69 10.79 -3.76
C ALA B 4 -6.90 9.97 -3.35
N HIS B 5 -6.92 8.70 -3.75
CA HIS B 5 -8.06 7.86 -3.45
C HIS B 5 -7.75 6.40 -3.77
N PHE B 6 -8.36 5.49 -3.02
CA PHE B 6 -8.17 4.07 -3.22
C PHE B 6 -9.12 3.54 -4.28
N GLU B 7 -8.71 2.48 -4.96
CA GLU B 7 -9.50 1.87 -6.00
C GLU B 7 -9.38 0.35 -5.95
N VAL B 8 -10.50 -0.33 -5.76
CA VAL B 8 -10.55 -1.78 -5.67
C VAL B 8 -10.85 -2.40 -7.03
N PHE B 9 -10.08 -3.41 -7.40
CA PHE B 9 -10.23 -4.06 -8.70
C PHE B 9 -10.06 -5.57 -8.55
N VAL B 10 -10.14 -6.28 -9.66
CA VAL B 10 -10.00 -7.73 -9.67
C VAL B 10 -8.68 -8.19 -10.28
N ASP B 11 -8.08 -9.18 -9.65
CA ASP B 11 -6.81 -9.75 -10.12
C ASP B 11 -7.08 -10.74 -11.24
N ALA B 12 -6.02 -11.32 -11.79
CA ALA B 12 -6.15 -12.25 -12.89
C ALA B 12 -6.83 -13.55 -12.46
N ALA B 13 -6.86 -13.78 -11.15
CA ALA B 13 -7.44 -15.01 -10.60
C ALA B 13 -8.76 -14.73 -9.92
N ASP B 14 -9.39 -13.63 -10.33
CA ASP B 14 -10.68 -13.23 -9.79
C ASP B 14 -10.58 -12.92 -8.31
N LYS B 15 -9.50 -12.27 -7.93
CA LYS B 15 -9.29 -11.87 -6.55
C LYS B 15 -9.59 -10.41 -6.45
N TYR B 16 -9.88 -9.97 -5.25
CA TYR B 16 -10.17 -8.56 -5.03
C TYR B 16 -8.95 -7.89 -4.41
N ARG B 17 -8.42 -6.91 -5.12
CA ARG B 17 -7.25 -6.17 -4.65
C ARG B 17 -7.52 -4.68 -4.81
N TRP B 18 -6.58 -3.85 -4.41
CA TRP B 18 -6.76 -2.42 -4.53
C TRP B 18 -5.45 -1.69 -4.77
N ARG B 19 -5.58 -0.41 -5.06
CA ARG B 19 -4.47 0.44 -5.36
C ARG B 19 -4.75 1.86 -4.90
N LEU B 20 -3.73 2.52 -4.40
CA LEU B 20 -3.85 3.91 -4.02
C LEU B 20 -3.23 4.73 -5.14
N VAL B 21 -3.97 5.72 -5.61
CA VAL B 21 -3.53 6.52 -6.73
C VAL B 21 -3.66 8.00 -6.42
N HIS B 22 -2.63 8.78 -6.73
CA HIS B 22 -2.67 10.21 -6.52
C HIS B 22 -3.42 10.82 -7.69
N ASP B 23 -3.76 12.08 -7.56
CA ASP B 23 -4.48 12.79 -8.63
C ASP B 23 -3.65 12.84 -9.92
N ASN B 24 -2.34 12.60 -9.80
CA ASN B 24 -1.44 12.62 -10.96
C ASN B 24 -1.65 11.37 -11.78
N GLY B 25 -1.95 10.28 -11.07
CA GLY B 25 -2.21 9.01 -11.71
C GLY B 25 -1.15 7.97 -11.38
N ASN B 26 -0.30 8.30 -10.42
CA ASN B 26 0.78 7.41 -10.00
C ASN B 26 0.34 6.48 -8.87
N ILE B 27 0.82 5.25 -8.91
CA ILE B 27 0.52 4.27 -7.87
C ILE B 27 1.31 4.60 -6.61
N LEU B 28 0.61 4.72 -5.49
CA LEU B 28 1.26 5.03 -4.23
C LEU B 28 1.37 3.78 -3.38
N ALA B 29 0.31 2.99 -3.41
CA ALA B 29 0.28 1.74 -2.68
C ALA B 29 -0.64 0.72 -3.34
N ASP B 30 -0.47 -0.53 -2.92
CA ASP B 30 -1.25 -1.66 -3.42
C ASP B 30 -1.59 -2.56 -2.25
N SER B 31 -2.70 -3.27 -2.35
CA SER B 31 -3.12 -4.23 -1.31
C SER B 31 -1.99 -5.21 -0.96
N GLY B 32 -1.21 -5.60 -1.96
CA GLY B 32 -0.13 -6.54 -1.75
C GLY B 32 -0.61 -7.97 -1.87
N GLU B 33 -1.74 -8.23 -1.25
CA GLU B 33 -2.36 -9.55 -1.24
C GLU B 33 -3.68 -9.55 -2.01
N GLY B 34 -4.22 -10.73 -2.24
CA GLY B 34 -5.48 -10.86 -2.94
C GLY B 34 -6.30 -12.00 -2.41
N TYR B 35 -7.60 -11.81 -2.34
CA TYR B 35 -8.51 -12.83 -1.82
C TYR B 35 -9.80 -12.86 -2.62
N ALA B 36 -10.66 -13.83 -2.32
CA ALA B 36 -11.90 -14.03 -3.06
C ALA B 36 -13.07 -13.18 -2.56
N SER B 37 -12.81 -12.21 -1.67
CA SER B 37 -13.89 -11.38 -1.15
C SER B 37 -13.56 -9.89 -1.30
N LYS B 38 -14.52 -9.14 -1.83
CA LYS B 38 -14.34 -7.72 -2.02
C LYS B 38 -14.24 -7.03 -0.68
N GLN B 39 -15.00 -7.55 0.29
CA GLN B 39 -14.98 -7.01 1.64
C GLN B 39 -13.57 -7.03 2.19
N LYS B 40 -12.87 -8.15 1.98
CA LYS B 40 -11.50 -8.29 2.47
C LYS B 40 -10.60 -7.23 1.86
N ALA B 41 -10.79 -6.96 0.57
CA ALA B 41 -10.03 -5.92 -0.10
C ALA B 41 -10.25 -4.58 0.59
N LYS B 42 -11.51 -4.25 0.81
CA LYS B 42 -11.87 -3.00 1.44
C LYS B 42 -11.32 -2.94 2.87
N GLN B 43 -11.41 -4.06 3.59
CA GLN B 43 -10.90 -4.10 4.94
C GLN B 43 -9.38 -3.92 4.93
N GLY B 44 -8.73 -4.28 3.83
CA GLY B 44 -7.30 -4.11 3.74
C GLY B 44 -6.95 -2.64 3.76
N ILE B 45 -7.74 -1.87 3.04
CA ILE B 45 -7.60 -0.42 3.00
C ILE B 45 -7.84 0.16 4.38
N GLU B 46 -8.89 -0.29 5.03
CA GLU B 46 -9.22 0.18 6.37
C GLU B 46 -8.10 -0.19 7.34
N SER B 47 -7.57 -1.38 7.18
CA SER B 47 -6.47 -1.84 8.02
C SER B 47 -5.22 -0.99 7.78
N VAL B 48 -5.02 -0.54 6.55
CA VAL B 48 -3.83 0.22 6.23
C VAL B 48 -3.94 1.63 6.80
N LYS B 49 -5.12 2.25 6.67
CA LYS B 49 -5.35 3.59 7.18
C LYS B 49 -5.29 3.64 8.70
N ARG B 50 -5.30 2.46 9.32
CA ARG B 50 -5.30 2.36 10.77
C ARG B 50 -3.91 2.00 11.29
N ASN B 51 -2.96 1.79 10.38
CA ASN B 51 -1.61 1.36 10.74
C ASN B 51 -0.53 2.13 9.99
N ALA B 52 -0.82 2.43 8.74
CA ALA B 52 0.11 3.14 7.85
C ALA B 52 0.57 4.47 8.43
N PRO B 53 -0.36 5.36 8.88
CA PRO B 53 0.03 6.69 9.38
C PRO B 53 0.92 6.62 10.64
N ASP B 54 0.97 5.45 11.27
CA ASP B 54 1.77 5.28 12.49
C ASP B 54 2.99 4.39 12.25
N ALA B 55 2.91 3.59 11.21
CA ALA B 55 3.95 2.64 10.88
C ALA B 55 5.27 3.30 10.48
N ASP B 56 6.34 2.73 10.98
CA ASP B 56 7.70 3.19 10.72
C ASP B 56 8.37 2.41 9.61
N VAL B 57 9.27 3.08 8.90
CA VAL B 57 10.02 2.48 7.81
C VAL B 57 11.25 1.75 8.31
N ILE B 58 11.48 0.54 7.82
CA ILE B 58 12.65 -0.24 8.18
C ILE B 58 13.41 -0.64 6.92
N GLU B 59 14.73 -0.65 7.00
CA GLU B 59 15.56 -1.06 5.89
C GLU B 59 15.73 -2.58 5.91
N ALA B 60 15.00 -3.27 5.05
CA ALA B 60 15.03 -4.72 5.00
C ALA B 60 16.29 -5.21 4.29
N MET A 1 0.46 3.47 18.66
CA MET A 1 -0.82 2.78 18.94
C MET A 1 -0.85 1.40 18.28
N ASN A 2 -0.82 1.42 16.96
CA ASN A 2 -0.92 0.23 16.14
C ASN A 2 0.30 -0.67 16.24
N LYS A 3 0.15 -1.87 15.72
CA LYS A 3 1.24 -2.80 15.63
C LYS A 3 1.43 -3.17 14.17
N ALA A 4 2.37 -2.49 13.55
CA ALA A 4 2.68 -2.65 12.15
C ALA A 4 3.90 -1.82 11.82
N HIS A 5 4.47 -2.04 10.66
CA HIS A 5 5.68 -1.31 10.28
C HIS A 5 6.00 -1.52 8.81
N PHE A 6 6.60 -0.51 8.20
CA PHE A 6 7.00 -0.56 6.81
C PHE A 6 8.38 -1.17 6.67
N GLU A 7 8.61 -1.83 5.54
CA GLU A 7 9.91 -2.47 5.26
C GLU A 7 10.26 -2.34 3.79
N VAL A 8 11.40 -1.71 3.52
CA VAL A 8 11.88 -1.48 2.16
C VAL A 8 12.88 -2.56 1.75
N PHE A 9 12.74 -3.07 0.54
CA PHE A 9 13.61 -4.13 0.05
C PHE A 9 13.85 -3.99 -1.45
N VAL A 10 14.62 -4.92 -2.03
CA VAL A 10 14.91 -4.90 -3.46
C VAL A 10 14.14 -5.99 -4.22
N ASP A 11 13.62 -5.62 -5.38
CA ASP A 11 12.88 -6.53 -6.25
C ASP A 11 13.85 -7.37 -7.07
N ALA A 12 13.31 -8.26 -7.88
CA ALA A 12 14.13 -9.12 -8.71
C ALA A 12 14.83 -8.32 -9.82
N ALA A 13 14.34 -7.10 -10.04
CA ALA A 13 14.87 -6.25 -11.09
C ALA A 13 15.69 -5.09 -10.52
N ASP A 14 16.17 -5.28 -9.29
CA ASP A 14 17.03 -4.31 -8.59
C ASP A 14 16.25 -3.08 -8.19
N LYS A 15 15.00 -3.27 -7.88
CA LYS A 15 14.14 -2.15 -7.57
C LYS A 15 13.82 -2.08 -6.11
N TYR A 16 13.68 -0.87 -5.67
CA TYR A 16 13.41 -0.60 -4.28
C TYR A 16 11.91 -0.50 -4.07
N ARG A 17 11.40 -1.42 -3.29
CA ARG A 17 9.98 -1.48 -3.00
C ARG A 17 9.79 -1.58 -1.51
N TRP A 18 8.55 -1.62 -1.08
CA TRP A 18 8.25 -1.74 0.34
C TRP A 18 6.90 -2.38 0.55
N ARG A 19 6.67 -2.79 1.79
CA ARG A 19 5.41 -3.41 2.18
C ARG A 19 5.10 -3.10 3.62
N LEU A 20 3.82 -3.06 3.93
CA LEU A 20 3.40 -2.85 5.30
C LEU A 20 3.01 -4.19 5.88
N VAL A 21 3.50 -4.47 7.06
CA VAL A 21 3.27 -5.77 7.69
C VAL A 21 2.74 -5.59 9.10
N HIS A 22 1.65 -6.28 9.41
CA HIS A 22 1.08 -6.23 10.76
C HIS A 22 1.91 -7.12 11.67
N ASP A 23 1.63 -7.08 12.96
CA ASP A 23 2.33 -7.94 13.93
C ASP A 23 2.18 -9.41 13.55
N ASN A 24 1.04 -9.75 12.96
CA ASN A 24 0.72 -11.12 12.58
C ASN A 24 1.68 -11.61 11.51
N GLY A 25 2.08 -10.68 10.65
CA GLY A 25 3.00 -10.99 9.58
C GLY A 25 2.33 -10.99 8.22
N ASN A 26 1.13 -10.43 8.17
CA ASN A 26 0.37 -10.33 6.92
C ASN A 26 0.67 -9.03 6.20
N ILE A 27 0.70 -9.11 4.87
CA ILE A 27 0.94 -7.95 4.02
C ILE A 27 -0.32 -7.09 3.98
N LEU A 28 -0.19 -5.86 4.45
CA LEU A 28 -1.30 -4.93 4.48
C LEU A 28 -1.31 -4.08 3.23
N ALA A 29 -0.11 -3.63 2.88
CA ALA A 29 0.08 -2.84 1.67
C ALA A 29 1.47 -3.04 1.07
N ASP A 30 1.62 -2.64 -0.18
CA ASP A 30 2.87 -2.73 -0.91
C ASP A 30 3.06 -1.45 -1.72
N SER A 31 4.30 -1.14 -2.07
CA SER A 31 4.61 0.07 -2.86
C SER A 31 3.77 0.12 -4.14
N GLY A 32 3.48 -1.05 -4.69
CA GLY A 32 2.70 -1.14 -5.92
C GLY A 32 3.57 -1.00 -7.14
N GLU A 33 4.54 -0.12 -7.03
CA GLU A 33 5.50 0.11 -8.10
C GLU A 33 6.91 -0.22 -7.64
N GLY A 34 7.82 -0.20 -8.59
CA GLY A 34 9.21 -0.48 -8.30
C GLY A 34 10.09 0.61 -8.86
N TYR A 35 11.09 1.03 -8.11
CA TYR A 35 11.93 2.13 -8.53
C TYR A 35 13.41 1.83 -8.38
N ALA A 36 14.25 2.69 -8.94
CA ALA A 36 15.70 2.49 -8.92
C ALA A 36 16.40 3.16 -7.75
N SER A 37 15.64 3.67 -6.77
CA SER A 37 16.26 4.34 -5.63
C SER A 37 15.54 4.03 -4.33
N LYS A 38 16.31 3.82 -3.28
CA LYS A 38 15.79 3.55 -1.96
C LYS A 38 15.02 4.76 -1.44
N GLN A 39 15.53 5.94 -1.74
CA GLN A 39 14.89 7.17 -1.33
C GLN A 39 13.49 7.24 -1.91
N LYS A 40 13.37 6.92 -3.20
CA LYS A 40 12.10 6.94 -3.90
C LYS A 40 11.10 6.00 -3.26
N ALA A 41 11.57 4.82 -2.86
CA ALA A 41 10.74 3.85 -2.19
C ALA A 41 10.18 4.44 -0.92
N LYS A 42 11.07 5.03 -0.12
CA LYS A 42 10.67 5.64 1.13
C LYS A 42 9.76 6.84 0.88
N GLN A 43 10.00 7.56 -0.20
CA GLN A 43 9.13 8.68 -0.56
C GLN A 43 7.73 8.15 -0.87
N GLY A 44 7.65 6.91 -1.31
CA GLY A 44 6.35 6.30 -1.58
C GLY A 44 5.59 6.12 -0.30
N ILE A 45 6.30 5.65 0.71
CA ILE A 45 5.75 5.47 2.04
C ILE A 45 5.29 6.82 2.60
N GLU A 46 6.14 7.83 2.42
CA GLU A 46 5.81 9.17 2.87
C GLU A 46 4.57 9.67 2.14
N SER A 47 4.54 9.45 0.84
CA SER A 47 3.42 9.86 0.02
C SER A 47 2.15 9.12 0.43
N VAL A 48 2.30 7.86 0.84
CA VAL A 48 1.13 7.07 1.20
C VAL A 48 0.60 7.53 2.55
N LYS A 49 1.49 7.80 3.51
CA LYS A 49 1.08 8.23 4.84
C LYS A 49 0.44 9.61 4.81
N ARG A 50 0.56 10.30 3.68
CA ARG A 50 0.04 11.64 3.52
C ARG A 50 -1.24 11.66 2.68
N ASN A 51 -1.63 10.49 2.18
CA ASN A 51 -2.81 10.37 1.31
C ASN A 51 -3.71 9.24 1.75
N ALA A 52 -3.11 8.13 2.14
CA ALA A 52 -3.83 6.93 2.56
C ALA A 52 -4.83 7.21 3.69
N PRO A 53 -4.41 7.87 4.80
CA PRO A 53 -5.32 8.11 5.93
C PRO A 53 -6.51 9.01 5.60
N ASP A 54 -6.51 9.62 4.42
CA ASP A 54 -7.61 10.51 4.02
C ASP A 54 -8.32 10.01 2.77
N ALA A 55 -7.62 9.21 1.99
CA ALA A 55 -8.12 8.70 0.72
C ALA A 55 -9.35 7.81 0.89
N ASP A 56 -10.31 8.03 0.02
CA ASP A 56 -11.55 7.27 0.00
C ASP A 56 -11.45 6.10 -0.96
N VAL A 57 -11.98 4.96 -0.55
CA VAL A 57 -11.95 3.76 -1.37
C VAL A 57 -13.16 3.64 -2.27
N ILE A 58 -12.87 3.39 -3.54
CA ILE A 58 -13.89 3.19 -4.54
C ILE A 58 -13.81 1.76 -5.04
N GLU A 59 -14.93 1.15 -5.27
CA GLU A 59 -14.97 -0.21 -5.78
C GLU A 59 -15.05 -0.16 -7.31
N ALA A 60 -13.92 -0.39 -7.95
CA ALA A 60 -13.80 -0.33 -9.39
C ALA A 60 -14.19 -1.65 -10.04
N MET B 1 -6.11 19.01 1.26
CA MET B 1 -4.99 18.37 1.98
C MET B 1 -4.26 17.44 1.02
N ASN B 2 -4.85 16.30 0.73
CA ASN B 2 -4.23 15.32 -0.14
C ASN B 2 -4.94 15.25 -1.48
N LYS B 3 -4.35 14.52 -2.39
CA LYS B 3 -4.96 14.26 -3.68
C LYS B 3 -4.72 12.80 -4.02
N ALA B 4 -5.71 11.97 -3.71
CA ALA B 4 -5.60 10.54 -3.92
C ALA B 4 -6.91 9.86 -3.56
N HIS B 5 -6.99 8.58 -3.84
CA HIS B 5 -8.16 7.79 -3.52
C HIS B 5 -7.87 6.32 -3.77
N PHE B 6 -8.48 5.46 -2.98
CA PHE B 6 -8.30 4.03 -3.11
C PHE B 6 -9.26 3.46 -4.16
N GLU B 7 -8.82 2.41 -4.85
CA GLU B 7 -9.63 1.77 -5.86
C GLU B 7 -9.47 0.25 -5.81
N VAL B 8 -10.57 -0.44 -5.57
CA VAL B 8 -10.57 -1.91 -5.50
C VAL B 8 -10.91 -2.48 -6.89
N PHE B 9 -10.15 -3.49 -7.31
CA PHE B 9 -10.33 -4.08 -8.62
C PHE B 9 -10.04 -5.58 -8.58
N VAL B 10 -10.09 -6.22 -9.74
CA VAL B 10 -9.86 -7.66 -9.85
C VAL B 10 -8.45 -7.99 -10.39
N ASP B 11 -7.86 -9.02 -9.78
CA ASP B 11 -6.53 -9.52 -10.17
C ASP B 11 -6.68 -10.43 -11.39
N ALA B 12 -5.57 -10.98 -11.84
CA ALA B 12 -5.58 -11.90 -12.97
C ALA B 12 -6.21 -13.23 -12.57
N ALA B 13 -6.30 -13.46 -11.27
CA ALA B 13 -6.83 -14.70 -10.74
C ALA B 13 -8.23 -14.52 -10.14
N ASP B 14 -8.89 -13.43 -10.53
CA ASP B 14 -10.27 -13.11 -10.10
C ASP B 14 -10.31 -12.76 -8.64
N LYS B 15 -9.31 -12.02 -8.21
CA LYS B 15 -9.19 -11.65 -6.82
C LYS B 15 -9.38 -10.18 -6.64
N TYR B 16 -9.85 -9.82 -5.48
CA TYR B 16 -10.11 -8.44 -5.17
C TYR B 16 -8.91 -7.81 -4.52
N ARG B 17 -8.40 -6.79 -5.17
CA ARG B 17 -7.22 -6.08 -4.71
C ARG B 17 -7.52 -4.61 -4.75
N TRP B 18 -6.55 -3.80 -4.39
CA TRP B 18 -6.71 -2.37 -4.44
C TRP B 18 -5.38 -1.67 -4.56
N ARG B 19 -5.45 -0.40 -4.93
CA ARG B 19 -4.29 0.44 -5.09
C ARG B 19 -4.63 1.87 -4.79
N LEU B 20 -3.66 2.58 -4.26
CA LEU B 20 -3.84 3.99 -4.00
C LEU B 20 -3.25 4.76 -5.15
N VAL B 21 -4.01 5.68 -5.69
CA VAL B 21 -3.59 6.43 -6.84
C VAL B 21 -3.67 7.92 -6.57
N HIS B 22 -2.59 8.64 -6.88
CA HIS B 22 -2.57 10.08 -6.71
C HIS B 22 -3.30 10.72 -7.87
N ASP B 23 -3.57 12.00 -7.78
CA ASP B 23 -4.25 12.75 -8.83
C ASP B 23 -3.47 12.65 -10.16
N ASN B 24 -2.16 12.45 -10.04
CA ASN B 24 -1.28 12.37 -11.20
C ASN B 24 -1.53 11.07 -11.95
N GLY B 25 -1.88 10.04 -11.19
CA GLY B 25 -2.18 8.74 -11.75
C GLY B 25 -1.14 7.69 -11.41
N ASN B 26 -0.26 8.02 -10.48
CA ASN B 26 0.79 7.09 -10.06
C ASN B 26 0.32 6.22 -8.90
N ILE B 27 0.77 4.98 -8.90
CA ILE B 27 0.42 4.03 -7.85
C ILE B 27 1.26 4.31 -6.62
N LEU B 28 0.58 4.68 -5.54
CA LEU B 28 1.24 5.03 -4.29
C LEU B 28 1.39 3.80 -3.44
N ALA B 29 0.33 3.01 -3.41
CA ALA B 29 0.33 1.75 -2.68
C ALA B 29 -0.60 0.73 -3.32
N ASP B 30 -0.43 -0.51 -2.93
CA ASP B 30 -1.22 -1.63 -3.45
C ASP B 30 -1.56 -2.57 -2.29
N SER B 31 -2.64 -3.32 -2.41
CA SER B 31 -3.06 -4.27 -1.37
C SER B 31 -1.95 -5.24 -1.00
N GLY B 32 -1.13 -5.59 -1.98
CA GLY B 32 -0.05 -6.52 -1.78
C GLY B 32 -0.51 -7.96 -1.93
N GLU B 33 -1.75 -8.20 -1.53
CA GLU B 33 -2.36 -9.51 -1.63
C GLU B 33 -3.64 -9.48 -2.45
N GLY B 34 -4.10 -10.67 -2.80
CA GLY B 34 -5.34 -10.82 -3.54
C GLY B 34 -6.32 -11.62 -2.73
N TYR B 35 -7.59 -11.24 -2.76
CA TYR B 35 -8.59 -11.89 -1.93
C TYR B 35 -9.78 -12.36 -2.74
N ALA B 36 -10.65 -13.13 -2.11
CA ALA B 36 -11.81 -13.68 -2.79
C ALA B 36 -13.08 -12.89 -2.49
N SER B 37 -12.95 -11.74 -1.85
CA SER B 37 -14.12 -10.94 -1.52
C SER B 37 -13.80 -9.46 -1.64
N LYS B 38 -14.72 -8.72 -2.22
CA LYS B 38 -14.57 -7.29 -2.39
C LYS B 38 -14.48 -6.59 -1.04
N GLN B 39 -15.28 -7.06 -0.09
CA GLN B 39 -15.26 -6.51 1.26
C GLN B 39 -13.88 -6.69 1.89
N LYS B 40 -13.28 -7.85 1.65
CA LYS B 40 -11.99 -8.18 2.22
C LYS B 40 -10.92 -7.20 1.75
N ALA B 41 -10.99 -6.86 0.47
CA ALA B 41 -10.05 -5.89 -0.09
C ALA B 41 -10.16 -4.57 0.65
N LYS B 42 -11.39 -4.15 0.89
CA LYS B 42 -11.64 -2.91 1.60
C LYS B 42 -11.14 -2.99 3.03
N GLN B 43 -11.24 -4.16 3.64
CA GLN B 43 -10.75 -4.35 5.00
C GLN B 43 -9.23 -4.12 5.03
N GLY B 44 -8.57 -4.44 3.93
CA GLY B 44 -7.13 -4.22 3.85
C GLY B 44 -6.84 -2.74 3.89
N ILE B 45 -7.65 -1.98 3.18
CA ILE B 45 -7.55 -0.54 3.15
C ILE B 45 -7.81 0.04 4.54
N GLU B 46 -8.82 -0.47 5.22
CA GLU B 46 -9.14 0.01 6.56
C GLU B 46 -8.00 -0.29 7.51
N SER B 47 -7.45 -1.48 7.37
CA SER B 47 -6.31 -1.89 8.18
C SER B 47 -5.11 -1.01 7.91
N VAL B 48 -4.92 -0.62 6.65
CA VAL B 48 -3.76 0.16 6.28
C VAL B 48 -3.90 1.59 6.78
N LYS B 49 -5.09 2.18 6.65
CA LYS B 49 -5.31 3.57 7.05
C LYS B 49 -5.16 3.79 8.54
N ARG B 50 -5.19 2.71 9.30
CA ARG B 50 -5.09 2.81 10.75
C ARG B 50 -3.70 2.35 11.24
N ASN B 51 -2.87 1.90 10.31
CA ASN B 51 -1.52 1.41 10.65
C ASN B 51 -0.47 2.17 9.87
N ALA B 52 -0.77 2.44 8.62
CA ALA B 52 0.15 3.14 7.72
C ALA B 52 0.59 4.49 8.27
N PRO B 53 -0.34 5.38 8.70
CA PRO B 53 0.05 6.71 9.18
C PRO B 53 0.92 6.68 10.44
N ASP B 54 1.01 5.52 11.09
CA ASP B 54 1.80 5.40 12.32
C ASP B 54 2.98 4.45 12.17
N ALA B 55 2.90 3.60 11.17
CA ALA B 55 3.92 2.59 10.93
C ALA B 55 5.27 3.20 10.57
N ASP B 56 6.29 2.63 11.18
CA ASP B 56 7.67 3.05 10.96
C ASP B 56 8.30 2.24 9.84
N VAL B 57 9.01 2.93 8.97
CA VAL B 57 9.69 2.27 7.86
C VAL B 57 11.09 1.82 8.23
N ILE B 58 11.36 0.56 7.93
CA ILE B 58 12.65 -0.05 8.17
C ILE B 58 13.28 -0.41 6.84
N GLU B 59 14.58 -0.21 6.73
CA GLU B 59 15.31 -0.57 5.54
C GLU B 59 15.81 -2.00 5.69
N ALA B 60 15.19 -2.93 4.97
CA ALA B 60 15.54 -4.33 5.07
C ALA B 60 16.83 -4.64 4.31
N MET A 1 -0.59 2.47 19.31
CA MET A 1 -1.97 2.19 18.87
C MET A 1 -2.01 0.94 18.01
N ASN A 2 -1.32 1.01 16.88
CA ASN A 2 -1.31 -0.06 15.90
C ASN A 2 -0.17 -1.05 16.13
N LYS A 3 -0.17 -2.11 15.36
CA LYS A 3 0.91 -3.06 15.34
C LYS A 3 1.23 -3.37 13.90
N ALA A 4 2.23 -2.67 13.38
CA ALA A 4 2.65 -2.78 12.00
C ALA A 4 3.90 -1.95 11.78
N HIS A 5 4.50 -2.10 10.60
CA HIS A 5 5.69 -1.35 10.26
C HIS A 5 6.01 -1.55 8.79
N PHE A 6 6.59 -0.54 8.17
CA PHE A 6 6.97 -0.60 6.77
C PHE A 6 8.34 -1.25 6.62
N GLU A 7 8.54 -1.92 5.51
CA GLU A 7 9.80 -2.57 5.21
C GLU A 7 10.18 -2.40 3.76
N VAL A 8 11.31 -1.74 3.51
CA VAL A 8 11.80 -1.53 2.14
C VAL A 8 12.72 -2.67 1.75
N PHE A 9 12.53 -3.20 0.55
CA PHE A 9 13.31 -4.33 0.07
C PHE A 9 13.60 -4.18 -1.43
N VAL A 10 14.36 -5.14 -1.97
CA VAL A 10 14.71 -5.13 -3.39
C VAL A 10 13.87 -6.13 -4.19
N ASP A 11 13.43 -5.70 -5.37
CA ASP A 11 12.63 -6.51 -6.27
C ASP A 11 13.53 -7.47 -7.03
N ALA A 12 12.92 -8.30 -7.85
CA ALA A 12 13.65 -9.27 -8.65
C ALA A 12 14.47 -8.58 -9.73
N ALA A 13 14.20 -7.30 -9.94
CA ALA A 13 14.87 -6.52 -10.97
C ALA A 13 15.73 -5.41 -10.37
N ASP A 14 16.14 -5.61 -9.11
CA ASP A 14 17.03 -4.69 -8.38
C ASP A 14 16.33 -3.38 -8.06
N LYS A 15 15.05 -3.46 -7.77
CA LYS A 15 14.29 -2.27 -7.53
C LYS A 15 13.88 -2.15 -6.08
N TYR A 16 13.82 -0.94 -5.64
CA TYR A 16 13.48 -0.64 -4.28
C TYR A 16 11.99 -0.47 -4.11
N ARG A 17 11.44 -1.32 -3.26
CA ARG A 17 10.02 -1.33 -3.00
C ARG A 17 9.80 -1.45 -1.51
N TRP A 18 8.55 -1.49 -1.08
CA TRP A 18 8.26 -1.62 0.34
C TRP A 18 6.94 -2.31 0.58
N ARG A 19 6.77 -2.79 1.80
CA ARG A 19 5.58 -3.51 2.19
C ARG A 19 5.20 -3.18 3.62
N LEU A 20 3.90 -3.10 3.88
CA LEU A 20 3.43 -2.87 5.23
C LEU A 20 3.01 -4.21 5.79
N VAL A 21 3.48 -4.53 6.98
CA VAL A 21 3.21 -5.83 7.57
C VAL A 21 2.65 -5.65 8.99
N HIS A 22 1.57 -6.37 9.28
CA HIS A 22 0.97 -6.32 10.60
C HIS A 22 1.70 -7.29 11.51
N ASP A 23 1.36 -7.29 12.79
CA ASP A 23 1.95 -8.21 13.77
C ASP A 23 1.81 -9.66 13.32
N ASN A 24 0.65 -9.99 12.74
CA ASN A 24 0.36 -11.35 12.27
C ASN A 24 1.37 -11.78 11.22
N GLY A 25 1.81 -10.80 10.44
CA GLY A 25 2.77 -11.06 9.39
C GLY A 25 2.14 -10.97 8.01
N ASN A 26 0.93 -10.44 7.96
CA ASN A 26 0.22 -10.28 6.70
C ASN A 26 0.57 -8.97 6.03
N ILE A 27 0.66 -9.01 4.70
CA ILE A 27 0.95 -7.83 3.92
C ILE A 27 -0.29 -6.96 3.84
N LEU A 28 -0.20 -5.77 4.41
CA LEU A 28 -1.33 -4.86 4.45
C LEU A 28 -1.33 -3.99 3.20
N ALA A 29 -0.14 -3.54 2.84
CA ALA A 29 0.03 -2.73 1.66
C ALA A 29 1.42 -2.93 1.05
N ASP A 30 1.55 -2.45 -0.17
CA ASP A 30 2.79 -2.54 -0.92
C ASP A 30 3.04 -1.26 -1.69
N SER A 31 4.29 -0.99 -1.99
CA SER A 31 4.67 0.18 -2.79
C SER A 31 3.91 0.22 -4.12
N GLY A 32 3.69 -0.95 -4.71
CA GLY A 32 2.99 -1.05 -5.98
C GLY A 32 3.97 -0.91 -7.13
N GLU A 33 4.79 0.12 -7.06
CA GLU A 33 5.77 0.44 -8.08
C GLU A 33 7.17 -0.01 -7.68
N GLY A 34 8.13 0.20 -8.56
CA GLY A 34 9.51 -0.15 -8.30
C GLY A 34 10.46 0.84 -8.93
N TYR A 35 11.53 1.16 -8.23
CA TYR A 35 12.50 2.16 -8.70
C TYR A 35 13.91 1.73 -8.35
N ALA A 36 14.91 2.40 -8.93
CA ALA A 36 16.31 2.05 -8.73
C ALA A 36 16.94 2.83 -7.58
N SER A 37 16.13 3.54 -6.82
CA SER A 37 16.64 4.33 -5.71
C SER A 37 15.86 4.05 -4.42
N LYS A 38 16.62 3.78 -3.34
CA LYS A 38 16.04 3.45 -2.05
C LYS A 38 15.27 4.62 -1.46
N GLN A 39 15.82 5.81 -1.59
CA GLN A 39 15.18 7.02 -1.08
C GLN A 39 13.82 7.22 -1.74
N LYS A 40 13.74 6.89 -3.03
CA LYS A 40 12.51 7.04 -3.80
C LYS A 40 11.42 6.15 -3.21
N ALA A 41 11.79 4.92 -2.86
CA ALA A 41 10.85 3.99 -2.27
C ALA A 41 10.27 4.57 -0.98
N LYS A 42 11.14 5.21 -0.21
CA LYS A 42 10.72 5.82 1.03
C LYS A 42 9.76 6.96 0.78
N GLN A 43 9.96 7.67 -0.32
CA GLN A 43 9.07 8.76 -0.69
C GLN A 43 7.68 8.20 -0.94
N GLY A 44 7.61 6.95 -1.41
CA GLY A 44 6.33 6.32 -1.63
C GLY A 44 5.61 6.11 -0.31
N ILE A 45 6.36 5.72 0.70
CA ILE A 45 5.84 5.52 2.04
C ILE A 45 5.30 6.84 2.60
N GLU A 46 6.05 7.91 2.37
CA GLU A 46 5.62 9.24 2.81
C GLU A 46 4.34 9.62 2.10
N SER A 47 4.31 9.36 0.80
CA SER A 47 3.17 9.67 -0.02
C SER A 47 1.94 8.92 0.46
N VAL A 48 2.12 7.70 0.91
CA VAL A 48 0.98 6.91 1.33
C VAL A 48 0.46 7.41 2.68
N LYS A 49 1.37 7.69 3.60
CA LYS A 49 0.98 8.12 4.95
C LYS A 49 0.30 9.49 4.95
N ARG A 50 0.44 10.21 3.85
CA ARG A 50 -0.10 11.54 3.74
C ARG A 50 -1.34 11.57 2.84
N ASN A 51 -1.70 10.41 2.28
CA ASN A 51 -2.85 10.32 1.38
C ASN A 51 -3.76 9.16 1.74
N ALA A 52 -3.18 8.07 2.17
CA ALA A 52 -3.92 6.86 2.54
C ALA A 52 -4.95 7.11 3.64
N PRO A 53 -4.57 7.75 4.78
CA PRO A 53 -5.53 7.96 5.87
C PRO A 53 -6.65 8.94 5.51
N ASP A 54 -6.58 9.53 4.32
CA ASP A 54 -7.60 10.50 3.88
C ASP A 54 -8.33 10.06 2.62
N ALA A 55 -7.68 9.20 1.86
CA ALA A 55 -8.21 8.73 0.59
C ALA A 55 -9.45 7.87 0.73
N ASP A 56 -10.39 8.11 -0.17
CA ASP A 56 -11.65 7.36 -0.23
C ASP A 56 -11.53 6.14 -1.13
N VAL A 57 -12.05 5.02 -0.65
CA VAL A 57 -12.04 3.78 -1.42
C VAL A 57 -13.25 3.66 -2.33
N ILE A 58 -12.99 3.32 -3.58
CA ILE A 58 -14.03 3.12 -4.57
C ILE A 58 -13.89 1.74 -5.16
N GLU A 59 -14.99 1.11 -5.50
CA GLU A 59 -14.94 -0.19 -6.15
C GLU A 59 -14.86 0.04 -7.66
N ALA A 60 -13.72 -0.34 -8.24
CA ALA A 60 -13.49 -0.14 -9.66
C ALA A 60 -14.29 -1.11 -10.51
N MET B 1 -7.22 17.93 2.06
CA MET B 1 -5.75 18.12 2.09
C MET B 1 -5.09 17.38 0.94
N ASN B 2 -5.23 16.06 0.95
CA ASN B 2 -4.58 15.19 -0.02
C ASN B 2 -5.34 15.12 -1.33
N LYS B 3 -4.64 14.63 -2.35
CA LYS B 3 -5.25 14.38 -3.62
C LYS B 3 -4.91 12.94 -3.99
N ALA B 4 -5.83 12.05 -3.70
CA ALA B 4 -5.64 10.63 -3.92
C ALA B 4 -6.92 9.89 -3.60
N HIS B 5 -6.97 8.61 -3.93
CA HIS B 5 -8.15 7.81 -3.64
C HIS B 5 -7.86 6.33 -3.87
N PHE B 6 -8.51 5.49 -3.08
CA PHE B 6 -8.36 4.05 -3.18
C PHE B 6 -9.31 3.45 -4.20
N GLU B 7 -8.87 2.40 -4.88
CA GLU B 7 -9.69 1.72 -5.88
C GLU B 7 -9.48 0.22 -5.82
N VAL B 8 -10.57 -0.50 -5.60
CA VAL B 8 -10.56 -1.96 -5.51
C VAL B 8 -10.86 -2.58 -6.87
N PHE B 9 -10.09 -3.61 -7.24
CA PHE B 9 -10.24 -4.25 -8.54
C PHE B 9 -9.99 -5.76 -8.41
N VAL B 10 -10.06 -6.47 -9.54
CA VAL B 10 -9.86 -7.92 -9.55
C VAL B 10 -8.51 -8.32 -10.16
N ASP B 11 -7.88 -9.32 -9.55
CA ASP B 11 -6.60 -9.85 -10.01
C ASP B 11 -6.83 -10.86 -11.12
N ALA B 12 -5.76 -11.40 -11.64
CA ALA B 12 -5.84 -12.39 -12.70
C ALA B 12 -6.45 -13.69 -12.19
N ALA B 13 -6.45 -13.84 -10.88
CA ALA B 13 -6.95 -15.05 -10.23
C ALA B 13 -8.32 -14.81 -9.60
N ASP B 14 -8.99 -13.74 -10.05
CA ASP B 14 -10.34 -13.39 -9.61
C ASP B 14 -10.34 -12.91 -8.19
N LYS B 15 -9.29 -12.23 -7.83
CA LYS B 15 -9.12 -11.79 -6.47
C LYS B 15 -9.31 -10.30 -6.34
N TYR B 16 -9.78 -9.93 -5.21
CA TYR B 16 -10.07 -8.53 -4.94
C TYR B 16 -8.87 -7.87 -4.30
N ARG B 17 -8.37 -6.86 -4.98
CA ARG B 17 -7.21 -6.11 -4.54
C ARG B 17 -7.50 -4.64 -4.65
N TRP B 18 -6.53 -3.81 -4.32
CA TRP B 18 -6.71 -2.37 -4.43
C TRP B 18 -5.41 -1.66 -4.59
N ARG B 19 -5.50 -0.37 -4.93
CA ARG B 19 -4.36 0.49 -5.11
C ARG B 19 -4.72 1.93 -4.78
N LEU B 20 -3.71 2.69 -4.40
CA LEU B 20 -3.88 4.09 -4.12
C LEU B 20 -3.31 4.88 -5.28
N VAL B 21 -4.06 5.86 -5.76
CA VAL B 21 -3.65 6.63 -6.92
C VAL B 21 -3.68 8.11 -6.60
N HIS B 22 -2.60 8.81 -6.94
CA HIS B 22 -2.52 10.25 -6.70
C HIS B 22 -3.18 11.02 -7.85
N ASP B 23 -3.27 12.33 -7.70
CA ASP B 23 -3.83 13.23 -8.72
C ASP B 23 -3.16 13.03 -10.09
N ASN B 24 -1.86 12.70 -10.08
CA ASN B 24 -1.10 12.50 -11.32
C ASN B 24 -1.54 11.22 -12.00
N GLY B 25 -1.90 10.25 -11.19
CA GLY B 25 -2.34 8.96 -11.70
C GLY B 25 -1.34 7.85 -11.39
N ASN B 26 -0.36 8.16 -10.56
CA ASN B 26 0.66 7.20 -10.18
C ASN B 26 0.24 6.32 -9.02
N ILE B 27 0.66 5.06 -9.06
CA ILE B 27 0.38 4.11 -8.00
C ILE B 27 1.25 4.43 -6.79
N LEU B 28 0.60 4.73 -5.69
CA LEU B 28 1.28 5.08 -4.46
C LEU B 28 1.45 3.85 -3.61
N ALA B 29 0.37 3.08 -3.55
CA ALA B 29 0.37 1.83 -2.81
C ALA B 29 -0.60 0.84 -3.42
N ASP B 30 -0.42 -0.42 -3.05
CA ASP B 30 -1.26 -1.51 -3.52
C ASP B 30 -1.58 -2.42 -2.34
N SER B 31 -2.69 -3.14 -2.43
CA SER B 31 -3.10 -4.07 -1.37
C SER B 31 -1.97 -5.04 -0.99
N GLY B 32 -1.20 -5.46 -1.99
CA GLY B 32 -0.11 -6.40 -1.76
C GLY B 32 -0.60 -7.83 -1.82
N GLU B 33 -1.71 -8.08 -1.15
CA GLU B 33 -2.32 -9.40 -1.11
C GLU B 33 -3.47 -9.52 -2.10
N GLY B 34 -4.09 -10.69 -2.13
CA GLY B 34 -5.22 -10.93 -2.99
C GLY B 34 -6.14 -11.95 -2.36
N TYR B 35 -7.44 -11.67 -2.37
CA TYR B 35 -8.41 -12.55 -1.72
C TYR B 35 -9.66 -12.71 -2.59
N ALA B 36 -10.52 -13.63 -2.21
CA ALA B 36 -11.73 -13.92 -2.99
C ALA B 36 -12.93 -13.12 -2.51
N SER B 37 -12.71 -12.16 -1.63
CA SER B 37 -13.80 -11.36 -1.10
C SER B 37 -13.53 -9.85 -1.26
N LYS B 38 -14.53 -9.16 -1.83
CA LYS B 38 -14.45 -7.73 -2.09
C LYS B 38 -14.36 -6.94 -0.78
N GLN B 39 -15.16 -7.37 0.21
CA GLN B 39 -15.16 -6.73 1.51
C GLN B 39 -13.77 -6.77 2.12
N LYS B 40 -13.10 -7.91 1.97
CA LYS B 40 -11.76 -8.10 2.53
C LYS B 40 -10.78 -7.09 1.96
N ALA B 41 -10.87 -6.86 0.64
CA ALA B 41 -10.03 -5.86 0.00
C ALA B 41 -10.20 -4.52 0.68
N LYS B 42 -11.45 -4.15 0.89
CA LYS B 42 -11.80 -2.91 1.53
C LYS B 42 -11.34 -2.90 2.98
N GLN B 43 -11.37 -4.06 3.63
CA GLN B 43 -10.90 -4.16 5.00
C GLN B 43 -9.39 -3.93 5.04
N GLY B 44 -8.70 -4.25 3.96
CA GLY B 44 -7.26 -4.04 3.90
C GLY B 44 -6.94 -2.57 3.89
N ILE B 45 -7.76 -1.83 3.14
CA ILE B 45 -7.62 -0.39 3.06
C ILE B 45 -7.82 0.25 4.42
N GLU B 46 -8.91 -0.08 5.05
CA GLU B 46 -9.21 0.46 6.37
C GLU B 46 -8.15 0.07 7.39
N SER B 47 -7.63 -1.15 7.24
CA SER B 47 -6.57 -1.62 8.11
C SER B 47 -5.28 -0.85 7.86
N VAL B 48 -5.01 -0.49 6.60
CA VAL B 48 -3.78 0.21 6.28
C VAL B 48 -3.87 1.63 6.83
N LYS B 49 -5.05 2.22 6.75
CA LYS B 49 -5.29 3.59 7.20
C LYS B 49 -5.13 3.72 8.71
N ARG B 50 -5.14 2.58 9.39
CA ARG B 50 -5.04 2.56 10.84
C ARG B 50 -3.65 2.11 11.29
N ASN B 51 -2.80 1.77 10.33
CA ASN B 51 -1.45 1.28 10.62
C ASN B 51 -0.39 2.07 9.87
N ALA B 52 -0.68 2.38 8.62
CA ALA B 52 0.24 3.09 7.75
C ALA B 52 0.66 4.43 8.33
N PRO B 53 -0.28 5.30 8.78
CA PRO B 53 0.09 6.63 9.29
C PRO B 53 0.97 6.58 10.55
N ASP B 54 1.04 5.42 11.20
CA ASP B 54 1.83 5.30 12.43
C ASP B 54 3.01 4.35 12.25
N ALA B 55 2.94 3.53 11.23
CA ALA B 55 3.97 2.54 10.96
C ALA B 55 5.30 3.17 10.55
N ASP B 56 6.35 2.63 11.15
CA ASP B 56 7.71 3.06 10.87
C ASP B 56 8.34 2.19 9.79
N VAL B 57 9.09 2.82 8.90
CA VAL B 57 9.76 2.10 7.82
C VAL B 57 11.13 1.59 8.24
N ILE B 58 11.39 0.34 7.85
CA ILE B 58 12.64 -0.32 8.15
C ILE B 58 13.29 -0.80 6.85
N GLU B 59 14.61 -0.82 6.82
CA GLU B 59 15.34 -1.33 5.67
C GLU B 59 15.49 -2.85 5.80
N ALA B 60 14.74 -3.58 4.98
CA ALA B 60 14.74 -5.04 5.02
C ALA B 60 15.84 -5.61 4.13
N MET A 1 -0.49 2.61 19.15
CA MET A 1 -1.82 1.98 19.02
C MET A 1 -1.77 0.77 18.09
N ASN A 2 -1.25 0.98 16.89
CA ASN A 2 -1.21 -0.07 15.88
C ASN A 2 0.01 -0.94 16.02
N LYS A 3 -0.09 -2.14 15.45
CA LYS A 3 1.03 -3.03 15.42
C LYS A 3 1.31 -3.36 13.97
N ALA A 4 2.28 -2.65 13.41
CA ALA A 4 2.66 -2.78 12.02
C ALA A 4 3.90 -1.94 11.77
N HIS A 5 4.50 -2.11 10.62
CA HIS A 5 5.70 -1.36 10.27
C HIS A 5 6.03 -1.56 8.80
N PHE A 6 6.61 -0.54 8.20
CA PHE A 6 7.00 -0.58 6.80
C PHE A 6 8.37 -1.21 6.63
N GLU A 7 8.56 -1.92 5.53
CA GLU A 7 9.84 -2.56 5.23
C GLU A 7 10.20 -2.40 3.76
N VAL A 8 11.31 -1.71 3.51
CA VAL A 8 11.81 -1.52 2.16
C VAL A 8 12.77 -2.62 1.80
N PHE A 9 12.60 -3.21 0.63
CA PHE A 9 13.42 -4.33 0.21
C PHE A 9 13.76 -4.21 -1.28
N VAL A 10 14.50 -5.19 -1.79
CA VAL A 10 14.93 -5.21 -3.19
C VAL A 10 14.11 -6.19 -4.02
N ASP A 11 13.72 -5.73 -5.22
CA ASP A 11 12.98 -6.56 -6.16
C ASP A 11 13.96 -7.44 -6.93
N ALA A 12 13.44 -8.29 -7.80
CA ALA A 12 14.28 -9.19 -8.57
C ALA A 12 15.12 -8.41 -9.58
N ALA A 13 14.76 -7.16 -9.81
CA ALA A 13 15.45 -6.32 -10.77
C ALA A 13 16.32 -5.28 -10.08
N ASP A 14 16.61 -5.54 -8.81
CA ASP A 14 17.49 -4.67 -7.99
C ASP A 14 16.81 -3.36 -7.71
N LYS A 15 15.52 -3.43 -7.43
CA LYS A 15 14.74 -2.24 -7.22
C LYS A 15 14.29 -2.14 -5.80
N TYR A 16 14.09 -0.93 -5.38
CA TYR A 16 13.68 -0.66 -4.02
C TYR A 16 12.17 -0.55 -3.95
N ARG A 17 11.59 -1.44 -3.17
CA ARG A 17 10.16 -1.49 -2.96
C ARG A 17 9.89 -1.59 -1.48
N TRP A 18 8.64 -1.66 -1.11
CA TRP A 18 8.29 -1.79 0.29
C TRP A 18 6.94 -2.42 0.47
N ARG A 19 6.68 -2.81 1.70
CA ARG A 19 5.42 -3.41 2.11
C ARG A 19 5.13 -3.12 3.55
N LEU A 20 3.85 -3.04 3.86
CA LEU A 20 3.43 -2.85 5.23
C LEU A 20 3.01 -4.20 5.78
N VAL A 21 3.51 -4.53 6.95
CA VAL A 21 3.24 -5.83 7.55
C VAL A 21 2.69 -5.67 8.95
N HIS A 22 1.59 -6.38 9.23
CA HIS A 22 0.99 -6.34 10.55
C HIS A 22 1.74 -7.30 11.47
N ASP A 23 1.41 -7.26 12.75
CA ASP A 23 2.01 -8.17 13.74
C ASP A 23 1.77 -9.64 13.35
N ASN A 24 0.68 -9.87 12.62
CA ASN A 24 0.29 -11.21 12.18
C ASN A 24 1.28 -11.72 11.14
N GLY A 25 1.78 -10.79 10.34
CA GLY A 25 2.75 -11.12 9.31
C GLY A 25 2.15 -11.04 7.92
N ASN A 26 0.96 -10.46 7.83
CA ASN A 26 0.26 -10.29 6.56
C ASN A 26 0.62 -8.97 5.89
N ILE A 27 0.68 -9.00 4.57
CA ILE A 27 0.94 -7.80 3.78
C ILE A 27 -0.31 -6.94 3.72
N LEU A 28 -0.20 -5.75 4.27
CA LEU A 28 -1.31 -4.82 4.32
C LEU A 28 -1.30 -3.94 3.09
N ALA A 29 -0.10 -3.48 2.76
CA ALA A 29 0.09 -2.66 1.56
C ALA A 29 1.49 -2.87 0.99
N ASP A 30 1.63 -2.55 -0.28
CA ASP A 30 2.88 -2.66 -1.01
C ASP A 30 3.10 -1.39 -1.82
N SER A 31 4.35 -1.09 -2.12
CA SER A 31 4.71 0.09 -2.92
C SER A 31 3.94 0.15 -4.24
N GLY A 32 3.66 -1.03 -4.81
CA GLY A 32 2.96 -1.10 -6.08
C GLY A 32 3.93 -1.03 -7.24
N GLU A 33 4.81 -0.06 -7.16
CA GLU A 33 5.80 0.18 -8.20
C GLU A 33 7.18 -0.31 -7.77
N GLY A 34 8.17 -0.04 -8.62
CA GLY A 34 9.54 -0.41 -8.35
C GLY A 34 10.51 0.58 -8.98
N TYR A 35 11.55 0.95 -8.25
CA TYR A 35 12.51 1.95 -8.73
C TYR A 35 13.93 1.61 -8.27
N ALA A 36 14.90 2.30 -8.84
CA ALA A 36 16.30 2.06 -8.55
C ALA A 36 16.86 2.93 -7.42
N SER A 37 16.00 3.65 -6.70
CA SER A 37 16.47 4.50 -5.62
C SER A 37 15.75 4.17 -4.32
N LYS A 38 16.52 4.03 -3.26
CA LYS A 38 15.99 3.72 -1.95
C LYS A 38 15.11 4.84 -1.43
N GLN A 39 15.53 6.07 -1.70
CA GLN A 39 14.78 7.23 -1.26
C GLN A 39 13.40 7.23 -1.88
N LYS A 40 13.34 6.87 -3.16
CA LYS A 40 12.08 6.86 -3.89
C LYS A 40 11.09 5.90 -3.25
N ALA A 41 11.59 4.74 -2.83
CA ALA A 41 10.76 3.77 -2.14
C ALA A 41 10.19 4.37 -0.87
N LYS A 42 11.08 4.93 -0.07
CA LYS A 42 10.70 5.53 1.20
C LYS A 42 9.77 6.72 0.99
N GLN A 43 10.01 7.49 -0.06
CA GLN A 43 9.12 8.60 -0.37
C GLN A 43 7.73 8.07 -0.72
N GLY A 44 7.67 6.83 -1.22
CA GLY A 44 6.39 6.24 -1.53
C GLY A 44 5.61 6.01 -0.26
N ILE A 45 6.31 5.56 0.76
CA ILE A 45 5.73 5.35 2.06
C ILE A 45 5.22 6.67 2.63
N GLU A 46 6.04 7.71 2.50
CA GLU A 46 5.65 9.02 2.96
C GLU A 46 4.43 9.50 2.18
N SER A 47 4.42 9.22 0.89
CA SER A 47 3.30 9.59 0.03
C SER A 47 2.03 8.86 0.46
N VAL A 48 2.15 7.62 0.92
CA VAL A 48 0.96 6.87 1.30
C VAL A 48 0.43 7.42 2.62
N LYS A 49 1.32 7.72 3.55
CA LYS A 49 0.95 8.28 4.85
C LYS A 49 0.39 9.70 4.68
N ARG A 50 0.58 10.24 3.49
CA ARG A 50 0.14 11.59 3.16
C ARG A 50 -1.19 11.58 2.43
N ASN A 51 -1.67 10.39 2.09
CA ASN A 51 -2.89 10.29 1.29
C ASN A 51 -3.80 9.17 1.76
N ALA A 52 -3.22 8.07 2.18
CA ALA A 52 -3.97 6.90 2.62
C ALA A 52 -4.99 7.23 3.71
N PRO A 53 -4.60 7.94 4.81
CA PRO A 53 -5.53 8.23 5.90
C PRO A 53 -6.66 9.19 5.50
N ASP A 54 -6.58 9.75 4.29
CA ASP A 54 -7.59 10.70 3.81
C ASP A 54 -8.31 10.18 2.57
N ALA A 55 -7.62 9.34 1.82
CA ALA A 55 -8.13 8.80 0.57
C ALA A 55 -9.33 7.90 0.78
N ASP A 56 -10.31 8.09 -0.09
CA ASP A 56 -11.54 7.33 -0.06
C ASP A 56 -11.50 6.19 -1.06
N VAL A 57 -12.01 5.04 -0.66
CA VAL A 57 -12.02 3.86 -1.51
C VAL A 57 -13.23 3.80 -2.42
N ILE A 58 -12.97 3.37 -3.65
CA ILE A 58 -14.02 3.20 -4.65
C ILE A 58 -13.98 1.76 -5.16
N GLU A 59 -15.13 1.20 -5.41
CA GLU A 59 -15.23 -0.14 -5.96
C GLU A 59 -15.21 -0.06 -7.48
N ALA A 60 -14.05 -0.34 -8.06
CA ALA A 60 -13.87 -0.25 -9.51
C ALA A 60 -14.35 -1.53 -10.21
N MET B 1 -5.36 17.44 3.30
CA MET B 1 -4.15 18.00 2.65
C MET B 1 -3.67 17.09 1.53
N ASN B 2 -4.48 16.09 1.17
CA ASN B 2 -4.07 15.12 0.17
C ASN B 2 -4.90 15.23 -1.10
N LYS B 3 -4.45 14.49 -2.11
CA LYS B 3 -5.16 14.35 -3.36
C LYS B 3 -4.91 12.93 -3.86
N ALA B 4 -5.87 12.06 -3.58
CA ALA B 4 -5.77 10.65 -3.93
C ALA B 4 -7.05 9.94 -3.58
N HIS B 5 -7.10 8.66 -3.90
CA HIS B 5 -8.27 7.83 -3.60
C HIS B 5 -7.94 6.37 -3.84
N PHE B 6 -8.56 5.50 -3.06
CA PHE B 6 -8.36 4.06 -3.21
C PHE B 6 -9.32 3.49 -4.24
N GLU B 7 -8.89 2.42 -4.91
CA GLU B 7 -9.70 1.76 -5.93
C GLU B 7 -9.54 0.25 -5.86
N VAL B 8 -10.64 -0.44 -5.58
CA VAL B 8 -10.65 -1.89 -5.48
C VAL B 8 -11.06 -2.50 -6.82
N PHE B 9 -10.33 -3.52 -7.25
CA PHE B 9 -10.59 -4.13 -8.55
C PHE B 9 -10.32 -5.64 -8.51
N VAL B 10 -10.52 -6.30 -9.65
CA VAL B 10 -10.31 -7.74 -9.79
C VAL B 10 -8.94 -8.04 -10.42
N ASP B 11 -8.25 -9.01 -9.84
CA ASP B 11 -6.94 -9.40 -10.31
C ASP B 11 -7.07 -10.40 -11.45
N ALA B 12 -5.93 -10.86 -11.96
CA ALA B 12 -5.90 -11.78 -13.08
C ALA B 12 -6.46 -13.16 -12.69
N ALA B 13 -6.73 -13.34 -11.40
CA ALA B 13 -7.25 -14.60 -10.90
C ALA B 13 -8.60 -14.41 -10.22
N ASP B 14 -9.25 -13.28 -10.53
CA ASP B 14 -10.59 -12.94 -10.01
C ASP B 14 -10.53 -12.65 -8.53
N LYS B 15 -9.52 -11.90 -8.17
CA LYS B 15 -9.29 -11.57 -6.79
C LYS B 15 -9.49 -10.11 -6.56
N TYR B 16 -9.89 -9.80 -5.37
CA TYR B 16 -10.16 -8.43 -5.00
C TYR B 16 -8.92 -7.80 -4.42
N ARG B 17 -8.42 -6.80 -5.11
CA ARG B 17 -7.24 -6.08 -4.66
C ARG B 17 -7.52 -4.61 -4.79
N TRP B 18 -6.57 -3.78 -4.40
CA TRP B 18 -6.75 -2.34 -4.50
C TRP B 18 -5.42 -1.63 -4.68
N ARG B 19 -5.50 -0.37 -5.11
CA ARG B 19 -4.34 0.47 -5.31
C ARG B 19 -4.68 1.91 -4.99
N LEU B 20 -3.72 2.62 -4.44
CA LEU B 20 -3.90 4.03 -4.15
C LEU B 20 -3.31 4.83 -5.29
N VAL B 21 -4.09 5.77 -5.79
CA VAL B 21 -3.69 6.57 -6.94
C VAL B 21 -3.79 8.04 -6.61
N HIS B 22 -2.71 8.78 -6.91
CA HIS B 22 -2.69 10.21 -6.66
C HIS B 22 -3.40 10.95 -7.80
N ASP B 23 -3.53 12.26 -7.64
CA ASP B 23 -4.14 13.11 -8.66
C ASP B 23 -3.47 12.92 -10.04
N ASN B 24 -2.15 12.72 -10.02
CA ASN B 24 -1.38 12.54 -11.26
C ASN B 24 -1.76 11.25 -11.94
N GLY B 25 -2.06 10.25 -11.13
CA GLY B 25 -2.43 8.96 -11.64
C GLY B 25 -1.37 7.90 -11.38
N ASN B 26 -0.43 8.24 -10.51
CA ASN B 26 0.65 7.34 -10.13
C ASN B 26 0.26 6.43 -8.97
N ILE B 27 0.73 5.19 -9.03
CA ILE B 27 0.46 4.21 -7.99
C ILE B 27 1.29 4.52 -6.75
N LEU B 28 0.60 4.76 -5.64
CA LEU B 28 1.25 5.10 -4.40
C LEU B 28 1.41 3.86 -3.54
N ALA B 29 0.34 3.08 -3.51
CA ALA B 29 0.34 1.82 -2.78
C ALA B 29 -0.61 0.83 -3.42
N ASP B 30 -0.42 -0.43 -3.05
CA ASP B 30 -1.21 -1.55 -3.55
C ASP B 30 -1.53 -2.48 -2.39
N SER B 31 -2.63 -3.22 -2.47
CA SER B 31 -3.05 -4.14 -1.40
C SER B 31 -1.94 -5.14 -1.06
N GLY B 32 -1.21 -5.57 -2.08
CA GLY B 32 -0.15 -6.54 -1.90
C GLY B 32 -0.68 -7.95 -1.99
N GLU B 33 -1.76 -8.18 -1.27
CA GLU B 33 -2.43 -9.48 -1.26
C GLU B 33 -3.62 -9.51 -2.20
N GLY B 34 -4.17 -10.70 -2.38
CA GLY B 34 -5.33 -10.90 -3.21
C GLY B 34 -6.23 -11.98 -2.62
N TYR B 35 -7.54 -11.73 -2.60
CA TYR B 35 -8.47 -12.67 -2.00
C TYR B 35 -9.76 -12.74 -2.81
N ALA B 36 -10.69 -13.58 -2.38
CA ALA B 36 -11.93 -13.79 -3.13
C ALA B 36 -13.11 -12.99 -2.57
N SER B 37 -12.85 -12.08 -1.63
CA SER B 37 -13.92 -11.28 -1.05
C SER B 37 -13.65 -9.80 -1.17
N LYS B 38 -14.65 -9.07 -1.64
CA LYS B 38 -14.56 -7.64 -1.81
C LYS B 38 -14.36 -6.95 -0.46
N GLN B 39 -15.05 -7.46 0.55
CA GLN B 39 -14.99 -6.91 1.88
C GLN B 39 -13.55 -6.97 2.41
N LYS B 40 -12.91 -8.11 2.20
CA LYS B 40 -11.53 -8.31 2.65
C LYS B 40 -10.60 -7.28 2.03
N ALA B 41 -10.80 -6.99 0.75
CA ALA B 41 -9.99 -5.99 0.07
C ALA B 41 -10.18 -4.63 0.74
N LYS B 42 -11.43 -4.24 0.92
CA LYS B 42 -11.75 -2.98 1.54
C LYS B 42 -11.27 -2.93 2.99
N GLN B 43 -11.30 -4.07 3.66
CA GLN B 43 -10.79 -4.14 5.02
C GLN B 43 -9.29 -3.89 5.02
N GLY B 44 -8.61 -4.26 3.94
CA GLY B 44 -7.18 -4.06 3.84
C GLY B 44 -6.85 -2.58 3.82
N ILE B 45 -7.68 -1.83 3.10
CA ILE B 45 -7.54 -0.40 3.01
C ILE B 45 -7.71 0.25 4.38
N GLU B 46 -8.81 -0.08 5.03
CA GLU B 46 -9.09 0.46 6.34
C GLU B 46 -8.02 0.05 7.35
N SER B 47 -7.51 -1.15 7.18
CA SER B 47 -6.42 -1.63 8.03
C SER B 47 -5.16 -0.83 7.79
N VAL B 48 -4.90 -0.46 6.53
CA VAL B 48 -3.69 0.28 6.23
C VAL B 48 -3.79 1.69 6.79
N LYS B 49 -4.97 2.29 6.66
CA LYS B 49 -5.22 3.63 7.16
C LYS B 49 -5.09 3.71 8.68
N ARG B 50 -5.14 2.57 9.33
CA ARG B 50 -5.09 2.51 10.79
C ARG B 50 -3.72 2.07 11.28
N ASN B 51 -2.83 1.75 10.34
CA ASN B 51 -1.49 1.27 10.67
C ASN B 51 -0.42 2.07 9.95
N ALA B 52 -0.68 2.38 8.69
CA ALA B 52 0.26 3.09 7.83
C ALA B 52 0.69 4.44 8.42
N PRO B 53 -0.24 5.32 8.86
CA PRO B 53 0.13 6.64 9.37
C PRO B 53 0.99 6.57 10.64
N ASP B 54 1.03 5.41 11.29
CA ASP B 54 1.80 5.26 12.53
C ASP B 54 2.99 4.33 12.35
N ALA B 55 2.94 3.52 11.31
CA ALA B 55 3.97 2.54 11.03
C ALA B 55 5.29 3.18 10.62
N ASP B 56 6.35 2.64 11.19
CA ASP B 56 7.71 3.09 10.92
C ASP B 56 8.33 2.28 9.80
N VAL B 57 9.05 2.95 8.92
CA VAL B 57 9.72 2.29 7.81
C VAL B 57 11.12 1.83 8.17
N ILE B 58 11.37 0.56 7.85
CA ILE B 58 12.67 -0.05 8.07
C ILE B 58 13.26 -0.43 6.71
N GLU B 59 14.56 -0.27 6.59
CA GLU B 59 15.25 -0.66 5.38
C GLU B 59 15.71 -2.10 5.52
N ALA B 60 14.98 -3.01 4.88
CA ALA B 60 15.25 -4.44 4.96
C ALA B 60 16.24 -4.87 3.89
N MET A 1 -0.53 3.38 19.22
CA MET A 1 -1.89 3.10 18.70
C MET A 1 -1.94 1.73 18.04
N ASN A 2 -1.17 1.58 16.97
CA ASN A 2 -1.17 0.37 16.17
C ASN A 2 0.05 -0.49 16.45
N LYS A 3 0.11 -1.59 15.71
CA LYS A 3 1.26 -2.48 15.71
C LYS A 3 1.52 -2.89 14.27
N ALA A 4 2.48 -2.21 13.65
CA ALA A 4 2.83 -2.43 12.26
C ALA A 4 4.05 -1.60 11.91
N HIS A 5 4.59 -1.80 10.72
CA HIS A 5 5.76 -1.05 10.28
C HIS A 5 6.05 -1.33 8.82
N PHE A 6 6.60 -0.35 8.12
CA PHE A 6 6.96 -0.49 6.72
C PHE A 6 8.35 -1.10 6.58
N GLU A 7 8.59 -1.76 5.46
CA GLU A 7 9.87 -2.40 5.19
C GLU A 7 10.25 -2.25 3.72
N VAL A 8 11.36 -1.56 3.46
CA VAL A 8 11.86 -1.38 2.11
C VAL A 8 12.87 -2.46 1.78
N PHE A 9 12.69 -3.12 0.65
CA PHE A 9 13.55 -4.21 0.26
C PHE A 9 13.79 -4.22 -1.25
N VAL A 10 14.58 -5.18 -1.72
CA VAL A 10 14.88 -5.31 -3.14
C VAL A 10 14.01 -6.38 -3.80
N ASP A 11 13.48 -6.02 -4.97
CA ASP A 11 12.65 -6.90 -5.75
C ASP A 11 13.52 -7.89 -6.52
N ALA A 12 12.90 -8.78 -7.26
CA ALA A 12 13.62 -9.76 -8.04
C ALA A 12 14.37 -9.09 -9.18
N ALA A 13 13.98 -7.86 -9.49
CA ALA A 13 14.57 -7.12 -10.59
C ALA A 13 15.46 -5.99 -10.10
N ASP A 14 15.90 -6.10 -8.85
CA ASP A 14 16.84 -5.14 -8.23
C ASP A 14 16.16 -3.82 -7.95
N LYS A 15 14.91 -3.89 -7.59
CA LYS A 15 14.15 -2.69 -7.38
C LYS A 15 13.84 -2.48 -5.93
N TYR A 16 13.72 -1.24 -5.57
CA TYR A 16 13.44 -0.88 -4.19
C TYR A 16 11.95 -0.73 -4.01
N ARG A 17 11.37 -1.68 -3.30
CA ARG A 17 9.94 -1.66 -3.04
C ARG A 17 9.73 -1.75 -1.54
N TRP A 18 8.49 -1.69 -1.10
CA TRP A 18 8.21 -1.77 0.31
C TRP A 18 6.88 -2.46 0.57
N ARG A 19 6.71 -2.89 1.80
CA ARG A 19 5.52 -3.62 2.21
C ARG A 19 5.15 -3.24 3.62
N LEU A 20 3.87 -3.13 3.90
CA LEU A 20 3.41 -2.86 5.26
C LEU A 20 3.00 -4.17 5.88
N VAL A 21 3.48 -4.41 7.09
CA VAL A 21 3.21 -5.67 7.77
C VAL A 21 2.72 -5.42 9.19
N HIS A 22 1.65 -6.10 9.58
CA HIS A 22 1.11 -5.98 10.92
C HIS A 22 1.92 -6.87 11.86
N ASP A 23 1.62 -6.78 13.15
CA ASP A 23 2.26 -7.62 14.16
C ASP A 23 2.10 -9.10 13.84
N ASN A 24 0.93 -9.46 13.31
CA ASN A 24 0.61 -10.84 12.96
C ASN A 24 1.55 -11.33 11.86
N GLY A 25 1.90 -10.40 10.99
CA GLY A 25 2.80 -10.70 9.89
C GLY A 25 2.09 -10.68 8.56
N ASN A 26 0.86 -10.18 8.57
CA ASN A 26 0.07 -10.10 7.35
C ASN A 26 0.36 -8.83 6.57
N ILE A 27 0.39 -8.96 5.25
CA ILE A 27 0.64 -7.83 4.37
C ILE A 27 -0.58 -6.93 4.30
N LEU A 28 -0.38 -5.68 4.65
CA LEU A 28 -1.43 -4.70 4.66
C LEU A 28 -1.39 -3.88 3.40
N ALA A 29 -0.17 -3.52 3.00
CA ALA A 29 0.03 -2.75 1.78
C ALA A 29 1.38 -3.05 1.14
N ASP A 30 1.54 -2.55 -0.08
CA ASP A 30 2.74 -2.73 -0.90
C ASP A 30 3.00 -1.44 -1.66
N SER A 31 4.27 -1.18 -2.00
CA SER A 31 4.62 0.04 -2.76
C SER A 31 3.80 0.18 -4.03
N GLY A 32 3.48 -0.94 -4.64
CA GLY A 32 2.70 -0.96 -5.86
C GLY A 32 3.58 -0.80 -7.08
N GLU A 33 4.56 0.09 -6.95
CA GLU A 33 5.50 0.36 -8.02
C GLU A 33 6.89 -0.16 -7.66
N GLY A 34 7.81 -0.05 -8.61
CA GLY A 34 9.18 -0.49 -8.41
C GLY A 34 10.16 0.41 -9.13
N TYR A 35 11.25 0.76 -8.47
CA TYR A 35 12.25 1.67 -9.04
C TYR A 35 13.65 1.29 -8.61
N ALA A 36 14.64 2.01 -9.12
CA ALA A 36 16.05 1.72 -8.86
C ALA A 36 16.65 2.61 -7.78
N SER A 37 15.81 3.39 -7.10
CA SER A 37 16.31 4.27 -6.04
C SER A 37 15.65 3.96 -4.70
N LYS A 38 16.48 3.82 -3.69
CA LYS A 38 16.03 3.52 -2.34
C LYS A 38 15.18 4.65 -1.78
N GLN A 39 15.56 5.89 -2.11
CA GLN A 39 14.83 7.04 -1.64
C GLN A 39 13.40 7.03 -2.19
N LYS A 40 13.27 6.67 -3.47
CA LYS A 40 11.97 6.63 -4.12
C LYS A 40 11.02 5.69 -3.41
N ALA A 41 11.55 4.55 -2.97
CA ALA A 41 10.74 3.60 -2.21
C ALA A 41 10.20 4.27 -0.95
N LYS A 42 11.10 4.89 -0.20
CA LYS A 42 10.72 5.56 1.03
C LYS A 42 9.78 6.74 0.76
N GLN A 43 10.00 7.46 -0.33
CA GLN A 43 9.13 8.57 -0.68
C GLN A 43 7.72 8.05 -0.97
N GLY A 44 7.62 6.81 -1.42
CA GLY A 44 6.32 6.23 -1.68
C GLY A 44 5.56 6.08 -0.37
N ILE A 45 6.29 5.63 0.64
CA ILE A 45 5.74 5.50 1.97
C ILE A 45 5.33 6.86 2.53
N GLU A 46 6.19 7.84 2.37
CA GLU A 46 5.90 9.17 2.85
C GLU A 46 4.66 9.72 2.15
N SER A 47 4.57 9.45 0.85
CA SER A 47 3.42 9.86 0.07
C SER A 47 2.16 9.12 0.51
N VAL A 48 2.32 7.86 0.92
CA VAL A 48 1.15 7.08 1.31
C VAL A 48 0.62 7.55 2.66
N LYS A 49 1.52 7.86 3.59
CA LYS A 49 1.12 8.35 4.91
C LYS A 49 0.50 9.74 4.83
N ARG A 50 0.65 10.35 3.66
CA ARG A 50 0.17 11.70 3.40
C ARG A 50 -1.18 11.65 2.67
N ASN A 51 -1.58 10.45 2.26
CA ASN A 51 -2.80 10.29 1.46
C ASN A 51 -3.69 9.15 1.94
N ALA A 52 -3.07 8.05 2.32
CA ALA A 52 -3.79 6.85 2.76
C ALA A 52 -4.80 7.13 3.87
N PRO A 53 -4.40 7.83 4.97
CA PRO A 53 -5.32 8.08 6.08
C PRO A 53 -6.49 9.00 5.71
N ASP A 54 -6.45 9.56 4.50
CA ASP A 54 -7.52 10.47 4.05
C ASP A 54 -8.18 10.01 2.77
N ALA A 55 -7.57 9.05 2.11
CA ALA A 55 -8.07 8.54 0.85
C ALA A 55 -9.31 7.67 1.00
N ASP A 56 -10.28 7.93 0.14
CA ASP A 56 -11.52 7.18 0.10
C ASP A 56 -11.42 6.04 -0.90
N VAL A 57 -11.95 4.88 -0.54
CA VAL A 57 -11.93 3.72 -1.41
C VAL A 57 -13.13 3.68 -2.33
N ILE A 58 -12.86 3.41 -3.60
CA ILE A 58 -13.88 3.28 -4.62
C ILE A 58 -13.84 1.88 -5.22
N GLU A 59 -14.99 1.34 -5.54
CA GLU A 59 -15.05 0.04 -6.18
C GLU A 59 -14.96 0.22 -7.69
N ALA A 60 -13.81 -0.14 -8.26
CA ALA A 60 -13.56 0.03 -9.69
C ALA A 60 -14.17 -1.13 -10.48
N MET B 1 -7.37 17.78 2.48
CA MET B 1 -5.91 17.95 2.64
C MET B 1 -5.17 17.45 1.41
N ASN B 2 -5.38 16.18 1.11
CA ASN B 2 -4.67 15.52 0.01
C ASN B 2 -5.53 15.37 -1.23
N LYS B 3 -4.92 14.83 -2.27
CA LYS B 3 -5.62 14.48 -3.50
C LYS B 3 -5.17 13.09 -3.89
N ALA B 4 -6.02 12.12 -3.55
CA ALA B 4 -5.75 10.72 -3.80
C ALA B 4 -6.99 9.93 -3.40
N HIS B 5 -7.01 8.65 -3.73
CA HIS B 5 -8.15 7.80 -3.41
C HIS B 5 -7.84 6.34 -3.70
N PHE B 6 -8.44 5.45 -2.94
CA PHE B 6 -8.26 4.01 -3.11
C PHE B 6 -9.21 3.47 -4.17
N GLU B 7 -8.77 2.43 -4.86
CA GLU B 7 -9.58 1.80 -5.89
C GLU B 7 -9.42 0.27 -5.84
N VAL B 8 -10.54 -0.41 -5.64
CA VAL B 8 -10.54 -1.88 -5.58
C VAL B 8 -10.92 -2.45 -6.94
N PHE B 9 -10.19 -3.48 -7.37
CA PHE B 9 -10.43 -4.07 -8.68
C PHE B 9 -10.15 -5.58 -8.65
N VAL B 10 -10.42 -6.24 -9.76
CA VAL B 10 -10.20 -7.69 -9.88
C VAL B 10 -8.90 -8.01 -10.61
N ASP B 11 -8.16 -8.93 -10.02
CA ASP B 11 -6.89 -9.38 -10.57
C ASP B 11 -7.16 -10.40 -11.67
N ALA B 12 -6.10 -10.90 -12.28
CA ALA B 12 -6.21 -11.87 -13.35
C ALA B 12 -6.76 -13.19 -12.84
N ALA B 13 -6.67 -13.40 -11.53
CA ALA B 13 -7.09 -14.64 -10.92
C ALA B 13 -8.39 -14.48 -10.14
N ASP B 14 -9.16 -13.45 -10.49
CA ASP B 14 -10.48 -13.17 -9.90
C ASP B 14 -10.34 -12.70 -8.47
N LYS B 15 -9.30 -11.95 -8.22
CA LYS B 15 -9.02 -11.51 -6.89
C LYS B 15 -9.26 -10.04 -6.74
N TYR B 16 -9.74 -9.70 -5.59
CA TYR B 16 -10.06 -8.32 -5.28
C TYR B 16 -8.87 -7.66 -4.62
N ARG B 17 -8.21 -6.82 -5.37
CA ARG B 17 -7.05 -6.10 -4.88
C ARG B 17 -7.35 -4.63 -4.93
N TRP B 18 -6.43 -3.80 -4.49
CA TRP B 18 -6.64 -2.38 -4.52
C TRP B 18 -5.36 -1.62 -4.74
N ARG B 19 -5.52 -0.35 -5.03
CA ARG B 19 -4.43 0.54 -5.33
C ARG B 19 -4.72 1.94 -4.83
N LEU B 20 -3.69 2.64 -4.40
CA LEU B 20 -3.84 4.02 -4.03
C LEU B 20 -3.22 4.87 -5.13
N VAL B 21 -3.95 5.86 -5.60
CA VAL B 21 -3.51 6.68 -6.71
C VAL B 21 -3.60 8.15 -6.37
N HIS B 22 -2.53 8.89 -6.67
CA HIS B 22 -2.51 10.33 -6.44
C HIS B 22 -3.19 11.03 -7.61
N ASP B 23 -3.36 12.34 -7.49
CA ASP B 23 -3.93 13.15 -8.57
C ASP B 23 -3.13 12.97 -9.87
N ASN B 24 -1.81 12.85 -9.72
CA ASN B 24 -0.89 12.71 -10.85
C ASN B 24 -1.19 11.42 -11.61
N GLY B 25 -1.62 10.42 -10.86
CA GLY B 25 -1.96 9.14 -11.45
C GLY B 25 -0.95 8.07 -11.12
N ASN B 26 -0.06 8.38 -10.19
CA ASN B 26 0.97 7.43 -9.77
C ASN B 26 0.47 6.53 -8.66
N ILE B 27 0.89 5.27 -8.70
CA ILE B 27 0.49 4.30 -7.71
C ILE B 27 1.29 4.51 -6.43
N LEU B 28 0.60 4.85 -5.37
CA LEU B 28 1.23 5.14 -4.09
C LEU B 28 1.35 3.87 -3.29
N ALA B 29 0.28 3.08 -3.31
CA ALA B 29 0.27 1.80 -2.62
C ALA B 29 -0.61 0.79 -3.31
N ASP B 30 -0.49 -0.45 -2.88
CA ASP B 30 -1.23 -1.58 -3.42
C ASP B 30 -1.62 -2.52 -2.27
N SER B 31 -2.67 -3.31 -2.47
CA SER B 31 -3.13 -4.26 -1.44
C SER B 31 -2.00 -5.20 -0.98
N GLY B 32 -1.13 -5.56 -1.90
CA GLY B 32 -0.04 -6.46 -1.60
C GLY B 32 -0.47 -7.91 -1.70
N GLU B 33 -1.72 -8.18 -1.36
CA GLU B 33 -2.28 -9.52 -1.42
C GLU B 33 -3.50 -9.57 -2.32
N GLY B 34 -4.07 -10.76 -2.45
CA GLY B 34 -5.23 -10.96 -3.27
C GLY B 34 -6.17 -11.98 -2.65
N TYR B 35 -7.46 -11.67 -2.69
CA TYR B 35 -8.47 -12.54 -2.11
C TYR B 35 -9.69 -12.59 -3.03
N ALA B 36 -10.58 -13.55 -2.78
CA ALA B 36 -11.76 -13.74 -3.62
C ALA B 36 -12.97 -12.95 -3.14
N SER B 37 -12.77 -12.07 -2.17
CA SER B 37 -13.88 -11.27 -1.66
C SER B 37 -13.57 -9.79 -1.72
N LYS B 38 -14.52 -9.04 -2.25
CA LYS B 38 -14.39 -7.59 -2.38
C LYS B 38 -14.28 -6.95 -1.00
N GLN B 39 -15.02 -7.53 -0.06
CA GLN B 39 -15.02 -7.04 1.30
C GLN B 39 -13.60 -7.06 1.87
N LYS B 40 -12.91 -8.18 1.68
CA LYS B 40 -11.55 -8.35 2.20
C LYS B 40 -10.61 -7.29 1.64
N ALA B 41 -10.76 -6.99 0.35
CA ALA B 41 -9.94 -5.94 -0.27
C ALA B 41 -10.13 -4.64 0.49
N LYS B 42 -11.38 -4.30 0.70
CA LYS B 42 -11.73 -3.09 1.42
C LYS B 42 -11.26 -3.14 2.87
N GLN B 43 -11.30 -4.33 3.48
CA GLN B 43 -10.82 -4.48 4.85
C GLN B 43 -9.32 -4.21 4.90
N GLY B 44 -8.61 -4.51 3.80
CA GLY B 44 -7.19 -4.27 3.76
C GLY B 44 -6.90 -2.79 3.83
N ILE B 45 -7.70 -2.03 3.09
CA ILE B 45 -7.60 -0.58 3.08
C ILE B 45 -7.87 -0.03 4.48
N GLU B 46 -8.89 -0.55 5.13
CA GLU B 46 -9.22 -0.10 6.48
C GLU B 46 -8.08 -0.41 7.42
N SER B 47 -7.50 -1.59 7.26
CA SER B 47 -6.39 -2.01 8.09
C SER B 47 -5.16 -1.12 7.84
N VAL B 48 -4.99 -0.66 6.60
CA VAL B 48 -3.82 0.14 6.29
C VAL B 48 -3.98 1.55 6.86
N LYS B 49 -5.18 2.12 6.76
CA LYS B 49 -5.46 3.45 7.28
C LYS B 49 -5.36 3.50 8.81
N ARG B 50 -5.31 2.33 9.42
CA ARG B 50 -5.24 2.20 10.86
C ARG B 50 -3.79 1.92 11.29
N ASN B 51 -2.90 1.79 10.32
CA ASN B 51 -1.50 1.44 10.63
C ASN B 51 -0.50 2.28 9.85
N ALA B 52 -0.78 2.49 8.58
CA ALA B 52 0.09 3.23 7.69
C ALA B 52 0.45 4.62 8.22
N PRO B 53 -0.53 5.44 8.68
CA PRO B 53 -0.23 6.79 9.16
C PRO B 53 0.67 6.79 10.41
N ASP B 54 0.87 5.62 11.02
CA ASP B 54 1.70 5.53 12.23
C ASP B 54 2.92 4.63 12.03
N ALA B 55 2.83 3.76 11.05
CA ALA B 55 3.89 2.81 10.77
C ALA B 55 5.18 3.48 10.29
N ASP B 56 6.27 3.01 10.86
CA ASP B 56 7.60 3.50 10.51
C ASP B 56 8.26 2.57 9.52
N VAL B 57 8.99 3.15 8.59
CA VAL B 57 9.67 2.37 7.57
C VAL B 57 11.07 1.96 7.99
N ILE B 58 11.37 0.68 7.74
CA ILE B 58 12.67 0.12 8.02
C ILE B 58 13.34 -0.22 6.70
N GLU B 59 14.62 0.05 6.62
CA GLU B 59 15.39 -0.27 5.43
C GLU B 59 15.91 -1.69 5.55
N ALA B 60 15.24 -2.63 4.88
CA ALA B 60 15.60 -4.03 4.95
C ALA B 60 16.80 -4.33 4.04
N MET A 1 -0.23 4.35 17.61
CA MET A 1 -1.30 3.57 18.28
C MET A 1 -1.52 2.22 17.60
N ASN A 2 -0.75 1.94 16.57
CA ASN A 2 -0.92 0.71 15.80
C ASN A 2 0.18 -0.29 16.07
N LYS A 3 -0.01 -1.49 15.55
CA LYS A 3 1.03 -2.49 15.62
C LYS A 3 1.31 -2.95 14.20
N ALA A 4 2.32 -2.33 13.60
CA ALA A 4 2.70 -2.59 12.22
C ALA A 4 3.95 -1.79 11.90
N HIS A 5 4.50 -1.99 10.72
CA HIS A 5 5.70 -1.26 10.32
C HIS A 5 5.99 -1.48 8.84
N PHE A 6 6.55 -0.47 8.21
CA PHE A 6 6.94 -0.56 6.81
C PHE A 6 8.33 -1.16 6.68
N GLU A 7 8.58 -1.84 5.58
CA GLU A 7 9.87 -2.47 5.34
C GLU A 7 10.26 -2.34 3.87
N VAL A 8 11.40 -1.71 3.63
CA VAL A 8 11.90 -1.49 2.28
C VAL A 8 12.85 -2.61 1.89
N PHE A 9 12.68 -3.15 0.69
CA PHE A 9 13.49 -4.27 0.23
C PHE A 9 13.76 -4.15 -1.27
N VAL A 10 14.52 -5.10 -1.80
CA VAL A 10 14.87 -5.13 -3.22
C VAL A 10 13.99 -6.12 -4.00
N ASP A 11 13.54 -5.69 -5.17
CA ASP A 11 12.70 -6.51 -6.03
C ASP A 11 13.55 -7.45 -6.86
N ALA A 12 12.91 -8.24 -7.71
CA ALA A 12 13.59 -9.19 -8.56
C ALA A 12 14.40 -8.49 -9.65
N ALA A 13 14.16 -7.21 -9.82
CA ALA A 13 14.85 -6.44 -10.86
C ALA A 13 15.77 -5.40 -10.24
N ASP A 14 16.12 -5.62 -8.97
CA ASP A 14 17.07 -4.78 -8.22
C ASP A 14 16.45 -3.43 -7.91
N LYS A 15 15.18 -3.47 -7.59
CA LYS A 15 14.44 -2.26 -7.35
C LYS A 15 14.11 -2.11 -5.89
N TYR A 16 13.94 -0.90 -5.48
CA TYR A 16 13.63 -0.60 -4.11
C TYR A 16 12.13 -0.46 -3.94
N ARG A 17 11.58 -1.33 -3.11
CA ARG A 17 10.15 -1.35 -2.85
C ARG A 17 9.92 -1.48 -1.37
N TRP A 18 8.67 -1.52 -0.96
CA TRP A 18 8.35 -1.64 0.45
C TRP A 18 7.03 -2.35 0.65
N ARG A 19 6.83 -2.84 1.87
CA ARG A 19 5.63 -3.58 2.22
C ARG A 19 5.24 -3.27 3.65
N LEU A 20 3.94 -3.13 3.89
CA LEU A 20 3.46 -2.89 5.23
C LEU A 20 3.03 -4.23 5.82
N VAL A 21 3.47 -4.51 7.03
CA VAL A 21 3.19 -5.77 7.67
C VAL A 21 2.68 -5.54 9.08
N HIS A 22 1.58 -6.20 9.43
CA HIS A 22 1.02 -6.10 10.77
C HIS A 22 1.84 -6.94 11.73
N ASP A 23 1.54 -6.83 13.01
CA ASP A 23 2.22 -7.62 14.04
C ASP A 23 2.06 -9.11 13.79
N ASN A 24 0.93 -9.48 13.18
CA ASN A 24 0.61 -10.89 12.91
C ASN A 24 1.50 -11.40 11.79
N GLY A 25 1.82 -10.52 10.85
CA GLY A 25 2.70 -10.87 9.75
C GLY A 25 2.01 -10.88 8.41
N ASN A 26 0.82 -10.32 8.34
CA ASN A 26 0.07 -10.22 7.09
C ASN A 26 0.44 -8.95 6.34
N ILE A 27 0.48 -9.04 5.02
CA ILE A 27 0.79 -7.89 4.18
C ILE A 27 -0.42 -6.98 4.10
N LEU A 28 -0.27 -5.78 4.63
CA LEU A 28 -1.37 -4.81 4.66
C LEU A 28 -1.35 -4.00 3.39
N ALA A 29 -0.16 -3.60 2.99
CA ALA A 29 0.02 -2.84 1.77
C ALA A 29 1.39 -3.04 1.16
N ASP A 30 1.56 -2.54 -0.05
CA ASP A 30 2.79 -2.65 -0.81
C ASP A 30 3.02 -1.37 -1.61
N SER A 31 4.28 -1.12 -1.95
CA SER A 31 4.65 0.04 -2.77
C SER A 31 3.84 0.10 -4.07
N GLY A 32 3.58 -1.07 -4.65
CA GLY A 32 2.83 -1.13 -5.90
C GLY A 32 3.74 -0.98 -7.09
N GLU A 33 4.66 -0.03 -6.99
CA GLU A 33 5.61 0.25 -8.05
C GLU A 33 7.01 -0.20 -7.65
N GLY A 34 7.96 0.01 -8.55
CA GLY A 34 9.34 -0.37 -8.30
C GLY A 34 10.31 0.50 -9.07
N TYR A 35 11.36 0.97 -8.41
CA TYR A 35 12.33 1.86 -9.05
C TYR A 35 13.73 1.56 -8.58
N ALA A 36 14.72 2.17 -9.21
CA ALA A 36 16.12 1.92 -8.91
C ALA A 36 16.66 2.84 -7.82
N SER A 37 15.81 3.60 -7.16
CA SER A 37 16.26 4.50 -6.11
C SER A 37 15.67 4.14 -4.76
N LYS A 38 16.54 4.05 -3.77
CA LYS A 38 16.13 3.74 -2.41
C LYS A 38 15.29 4.87 -1.85
N GLN A 39 15.61 6.09 -2.28
CA GLN A 39 14.88 7.28 -1.87
C GLN A 39 13.42 7.17 -2.33
N LYS A 40 13.24 6.82 -3.60
CA LYS A 40 11.91 6.72 -4.20
C LYS A 40 11.02 5.76 -3.42
N ALA A 41 11.61 4.65 -2.99
CA ALA A 41 10.86 3.68 -2.18
C ALA A 41 10.32 4.35 -0.93
N LYS A 42 11.20 5.00 -0.19
CA LYS A 42 10.83 5.67 1.04
C LYS A 42 9.86 6.81 0.75
N GLN A 43 10.06 7.51 -0.36
CA GLN A 43 9.16 8.60 -0.73
C GLN A 43 7.76 8.06 -0.99
N GLY A 44 7.69 6.80 -1.43
CA GLY A 44 6.40 6.19 -1.68
C GLY A 44 5.65 6.05 -0.39
N ILE A 45 6.36 5.64 0.65
CA ILE A 45 5.79 5.51 1.97
C ILE A 45 5.36 6.89 2.50
N GLU A 46 6.21 7.88 2.32
CA GLU A 46 5.89 9.24 2.75
C GLU A 46 4.65 9.73 2.04
N SER A 47 4.59 9.48 0.74
CA SER A 47 3.46 9.89 -0.06
C SER A 47 2.19 9.16 0.38
N VAL A 48 2.34 7.91 0.82
CA VAL A 48 1.17 7.14 1.22
C VAL A 48 0.65 7.64 2.55
N LYS A 49 1.55 7.93 3.50
CA LYS A 49 1.14 8.40 4.82
C LYS A 49 0.56 9.81 4.75
N ARG A 50 0.72 10.44 3.61
CA ARG A 50 0.27 11.80 3.39
C ARG A 50 -1.04 11.82 2.60
N ASN A 51 -1.52 10.65 2.19
CA ASN A 51 -2.72 10.54 1.38
C ASN A 51 -3.64 9.40 1.81
N ALA A 52 -3.03 8.29 2.19
CA ALA A 52 -3.76 7.08 2.57
C ALA A 52 -4.77 7.30 3.70
N PRO A 53 -4.39 7.94 4.83
CA PRO A 53 -5.33 8.13 5.93
C PRO A 53 -6.48 9.07 5.59
N ASP A 54 -6.38 9.74 4.44
CA ASP A 54 -7.42 10.69 4.01
C ASP A 54 -8.18 10.14 2.82
N ALA A 55 -7.49 9.32 2.05
CA ALA A 55 -8.02 8.75 0.82
C ALA A 55 -9.24 7.87 1.03
N ASP A 56 -10.21 8.08 0.15
CA ASP A 56 -11.45 7.31 0.15
C ASP A 56 -11.37 6.17 -0.85
N VAL A 57 -11.90 5.02 -0.48
CA VAL A 57 -11.91 3.86 -1.35
C VAL A 57 -13.13 3.83 -2.27
N ILE A 58 -12.86 3.56 -3.54
CA ILE A 58 -13.90 3.43 -4.55
C ILE A 58 -13.86 2.03 -5.11
N GLU A 59 -15.02 1.46 -5.32
CA GLU A 59 -15.12 0.15 -5.90
C GLU A 59 -15.16 0.28 -7.43
N ALA A 60 -14.05 -0.08 -8.07
CA ALA A 60 -13.93 0.05 -9.52
C ALA A 60 -14.68 -1.07 -10.24
N MET B 1 -6.24 18.23 2.30
CA MET B 1 -5.16 18.87 1.52
C MET B 1 -4.53 17.91 0.52
N ASN B 2 -4.93 16.65 0.57
CA ASN B 2 -4.36 15.65 -0.29
C ASN B 2 -5.17 15.46 -1.56
N LYS B 3 -4.58 14.76 -2.52
CA LYS B 3 -5.27 14.38 -3.74
C LYS B 3 -4.91 12.94 -4.05
N ALA B 4 -5.81 12.06 -3.66
CA ALA B 4 -5.62 10.63 -3.83
C ALA B 4 -6.88 9.91 -3.41
N HIS B 5 -6.95 8.63 -3.71
CA HIS B 5 -8.11 7.84 -3.38
C HIS B 5 -7.82 6.36 -3.66
N PHE B 6 -8.44 5.50 -2.89
CA PHE B 6 -8.27 4.06 -3.05
C PHE B 6 -9.23 3.53 -4.11
N GLU B 7 -8.81 2.50 -4.82
CA GLU B 7 -9.62 1.90 -5.87
C GLU B 7 -9.49 0.38 -5.83
N VAL B 8 -10.61 -0.28 -5.61
CA VAL B 8 -10.67 -1.74 -5.55
C VAL B 8 -11.04 -2.30 -6.91
N PHE B 9 -10.31 -3.30 -7.36
CA PHE B 9 -10.54 -3.88 -8.68
C PHE B 9 -10.28 -5.38 -8.66
N VAL B 10 -10.43 -6.01 -9.82
CA VAL B 10 -10.24 -7.44 -9.97
C VAL B 10 -8.86 -7.79 -10.55
N ASP B 11 -8.24 -8.81 -9.97
CA ASP B 11 -6.93 -9.29 -10.41
C ASP B 11 -7.11 -10.23 -11.59
N ALA B 12 -6.01 -10.73 -12.11
CA ALA B 12 -6.04 -11.64 -13.24
C ALA B 12 -6.66 -12.99 -12.86
N ALA B 13 -6.75 -13.25 -11.56
CA ALA B 13 -7.28 -14.52 -11.08
C ALA B 13 -8.65 -14.34 -10.44
N ASP B 14 -9.30 -13.21 -10.78
CA ASP B 14 -10.65 -12.88 -10.31
C ASP B 14 -10.66 -12.58 -8.85
N LYS B 15 -9.65 -11.85 -8.43
CA LYS B 15 -9.46 -11.52 -7.04
C LYS B 15 -9.69 -10.06 -6.82
N TYR B 16 -10.02 -9.73 -5.61
CA TYR B 16 -10.30 -8.35 -5.26
C TYR B 16 -9.09 -7.73 -4.61
N ARG B 17 -8.54 -6.72 -5.25
CA ARG B 17 -7.37 -6.04 -4.76
C ARG B 17 -7.62 -4.55 -4.82
N TRP B 18 -6.66 -3.76 -4.39
CA TRP B 18 -6.81 -2.32 -4.44
C TRP B 18 -5.46 -1.62 -4.58
N ARG B 19 -5.52 -0.36 -4.96
CA ARG B 19 -4.35 0.47 -5.12
C ARG B 19 -4.67 1.90 -4.77
N LEU B 20 -3.70 2.60 -4.21
CA LEU B 20 -3.85 4.00 -3.91
C LEU B 20 -3.24 4.78 -5.06
N VAL B 21 -3.96 5.76 -5.56
CA VAL B 21 -3.51 6.52 -6.71
C VAL B 21 -3.63 8.01 -6.45
N HIS B 22 -2.59 8.75 -6.78
CA HIS B 22 -2.61 10.20 -6.65
C HIS B 22 -3.36 10.79 -7.83
N ASP B 23 -3.62 12.07 -7.78
CA ASP B 23 -4.30 12.76 -8.88
C ASP B 23 -3.45 12.71 -10.16
N ASN B 24 -2.15 12.50 -9.98
CA ASN B 24 -1.22 12.43 -11.11
C ASN B 24 -1.41 11.14 -11.86
N GLY B 25 -1.77 10.11 -11.11
CA GLY B 25 -2.04 8.80 -11.68
C GLY B 25 -1.00 7.77 -11.32
N ASN B 26 -0.15 8.11 -10.37
CA ASN B 26 0.89 7.20 -9.90
C ASN B 26 0.40 6.32 -8.76
N ILE B 27 0.85 5.07 -8.76
CA ILE B 27 0.47 4.12 -7.72
C ILE B 27 1.29 4.39 -6.46
N LEU B 28 0.61 4.76 -5.40
CA LEU B 28 1.25 5.09 -4.15
C LEU B 28 1.38 3.84 -3.30
N ALA B 29 0.32 3.06 -3.30
CA ALA B 29 0.31 1.79 -2.57
C ALA B 29 -0.61 0.79 -3.21
N ASP B 30 -0.45 -0.46 -2.82
CA ASP B 30 -1.24 -1.58 -3.33
C ASP B 30 -1.56 -2.53 -2.18
N SER B 31 -2.66 -3.26 -2.31
CA SER B 31 -3.09 -4.23 -1.28
C SER B 31 -1.98 -5.22 -0.92
N GLY B 32 -1.19 -5.62 -1.91
CA GLY B 32 -0.12 -6.58 -1.69
C GLY B 32 -0.61 -8.00 -1.82
N GLU B 33 -1.73 -8.27 -1.18
CA GLU B 33 -2.32 -9.61 -1.18
C GLU B 33 -3.41 -9.73 -2.24
N GLY B 34 -4.12 -10.85 -2.23
CA GLY B 34 -5.20 -11.08 -3.19
C GLY B 34 -6.16 -12.14 -2.69
N TYR B 35 -7.45 -11.87 -2.79
CA TYR B 35 -8.47 -12.78 -2.27
C TYR B 35 -9.69 -12.77 -3.17
N ALA B 36 -10.60 -13.70 -2.93
CA ALA B 36 -11.80 -13.82 -3.75
C ALA B 36 -12.98 -13.09 -3.12
N SER B 37 -12.73 -12.32 -2.07
CA SER B 37 -13.80 -11.57 -1.42
C SER B 37 -13.57 -10.07 -1.56
N LYS B 38 -14.62 -9.39 -2.01
CA LYS B 38 -14.57 -7.95 -2.20
C LYS B 38 -14.45 -7.23 -0.86
N GLN B 39 -15.07 -7.81 0.16
CA GLN B 39 -15.02 -7.26 1.50
C GLN B 39 -13.59 -7.24 2.00
N LYS B 40 -12.87 -8.35 1.80
CA LYS B 40 -11.51 -8.48 2.28
C LYS B 40 -10.62 -7.40 1.68
N ALA B 41 -10.81 -7.11 0.40
CA ALA B 41 -10.04 -6.05 -0.24
C ALA B 41 -10.25 -4.74 0.51
N LYS B 42 -11.50 -4.39 0.72
CA LYS B 42 -11.85 -3.18 1.42
C LYS B 42 -11.38 -3.18 2.86
N GLN B 43 -11.44 -4.34 3.51
CA GLN B 43 -10.96 -4.45 4.88
C GLN B 43 -9.45 -4.19 4.93
N GLY B 44 -8.76 -4.51 3.84
CA GLY B 44 -7.33 -4.28 3.78
C GLY B 44 -7.03 -2.81 3.84
N ILE B 45 -7.82 -2.05 3.12
CA ILE B 45 -7.71 -0.60 3.11
C ILE B 45 -7.95 -0.04 4.50
N GLU B 46 -9.00 -0.53 5.14
CA GLU B 46 -9.34 -0.08 6.48
C GLU B 46 -8.23 -0.42 7.45
N SER B 47 -7.66 -1.60 7.28
CA SER B 47 -6.56 -2.05 8.11
C SER B 47 -5.32 -1.18 7.86
N VAL B 48 -5.12 -0.73 6.62
CA VAL B 48 -3.94 0.04 6.30
C VAL B 48 -4.05 1.47 6.82
N LYS B 49 -5.24 2.08 6.71
CA LYS B 49 -5.43 3.46 7.14
C LYS B 49 -5.29 3.62 8.65
N ARG B 50 -5.28 2.50 9.35
CA ARG B 50 -5.16 2.50 10.80
C ARG B 50 -3.73 2.19 11.23
N ASN B 51 -2.91 1.74 10.29
CA ASN B 51 -1.55 1.34 10.59
C ASN B 51 -0.53 2.14 9.79
N ALA B 52 -0.84 2.39 8.54
CA ALA B 52 0.04 3.10 7.63
C ALA B 52 0.47 4.47 8.17
N PRO B 53 -0.46 5.32 8.66
CA PRO B 53 -0.11 6.65 9.14
C PRO B 53 0.75 6.63 10.41
N ASP B 54 0.86 5.46 11.04
CA ASP B 54 1.64 5.35 12.28
C ASP B 54 2.84 4.43 12.12
N ALA B 55 2.83 3.63 11.08
CA ALA B 55 3.89 2.65 10.83
C ALA B 55 5.20 3.30 10.45
N ASP B 56 6.28 2.75 10.99
CA ASP B 56 7.63 3.23 10.76
C ASP B 56 8.31 2.48 9.63
N VAL B 57 9.17 3.18 8.91
CA VAL B 57 9.93 2.60 7.81
C VAL B 57 11.19 1.92 8.30
N ILE B 58 11.40 0.68 7.86
CA ILE B 58 12.61 -0.05 8.21
C ILE B 58 13.24 -0.60 6.95
N GLU B 59 14.56 -0.58 6.91
CA GLU B 59 15.29 -1.13 5.79
C GLU B 59 15.51 -2.61 6.01
N ALA B 60 14.88 -3.43 5.18
CA ALA B 60 14.96 -4.88 5.33
C ALA B 60 16.29 -5.40 4.79
N MET A 1 -2.05 4.39 18.13
CA MET A 1 -2.47 2.99 18.21
C MET A 1 -2.33 2.29 16.87
N ASN A 2 -1.62 1.16 16.89
CA ASN A 2 -1.43 0.32 15.70
C ASN A 2 -0.41 -0.77 15.99
N LYS A 3 -0.32 -1.73 15.09
CA LYS A 3 0.70 -2.75 15.16
C LYS A 3 1.11 -3.12 13.74
N ALA A 4 2.18 -2.49 13.29
CA ALA A 4 2.70 -2.71 11.95
C ALA A 4 3.99 -1.93 11.79
N HIS A 5 4.61 -2.08 10.64
CA HIS A 5 5.83 -1.36 10.32
C HIS A 5 6.18 -1.56 8.86
N PHE A 6 6.73 -0.54 8.26
CA PHE A 6 7.13 -0.59 6.85
C PHE A 6 8.50 -1.18 6.69
N GLU A 7 8.70 -1.87 5.59
CA GLU A 7 9.98 -2.49 5.28
C GLU A 7 10.32 -2.32 3.80
N VAL A 8 11.43 -1.66 3.55
CA VAL A 8 11.93 -1.44 2.19
C VAL A 8 12.93 -2.52 1.85
N PHE A 9 12.77 -3.12 0.68
CA PHE A 9 13.64 -4.22 0.26
C PHE A 9 13.91 -4.13 -1.23
N VAL A 10 14.72 -5.04 -1.73
CA VAL A 10 15.06 -5.10 -3.15
C VAL A 10 14.20 -6.11 -3.90
N ASP A 11 13.70 -5.68 -5.05
CA ASP A 11 12.86 -6.51 -5.89
C ASP A 11 13.73 -7.47 -6.68
N ALA A 12 13.11 -8.29 -7.49
CA ALA A 12 13.82 -9.25 -8.31
C ALA A 12 14.63 -8.55 -9.39
N ALA A 13 14.32 -7.28 -9.62
CA ALA A 13 14.98 -6.51 -10.66
C ALA A 13 15.88 -5.42 -10.07
N ASP A 14 16.29 -5.62 -8.81
CA ASP A 14 17.21 -4.71 -8.11
C ASP A 14 16.56 -3.39 -7.79
N LYS A 15 15.29 -3.44 -7.49
CA LYS A 15 14.53 -2.24 -7.24
C LYS A 15 14.15 -2.13 -5.81
N TYR A 16 14.04 -0.91 -5.36
CA TYR A 16 13.70 -0.64 -3.98
C TYR A 16 12.20 -0.49 -3.85
N ARG A 17 11.59 -1.45 -3.18
CA ARG A 17 10.16 -1.43 -2.95
C ARG A 17 9.92 -1.57 -1.48
N TRP A 18 8.66 -1.57 -1.08
CA TRP A 18 8.32 -1.74 0.31
C TRP A 18 6.96 -2.37 0.47
N ARG A 19 6.73 -2.90 1.66
CA ARG A 19 5.48 -3.54 2.01
C ARG A 19 5.19 -3.32 3.49
N LEU A 20 3.94 -3.15 3.82
CA LEU A 20 3.54 -2.96 5.20
C LEU A 20 3.17 -4.31 5.79
N VAL A 21 3.66 -4.59 6.99
CA VAL A 21 3.43 -5.86 7.63
C VAL A 21 2.85 -5.65 9.01
N HIS A 22 1.77 -6.36 9.32
CA HIS A 22 1.16 -6.26 10.65
C HIS A 22 1.98 -7.08 11.63
N ASP A 23 1.66 -6.96 12.90
CA ASP A 23 2.34 -7.75 13.95
C ASP A 23 2.24 -9.24 13.67
N ASN A 24 1.12 -9.65 13.08
CA ASN A 24 0.86 -11.07 12.78
C ASN A 24 1.85 -11.57 11.74
N GLY A 25 2.20 -10.68 10.82
CA GLY A 25 3.15 -11.01 9.77
C GLY A 25 2.53 -11.02 8.39
N ASN A 26 1.31 -10.52 8.29
CA ASN A 26 0.59 -10.45 7.02
C ASN A 26 0.86 -9.14 6.31
N ILE A 27 0.90 -9.20 4.98
CA ILE A 27 1.10 -8.03 4.16
C ILE A 27 -0.18 -7.21 4.09
N LEU A 28 -0.08 -5.96 4.48
CA LEU A 28 -1.22 -5.06 4.50
C LEU A 28 -1.23 -4.21 3.25
N ALA A 29 -0.06 -3.72 2.89
CA ALA A 29 0.10 -2.89 1.71
C ALA A 29 1.46 -3.10 1.07
N ASP A 30 1.58 -2.64 -0.17
CA ASP A 30 2.80 -2.76 -0.96
C ASP A 30 3.00 -1.46 -1.75
N SER A 31 4.24 -1.14 -2.07
CA SER A 31 4.57 0.09 -2.78
C SER A 31 3.83 0.20 -4.12
N GLY A 32 3.69 -0.92 -4.81
CA GLY A 32 3.07 -0.93 -6.12
C GLY A 32 4.08 -0.60 -7.19
N GLU A 33 4.91 0.38 -6.90
CA GLU A 33 5.96 0.82 -7.82
C GLU A 33 7.28 0.13 -7.51
N GLY A 34 8.26 0.34 -8.39
CA GLY A 34 9.59 -0.20 -8.22
C GLY A 34 10.61 0.62 -8.97
N TYR A 35 11.62 1.09 -8.27
CA TYR A 35 12.64 1.95 -8.87
C TYR A 35 14.01 1.62 -8.32
N ALA A 36 15.04 2.21 -8.93
CA ALA A 36 16.42 1.93 -8.55
C ALA A 36 16.93 2.83 -7.43
N SER A 37 16.06 3.59 -6.80
CA SER A 37 16.51 4.47 -5.72
C SER A 37 15.82 4.14 -4.40
N LYS A 38 16.65 4.01 -3.37
CA LYS A 38 16.18 3.68 -2.04
C LYS A 38 15.31 4.80 -1.49
N GLN A 39 15.68 6.03 -1.83
CA GLN A 39 14.96 7.19 -1.38
C GLN A 39 13.53 7.16 -1.89
N LYS A 40 13.35 6.86 -3.17
CA LYS A 40 12.03 6.85 -3.80
C LYS A 40 11.12 5.85 -3.11
N ALA A 41 11.66 4.69 -2.73
CA ALA A 41 10.88 3.71 -2.01
C ALA A 41 10.33 4.31 -0.72
N LYS A 42 11.23 4.92 0.04
CA LYS A 42 10.87 5.55 1.29
C LYS A 42 9.94 6.74 1.08
N GLN A 43 10.13 7.44 -0.04
CA GLN A 43 9.25 8.56 -0.36
C GLN A 43 7.85 8.06 -0.63
N GLY A 44 7.74 6.85 -1.19
CA GLY A 44 6.44 6.28 -1.49
C GLY A 44 5.63 6.05 -0.24
N ILE A 45 6.32 5.58 0.80
CA ILE A 45 5.71 5.34 2.09
C ILE A 45 5.13 6.62 2.66
N GLU A 46 5.94 7.66 2.69
CA GLU A 46 5.51 8.94 3.21
C GLU A 46 4.41 9.53 2.34
N SER A 47 4.47 9.27 1.04
CA SER A 47 3.46 9.75 0.13
C SER A 47 2.12 9.08 0.41
N VAL A 48 2.15 7.79 0.77
CA VAL A 48 0.91 7.07 1.02
C VAL A 48 0.32 7.50 2.35
N LYS A 49 1.17 7.70 3.35
CA LYS A 49 0.73 8.09 4.70
C LYS A 49 0.10 9.48 4.68
N ARG A 50 0.32 10.21 3.61
CA ARG A 50 -0.17 11.58 3.50
C ARG A 50 -1.44 11.63 2.65
N ASN A 51 -1.85 10.48 2.14
CA ASN A 51 -3.02 10.41 1.25
C ASN A 51 -3.95 9.27 1.64
N ALA A 52 -3.36 8.16 2.06
CA ALA A 52 -4.10 6.95 2.44
C ALA A 52 -5.14 7.23 3.53
N PRO A 53 -4.76 7.89 4.65
CA PRO A 53 -5.71 8.13 5.75
C PRO A 53 -6.88 9.04 5.35
N ASP A 54 -6.79 9.70 4.20
CA ASP A 54 -7.87 10.61 3.77
C ASP A 54 -8.51 10.14 2.46
N ALA A 55 -7.83 9.28 1.74
CA ALA A 55 -8.29 8.79 0.46
C ALA A 55 -9.55 7.94 0.58
N ASP A 56 -10.48 8.20 -0.31
CA ASP A 56 -11.75 7.49 -0.36
C ASP A 56 -11.64 6.25 -1.23
N VAL A 57 -12.14 5.13 -0.72
CA VAL A 57 -12.13 3.89 -1.46
C VAL A 57 -13.37 3.75 -2.33
N ILE A 58 -13.12 3.41 -3.59
CA ILE A 58 -14.18 3.23 -4.57
C ILE A 58 -14.12 1.81 -5.12
N GLU A 59 -15.28 1.25 -5.42
CA GLU A 59 -15.35 -0.08 -6.00
C GLU A 59 -15.28 0.03 -7.52
N ALA A 60 -14.12 -0.26 -8.08
CA ALA A 60 -13.90 -0.15 -9.51
C ALA A 60 -14.36 -1.42 -10.22
N MET B 1 -6.41 16.10 4.09
CA MET B 1 -5.37 16.86 3.35
C MET B 1 -4.70 15.99 2.32
N ASN B 2 -5.26 15.92 1.11
CA ASN B 2 -4.66 15.10 0.06
C ASN B 2 -5.43 15.18 -1.24
N LYS B 3 -4.83 14.59 -2.26
CA LYS B 3 -5.45 14.42 -3.55
C LYS B 3 -5.08 13.02 -4.02
N ALA B 4 -5.99 12.09 -3.76
CA ALA B 4 -5.79 10.68 -4.06
C ALA B 4 -7.09 9.94 -3.75
N HIS B 5 -7.12 8.66 -4.05
CA HIS B 5 -8.30 7.85 -3.76
C HIS B 5 -8.01 6.37 -3.96
N PHE B 6 -8.64 5.53 -3.16
CA PHE B 6 -8.48 4.10 -3.26
C PHE B 6 -9.47 3.52 -4.26
N GLU B 7 -9.05 2.46 -4.94
CA GLU B 7 -9.90 1.79 -5.91
C GLU B 7 -9.71 0.29 -5.86
N VAL B 8 -10.81 -0.42 -5.59
CA VAL B 8 -10.79 -1.86 -5.52
C VAL B 8 -11.20 -2.45 -6.88
N PHE B 9 -10.45 -3.43 -7.35
CA PHE B 9 -10.71 -4.02 -8.66
C PHE B 9 -10.41 -5.52 -8.64
N VAL B 10 -10.59 -6.17 -9.79
CA VAL B 10 -10.36 -7.61 -9.92
C VAL B 10 -8.97 -7.92 -10.48
N ASP B 11 -8.28 -8.87 -9.84
CA ASP B 11 -6.95 -9.29 -10.25
C ASP B 11 -7.05 -10.30 -11.39
N ALA B 12 -5.92 -10.73 -11.87
CA ALA B 12 -5.85 -11.70 -12.96
C ALA B 12 -6.31 -13.08 -12.49
N ALA B 13 -6.54 -13.22 -11.18
CA ALA B 13 -6.96 -14.48 -10.60
C ALA B 13 -8.37 -14.37 -10.01
N ASP B 14 -9.09 -13.33 -10.45
CA ASP B 14 -10.48 -13.08 -10.04
C ASP B 14 -10.55 -12.67 -8.59
N LYS B 15 -9.59 -11.87 -8.18
CA LYS B 15 -9.49 -11.47 -6.81
C LYS B 15 -9.79 -10.01 -6.64
N TYR B 16 -10.18 -9.65 -5.44
CA TYR B 16 -10.56 -8.28 -5.16
C TYR B 16 -9.41 -7.55 -4.53
N ARG B 17 -8.71 -6.74 -5.29
CA ARG B 17 -7.54 -6.04 -4.77
C ARG B 17 -7.74 -4.55 -4.89
N TRP B 18 -6.77 -3.77 -4.47
CA TRP B 18 -6.89 -2.33 -4.53
C TRP B 18 -5.54 -1.67 -4.67
N ARG B 19 -5.58 -0.42 -5.13
CA ARG B 19 -4.39 0.40 -5.29
C ARG B 19 -4.73 1.84 -5.01
N LEU B 20 -3.78 2.56 -4.45
CA LEU B 20 -3.97 3.98 -4.18
C LEU B 20 -3.37 4.77 -5.33
N VAL B 21 -4.13 5.73 -5.83
CA VAL B 21 -3.70 6.51 -6.98
C VAL B 21 -3.78 8.00 -6.66
N HIS B 22 -2.70 8.72 -6.94
CA HIS B 22 -2.66 10.16 -6.71
C HIS B 22 -3.31 10.88 -7.88
N ASP B 23 -3.47 12.18 -7.75
CA ASP B 23 -4.04 13.03 -8.81
C ASP B 23 -3.28 12.86 -10.14
N ASN B 24 -1.95 12.67 -10.07
CA ASN B 24 -1.13 12.49 -11.28
C ASN B 24 -1.49 11.21 -11.99
N GLY B 25 -1.92 10.22 -11.20
CA GLY B 25 -2.28 8.93 -11.75
C GLY B 25 -1.24 7.86 -11.45
N ASN B 26 -0.34 8.18 -10.52
CA ASN B 26 0.71 7.25 -10.11
C ASN B 26 0.26 6.37 -8.96
N ILE B 27 0.69 5.10 -9.01
CA ILE B 27 0.38 4.13 -7.97
C ILE B 27 1.20 4.44 -6.73
N LEU B 28 0.52 4.68 -5.63
CA LEU B 28 1.17 5.01 -4.37
C LEU B 28 1.32 3.78 -3.51
N ALA B 29 0.25 2.99 -3.46
CA ALA B 29 0.26 1.75 -2.71
C ALA B 29 -0.68 0.72 -3.33
N ASP B 30 -0.48 -0.53 -2.92
CA ASP B 30 -1.30 -1.65 -3.37
C ASP B 30 -1.58 -2.57 -2.19
N SER B 31 -2.61 -3.39 -2.31
CA SER B 31 -3.00 -4.32 -1.26
C SER B 31 -1.88 -5.33 -0.89
N GLY B 32 -1.18 -5.85 -1.89
CA GLY B 32 -0.10 -6.80 -1.64
C GLY B 32 -0.57 -8.25 -1.71
N GLU B 33 -1.65 -8.51 -1.01
CA GLU B 33 -2.24 -9.86 -0.92
C GLU B 33 -3.34 -10.04 -1.96
N GLY B 34 -4.10 -11.13 -1.86
CA GLY B 34 -5.23 -11.35 -2.76
C GLY B 34 -6.28 -12.28 -2.19
N TYR B 35 -7.56 -11.90 -2.35
CA TYR B 35 -8.67 -12.68 -1.82
C TYR B 35 -9.84 -12.62 -2.78
N ALA B 36 -10.84 -13.47 -2.54
CA ALA B 36 -11.98 -13.58 -3.44
C ALA B 36 -13.19 -12.77 -2.97
N SER B 37 -13.02 -11.90 -1.98
CA SER B 37 -14.15 -11.12 -1.48
C SER B 37 -13.84 -9.62 -1.48
N LYS B 38 -14.80 -8.85 -1.95
CA LYS B 38 -14.66 -7.41 -2.03
C LYS B 38 -14.49 -6.80 -0.65
N GLN B 39 -15.23 -7.33 0.33
CA GLN B 39 -15.18 -6.82 1.68
C GLN B 39 -13.77 -6.89 2.22
N LYS B 40 -13.11 -8.02 1.99
CA LYS B 40 -11.76 -8.25 2.48
C LYS B 40 -10.80 -7.23 1.88
N ALA B 41 -10.99 -6.92 0.61
CA ALA B 41 -10.16 -5.92 -0.05
C ALA B 41 -10.25 -4.59 0.68
N LYS B 42 -11.49 -4.17 0.92
CA LYS B 42 -11.75 -2.92 1.60
C LYS B 42 -11.25 -2.94 3.03
N GLN B 43 -11.28 -4.11 3.65
CA GLN B 43 -10.76 -4.24 5.01
C GLN B 43 -9.26 -3.98 5.01
N GLY B 44 -8.58 -4.33 3.91
CA GLY B 44 -7.15 -4.11 3.83
C GLY B 44 -6.83 -2.64 3.80
N ILE B 45 -7.63 -1.89 3.08
CA ILE B 45 -7.50 -0.45 2.99
C ILE B 45 -7.65 0.18 4.36
N GLU B 46 -8.73 -0.16 5.02
CA GLU B 46 -9.00 0.40 6.33
C GLU B 46 -7.96 -0.05 7.35
N SER B 47 -7.45 -1.26 7.18
CA SER B 47 -6.41 -1.76 8.05
C SER B 47 -5.12 -0.98 7.84
N VAL B 48 -4.84 -0.60 6.60
CA VAL B 48 -3.59 0.11 6.31
C VAL B 48 -3.67 1.53 6.87
N LYS B 49 -4.83 2.15 6.72
CA LYS B 49 -5.05 3.52 7.18
C LYS B 49 -4.95 3.65 8.69
N ARG B 50 -5.00 2.52 9.38
CA ARG B 50 -4.99 2.51 10.83
C ARG B 50 -3.61 2.11 11.36
N ASN B 51 -2.70 1.78 10.46
CA ASN B 51 -1.36 1.33 10.85
C ASN B 51 -0.28 2.08 10.09
N ALA B 52 -0.55 2.34 8.82
CA ALA B 52 0.40 3.01 7.92
C ALA B 52 0.83 4.37 8.44
N PRO B 53 -0.11 5.27 8.85
CA PRO B 53 0.28 6.61 9.31
C PRO B 53 1.15 6.62 10.57
N ASP B 54 1.27 5.47 11.23
CA ASP B 54 2.06 5.38 12.46
C ASP B 54 3.24 4.42 12.32
N ALA B 55 3.19 3.59 11.28
CA ALA B 55 4.21 2.57 11.03
C ALA B 55 5.55 3.18 10.66
N ASP B 56 6.60 2.59 11.22
CA ASP B 56 7.97 3.02 10.97
C ASP B 56 8.58 2.33 9.78
N VAL B 57 9.36 3.09 9.02
CA VAL B 57 10.06 2.57 7.86
C VAL B 57 11.37 1.90 8.24
N ILE B 58 11.57 0.67 7.77
CA ILE B 58 12.81 -0.04 8.02
C ILE B 58 13.44 -0.41 6.69
N GLU B 59 14.74 -0.24 6.62
CA GLU B 59 15.49 -0.60 5.43
C GLU B 59 15.98 -2.03 5.59
N ALA B 60 15.29 -2.96 4.94
CA ALA B 60 15.58 -4.37 5.04
C ALA B 60 16.87 -4.74 4.29
N MET A 1 -1.12 3.66 18.09
CA MET A 1 -2.26 2.80 18.49
C MET A 1 -2.14 1.39 17.90
N ASN A 2 -1.51 1.29 16.75
CA ASN A 2 -1.41 0.03 16.02
C ASN A 2 -0.15 -0.76 16.35
N LYS A 3 -0.02 -1.85 15.60
CA LYS A 3 1.14 -2.70 15.61
C LYS A 3 1.45 -3.07 14.16
N ALA A 4 2.39 -2.34 13.58
CA ALA A 4 2.77 -2.54 12.19
C ALA A 4 3.96 -1.65 11.87
N HIS A 5 4.56 -1.87 10.71
CA HIS A 5 5.73 -1.11 10.31
C HIS A 5 6.03 -1.36 8.84
N PHE A 6 6.62 -0.37 8.20
CA PHE A 6 6.99 -0.44 6.80
C PHE A 6 8.38 -1.06 6.65
N GLU A 7 8.59 -1.75 5.54
CA GLU A 7 9.88 -2.35 5.25
C GLU A 7 10.21 -2.26 3.77
N VAL A 8 11.34 -1.65 3.45
CA VAL A 8 11.79 -1.50 2.07
C VAL A 8 12.73 -2.63 1.68
N PHE A 9 12.51 -3.20 0.49
CA PHE A 9 13.30 -4.34 0.02
C PHE A 9 13.53 -4.23 -1.49
N VAL A 10 14.27 -5.19 -2.05
CA VAL A 10 14.59 -5.20 -3.47
C VAL A 10 13.71 -6.16 -4.28
N ASP A 11 13.32 -5.71 -5.47
CA ASP A 11 12.51 -6.48 -6.39
C ASP A 11 13.39 -7.45 -7.16
N ALA A 12 12.78 -8.24 -8.01
CA ALA A 12 13.51 -9.17 -8.84
C ALA A 12 14.27 -8.42 -9.93
N ALA A 13 13.91 -7.16 -10.11
CA ALA A 13 14.51 -6.32 -11.14
C ALA A 13 15.45 -5.28 -10.52
N ASP A 14 15.84 -5.54 -9.27
CA ASP A 14 16.80 -4.69 -8.53
C ASP A 14 16.18 -3.37 -8.14
N LYS A 15 14.90 -3.40 -7.85
CA LYS A 15 14.18 -2.19 -7.55
C LYS A 15 13.81 -2.12 -6.10
N TYR A 16 13.66 -0.92 -5.63
CA TYR A 16 13.33 -0.67 -4.24
C TYR A 16 11.82 -0.57 -4.07
N ARG A 17 11.27 -1.56 -3.38
CA ARG A 17 9.86 -1.56 -3.08
C ARG A 17 9.68 -1.65 -1.59
N TRP A 18 8.45 -1.66 -1.12
CA TRP A 18 8.20 -1.80 0.29
C TRP A 18 6.86 -2.43 0.55
N ARG A 19 6.64 -2.79 1.80
CA ARG A 19 5.40 -3.40 2.22
C ARG A 19 5.13 -3.09 3.67
N LEU A 20 3.85 -3.08 4.02
CA LEU A 20 3.46 -2.85 5.39
C LEU A 20 3.14 -4.19 6.01
N VAL A 21 3.69 -4.43 7.18
CA VAL A 21 3.53 -5.72 7.84
C VAL A 21 3.00 -5.52 9.25
N HIS A 22 1.96 -6.26 9.60
CA HIS A 22 1.40 -6.20 10.93
C HIS A 22 2.25 -7.03 11.87
N ASP A 23 1.98 -6.96 13.16
CA ASP A 23 2.70 -7.75 14.16
C ASP A 23 2.62 -9.25 13.86
N ASN A 24 1.50 -9.65 13.26
CA ASN A 24 1.26 -11.06 12.92
C ASN A 24 2.23 -11.51 11.84
N GLY A 25 2.56 -10.57 10.96
CA GLY A 25 3.49 -10.85 9.88
C GLY A 25 2.81 -10.87 8.51
N ASN A 26 1.57 -10.41 8.47
CA ASN A 26 0.80 -10.37 7.23
C ASN A 26 1.03 -9.07 6.47
N ILE A 27 1.05 -9.18 5.14
CA ILE A 27 1.21 -8.01 4.28
C ILE A 27 -0.09 -7.23 4.21
N LEU A 28 -0.03 -5.99 4.64
CA LEU A 28 -1.20 -5.12 4.67
C LEU A 28 -1.23 -4.29 3.41
N ALA A 29 -0.07 -3.79 3.03
CA ALA A 29 0.08 -3.00 1.82
C ALA A 29 1.47 -3.18 1.21
N ASP A 30 1.60 -2.73 -0.02
CA ASP A 30 2.84 -2.81 -0.79
C ASP A 30 3.01 -1.52 -1.57
N SER A 31 4.24 -1.20 -1.97
CA SER A 31 4.53 0.01 -2.74
C SER A 31 3.72 0.05 -4.05
N GLY A 32 3.53 -1.13 -4.63
CA GLY A 32 2.81 -1.23 -5.89
C GLY A 32 3.77 -1.09 -7.05
N GLU A 33 4.59 -0.06 -6.96
CA GLU A 33 5.59 0.24 -7.96
C GLU A 33 6.98 -0.17 -7.49
N GLY A 34 7.93 -0.08 -8.41
CA GLY A 34 9.31 -0.39 -8.12
C GLY A 34 10.22 0.58 -8.85
N TYR A 35 11.26 1.04 -8.19
CA TYR A 35 12.19 2.02 -8.77
C TYR A 35 13.62 1.71 -8.39
N ALA A 36 14.56 2.39 -9.03
CA ALA A 36 15.98 2.13 -8.79
C ALA A 36 16.57 3.00 -7.68
N SER A 37 15.72 3.70 -6.94
CA SER A 37 16.20 4.55 -5.86
C SER A 37 15.51 4.21 -4.55
N LYS A 38 16.29 4.00 -3.51
CA LYS A 38 15.75 3.66 -2.20
C LYS A 38 14.94 4.83 -1.66
N GLN A 39 15.41 6.04 -1.93
CA GLN A 39 14.74 7.24 -1.47
C GLN A 39 13.34 7.29 -2.01
N LYS A 40 13.19 6.93 -3.29
CA LYS A 40 11.89 6.96 -3.95
C LYS A 40 10.95 5.98 -3.27
N ALA A 41 11.47 4.82 -2.89
CA ALA A 41 10.67 3.83 -2.18
C ALA A 41 10.13 4.43 -0.88
N LYS A 42 11.01 5.10 -0.15
CA LYS A 42 10.61 5.72 1.10
C LYS A 42 9.59 6.82 0.84
N GLN A 43 9.83 7.62 -0.20
CA GLN A 43 8.91 8.70 -0.54
C GLN A 43 7.54 8.12 -0.85
N GLY A 44 7.50 6.87 -1.31
CA GLY A 44 6.22 6.23 -1.56
C GLY A 44 5.48 6.06 -0.27
N ILE A 45 6.19 5.58 0.73
CA ILE A 45 5.66 5.43 2.07
C ILE A 45 5.27 6.79 2.63
N GLU A 46 6.18 7.73 2.52
CA GLU A 46 5.96 9.07 3.02
C GLU A 46 4.77 9.73 2.34
N SER A 47 4.63 9.50 1.04
CA SER A 47 3.49 10.02 0.30
C SER A 47 2.22 9.28 0.71
N VAL A 48 2.34 7.98 1.02
CA VAL A 48 1.15 7.21 1.34
C VAL A 48 0.61 7.63 2.71
N LYS A 49 1.49 7.91 3.66
CA LYS A 49 1.06 8.33 4.99
C LYS A 49 0.41 9.71 4.96
N ARG A 50 0.57 10.41 3.84
CA ARG A 50 0.04 11.75 3.67
C ARG A 50 -1.20 11.74 2.78
N ASN A 51 -1.54 10.56 2.26
CA ASN A 51 -2.68 10.42 1.35
C ASN A 51 -3.61 9.31 1.77
N ALA A 52 -3.04 8.19 2.18
CA ALA A 52 -3.80 7.00 2.56
C ALA A 52 -4.82 7.29 3.66
N PRO A 53 -4.43 7.94 4.79
CA PRO A 53 -5.39 8.19 5.88
C PRO A 53 -6.52 9.14 5.47
N ASP A 54 -6.37 9.80 4.34
CA ASP A 54 -7.38 10.75 3.85
C ASP A 54 -8.11 10.20 2.63
N ALA A 55 -7.42 9.34 1.91
CA ALA A 55 -7.92 8.78 0.67
C ALA A 55 -9.14 7.91 0.86
N ASP A 56 -10.10 8.13 -0.01
CA ASP A 56 -11.35 7.38 -0.01
C ASP A 56 -11.32 6.26 -1.02
N VAL A 57 -11.88 5.12 -0.66
CA VAL A 57 -11.91 3.95 -1.53
C VAL A 57 -13.10 3.96 -2.47
N ILE A 58 -12.83 3.63 -3.73
CA ILE A 58 -13.84 3.55 -4.77
C ILE A 58 -13.81 2.16 -5.41
N GLU A 59 -14.95 1.69 -5.86
CA GLU A 59 -15.03 0.41 -6.54
C GLU A 59 -14.77 0.63 -8.03
N ALA A 60 -13.63 0.15 -8.51
CA ALA A 60 -13.26 0.35 -9.90
C ALA A 60 -13.97 -0.63 -10.82
N MET B 1 -6.50 18.52 1.90
CA MET B 1 -5.03 18.49 2.05
C MET B 1 -4.36 17.71 0.91
N ASN B 2 -4.74 16.45 0.77
CA ASN B 2 -4.12 15.57 -0.21
C ASN B 2 -4.91 15.49 -1.50
N LYS B 3 -4.34 14.71 -2.42
CA LYS B 3 -4.99 14.38 -3.67
C LYS B 3 -4.66 12.93 -4.00
N ALA B 4 -5.60 12.06 -3.66
CA ALA B 4 -5.47 10.63 -3.87
C ALA B 4 -6.76 9.93 -3.51
N HIS B 5 -6.84 8.65 -3.82
CA HIS B 5 -8.03 7.87 -3.53
C HIS B 5 -7.75 6.39 -3.78
N PHE B 6 -8.37 5.53 -3.00
CA PHE B 6 -8.22 4.09 -3.16
C PHE B 6 -9.19 3.57 -4.20
N GLU B 7 -8.80 2.48 -4.86
CA GLU B 7 -9.64 1.85 -5.87
C GLU B 7 -9.50 0.33 -5.83
N VAL B 8 -10.63 -0.34 -5.66
CA VAL B 8 -10.66 -1.80 -5.62
C VAL B 8 -10.97 -2.36 -7.01
N PHE B 9 -10.21 -3.35 -7.43
CA PHE B 9 -10.38 -3.93 -8.77
C PHE B 9 -10.20 -5.45 -8.73
N VAL B 10 -10.30 -6.09 -9.89
CA VAL B 10 -10.16 -7.53 -9.99
C VAL B 10 -8.87 -7.95 -10.70
N ASP B 11 -8.21 -8.98 -10.16
CA ASP B 11 -6.98 -9.51 -10.73
C ASP B 11 -7.33 -10.50 -11.83
N ALA B 12 -6.31 -11.09 -12.43
CA ALA B 12 -6.50 -12.04 -13.51
C ALA B 12 -7.13 -13.34 -13.01
N ALA B 13 -7.08 -13.56 -11.71
CA ALA B 13 -7.61 -14.78 -11.11
C ALA B 13 -8.87 -14.50 -10.33
N ASP B 14 -9.58 -13.44 -10.70
CA ASP B 14 -10.83 -13.04 -10.07
C ASP B 14 -10.61 -12.71 -8.60
N LYS B 15 -9.49 -12.05 -8.32
CA LYS B 15 -9.19 -11.64 -6.97
C LYS B 15 -9.58 -10.19 -6.79
N TYR B 16 -9.84 -9.81 -5.57
CA TYR B 16 -10.28 -8.46 -5.27
C TYR B 16 -9.19 -7.70 -4.57
N ARG B 17 -8.50 -6.83 -5.30
CA ARG B 17 -7.38 -6.09 -4.73
C ARG B 17 -7.62 -4.61 -4.85
N TRP B 18 -6.67 -3.82 -4.40
CA TRP B 18 -6.80 -2.38 -4.46
C TRP B 18 -5.45 -1.70 -4.57
N ARG B 19 -5.47 -0.44 -5.00
CA ARG B 19 -4.27 0.37 -5.14
C ARG B 19 -4.60 1.82 -4.84
N LEU B 20 -3.64 2.53 -4.27
CA LEU B 20 -3.81 3.94 -4.00
C LEU B 20 -3.26 4.72 -5.17
N VAL B 21 -4.01 5.69 -5.64
CA VAL B 21 -3.63 6.45 -6.82
C VAL B 21 -3.66 7.94 -6.53
N HIS B 22 -2.57 8.64 -6.86
CA HIS B 22 -2.51 10.08 -6.66
C HIS B 22 -3.24 10.76 -7.81
N ASP B 23 -3.37 12.08 -7.72
CA ASP B 23 -4.00 12.86 -8.79
C ASP B 23 -3.33 12.63 -10.14
N ASN B 24 -2.01 12.43 -10.09
CA ASN B 24 -1.22 12.22 -11.31
C ASN B 24 -1.62 10.92 -11.99
N GLY B 25 -1.98 9.95 -11.15
CA GLY B 25 -2.37 8.65 -11.66
C GLY B 25 -1.35 7.57 -11.35
N ASN B 26 -0.40 7.91 -10.50
CA ASN B 26 0.65 6.96 -10.11
C ASN B 26 0.22 6.12 -8.92
N ILE B 27 0.64 4.86 -8.94
CA ILE B 27 0.34 3.95 -7.85
C ILE B 27 1.24 4.24 -6.67
N LEU B 28 0.62 4.58 -5.56
CA LEU B 28 1.32 4.94 -4.34
C LEU B 28 1.48 3.71 -3.45
N ALA B 29 0.40 2.97 -3.34
CA ALA B 29 0.38 1.74 -2.56
C ALA B 29 -0.58 0.72 -3.16
N ASP B 30 -0.38 -0.54 -2.79
CA ASP B 30 -1.20 -1.65 -3.26
C ASP B 30 -1.51 -2.56 -2.07
N SER B 31 -2.55 -3.36 -2.20
CA SER B 31 -2.96 -4.29 -1.16
C SER B 31 -1.84 -5.29 -0.79
N GLY B 32 -1.08 -5.73 -1.78
CA GLY B 32 0.03 -6.66 -1.56
C GLY B 32 -0.40 -8.11 -1.63
N GLU B 33 -1.45 -8.42 -0.91
CA GLU B 33 -2.01 -9.79 -0.83
C GLU B 33 -3.05 -10.01 -1.91
N GLY B 34 -3.81 -11.11 -1.81
CA GLY B 34 -4.89 -11.35 -2.76
C GLY B 34 -5.93 -12.34 -2.25
N TYR B 35 -7.21 -11.99 -2.41
CA TYR B 35 -8.30 -12.82 -1.92
C TYR B 35 -9.47 -12.79 -2.89
N ALA B 36 -10.48 -13.61 -2.63
CA ALA B 36 -11.62 -13.77 -3.53
C ALA B 36 -12.85 -12.95 -3.14
N SER B 37 -12.72 -12.02 -2.21
CA SER B 37 -13.88 -11.22 -1.80
C SER B 37 -13.57 -9.73 -1.79
N LYS B 38 -14.50 -8.95 -2.33
CA LYS B 38 -14.34 -7.50 -2.39
C LYS B 38 -14.27 -6.90 -1.01
N GLN B 39 -15.09 -7.43 -0.09
CA GLN B 39 -15.12 -6.94 1.28
C GLN B 39 -13.75 -7.03 1.91
N LYS B 40 -13.07 -8.15 1.68
CA LYS B 40 -11.74 -8.37 2.24
C LYS B 40 -10.78 -7.31 1.72
N ALA B 41 -10.94 -6.95 0.45
CA ALA B 41 -10.11 -5.91 -0.15
C ALA B 41 -10.28 -4.59 0.60
N LYS B 42 -11.52 -4.24 0.87
CA LYS B 42 -11.83 -3.01 1.56
C LYS B 42 -11.29 -3.04 2.98
N GLN B 43 -11.37 -4.20 3.61
CA GLN B 43 -10.87 -4.36 4.97
C GLN B 43 -9.36 -4.12 4.99
N GLY B 44 -8.69 -4.41 3.87
CA GLY B 44 -7.27 -4.18 3.79
C GLY B 44 -6.93 -2.71 3.81
N ILE B 45 -7.74 -1.96 3.06
CA ILE B 45 -7.61 -0.50 3.00
C ILE B 45 -7.79 0.10 4.38
N GLU B 46 -8.84 -0.31 5.05
CA GLU B 46 -9.13 0.19 6.37
C GLU B 46 -8.03 -0.19 7.35
N SER B 47 -7.47 -1.36 7.16
CA SER B 47 -6.38 -1.82 7.99
C SER B 47 -5.14 -0.97 7.74
N VAL B 48 -4.92 -0.57 6.48
CA VAL B 48 -3.73 0.20 6.16
C VAL B 48 -3.87 1.62 6.71
N LYS B 49 -5.05 2.21 6.58
CA LYS B 49 -5.29 3.55 7.09
C LYS B 49 -5.23 3.59 8.62
N ARG B 50 -5.26 2.42 9.23
CA ARG B 50 -5.26 2.30 10.68
C ARG B 50 -3.87 1.89 11.19
N ASN B 51 -2.93 1.65 10.26
CA ASN B 51 -1.57 1.22 10.60
C ASN B 51 -0.51 2.06 9.90
N ALA B 52 -0.78 2.37 8.64
CA ALA B 52 0.15 3.12 7.79
C ALA B 52 0.57 4.46 8.39
N PRO B 53 -0.36 5.32 8.84
CA PRO B 53 0.01 6.63 9.38
C PRO B 53 0.84 6.54 10.66
N ASP B 54 0.83 5.37 11.31
CA ASP B 54 1.55 5.17 12.55
C ASP B 54 2.85 4.41 12.32
N ALA B 55 2.83 3.58 11.30
CA ALA B 55 3.93 2.70 10.97
C ALA B 55 5.21 3.42 10.57
N ASP B 56 6.33 2.87 11.02
CA ASP B 56 7.66 3.39 10.69
C ASP B 56 8.32 2.51 9.64
N VAL B 57 9.11 3.12 8.78
CA VAL B 57 9.78 2.39 7.70
C VAL B 57 11.19 1.94 8.09
N ILE B 58 11.46 0.67 7.81
CA ILE B 58 12.75 0.06 8.09
C ILE B 58 13.37 -0.46 6.79
N GLU B 59 14.70 -0.49 6.74
CA GLU B 59 15.41 -1.03 5.58
C GLU B 59 15.55 -2.55 5.74
N ALA B 60 14.82 -3.30 4.94
CA ALA B 60 14.84 -4.75 5.03
C ALA B 60 15.99 -5.34 4.21
N MET A 1 -0.40 3.30 19.17
CA MET A 1 -1.74 2.72 18.94
C MET A 1 -1.67 1.53 17.99
N ASN A 2 -1.21 1.77 16.78
CA ASN A 2 -1.16 0.73 15.75
C ASN A 2 -0.10 -0.31 16.06
N LYS A 3 -0.18 -1.43 15.36
CA LYS A 3 0.84 -2.46 15.46
C LYS A 3 1.17 -2.91 14.05
N ALA A 4 2.23 -2.33 13.52
CA ALA A 4 2.67 -2.60 12.16
C ALA A 4 3.95 -1.84 11.89
N HIS A 5 4.50 -1.99 10.70
CA HIS A 5 5.70 -1.27 10.31
C HIS A 5 5.98 -1.49 8.82
N PHE A 6 6.55 -0.47 8.19
CA PHE A 6 6.91 -0.55 6.78
C PHE A 6 8.29 -1.18 6.60
N GLU A 7 8.51 -1.82 5.46
CA GLU A 7 9.79 -2.47 5.17
C GLU A 7 10.17 -2.27 3.71
N VAL A 8 11.32 -1.64 3.49
CA VAL A 8 11.83 -1.40 2.14
C VAL A 8 12.85 -2.47 1.78
N PHE A 9 12.74 -3.01 0.58
CA PHE A 9 13.63 -4.08 0.13
C PHE A 9 13.91 -3.97 -1.37
N VAL A 10 14.74 -4.87 -1.88
CA VAL A 10 15.08 -4.91 -3.29
C VAL A 10 14.27 -5.96 -4.04
N ASP A 11 13.75 -5.57 -5.19
CA ASP A 11 12.93 -6.45 -6.01
C ASP A 11 13.84 -7.34 -6.84
N ALA A 12 13.23 -8.21 -7.65
CA ALA A 12 13.97 -9.13 -8.49
C ALA A 12 14.74 -8.40 -9.59
N ALA A 13 14.39 -7.14 -9.79
CA ALA A 13 15.01 -6.33 -10.83
C ALA A 13 15.89 -5.23 -10.25
N ASP A 14 16.30 -5.41 -8.98
CA ASP A 14 17.19 -4.49 -8.28
C ASP A 14 16.50 -3.19 -7.96
N LYS A 15 15.23 -3.30 -7.65
CA LYS A 15 14.43 -2.14 -7.40
C LYS A 15 14.08 -2.00 -5.96
N TYR A 16 13.90 -0.79 -5.55
CA TYR A 16 13.60 -0.50 -4.17
C TYR A 16 12.09 -0.38 -4.01
N ARG A 17 11.51 -1.34 -3.30
CA ARG A 17 10.08 -1.34 -3.07
C ARG A 17 9.85 -1.52 -1.58
N TRP A 18 8.60 -1.53 -1.16
CA TRP A 18 8.29 -1.69 0.25
C TRP A 18 6.95 -2.38 0.46
N ARG A 19 6.73 -2.81 1.70
CA ARG A 19 5.50 -3.47 2.11
C ARG A 19 5.17 -3.12 3.55
N LEU A 20 3.89 -3.09 3.86
CA LEU A 20 3.46 -2.85 5.22
C LEU A 20 3.08 -4.18 5.83
N VAL A 21 3.55 -4.43 7.04
CA VAL A 21 3.34 -5.70 7.70
C VAL A 21 2.78 -5.46 9.10
N HIS A 22 1.68 -6.15 9.43
CA HIS A 22 1.10 -6.03 10.75
C HIS A 22 1.95 -6.82 11.72
N ASP A 23 1.68 -6.66 13.00
CA ASP A 23 2.42 -7.38 14.04
C ASP A 23 2.26 -8.89 13.86
N ASN A 24 1.16 -9.29 13.21
CA ASN A 24 0.86 -10.70 12.97
C ASN A 24 1.81 -11.27 11.93
N GLY A 25 2.17 -10.41 10.97
CA GLY A 25 3.10 -10.79 9.93
C GLY A 25 2.46 -10.82 8.54
N ASN A 26 1.24 -10.32 8.46
CA ASN A 26 0.51 -10.29 7.19
C ASN A 26 0.77 -9.01 6.41
N ILE A 27 0.85 -9.14 5.09
CA ILE A 27 1.05 -8.00 4.20
C ILE A 27 -0.23 -7.18 4.12
N LEU A 28 -0.14 -5.92 4.53
CA LEU A 28 -1.28 -5.03 4.54
C LEU A 28 -1.29 -4.21 3.27
N ALA A 29 -0.13 -3.73 2.90
CA ALA A 29 0.03 -2.94 1.69
C ALA A 29 1.43 -3.10 1.11
N ASP A 30 1.57 -2.67 -0.14
CA ASP A 30 2.82 -2.74 -0.88
C ASP A 30 2.98 -1.46 -1.68
N SER A 31 4.22 -1.08 -1.99
CA SER A 31 4.51 0.12 -2.77
C SER A 31 3.72 0.18 -4.08
N GLY A 32 3.60 -0.96 -4.75
CA GLY A 32 2.89 -1.03 -6.01
C GLY A 32 3.82 -0.79 -7.18
N GLU A 33 4.64 0.25 -7.06
CA GLU A 33 5.61 0.62 -8.08
C GLU A 33 6.96 -0.01 -7.78
N GLY A 34 7.93 0.29 -8.65
CA GLY A 34 9.27 -0.21 -8.48
C GLY A 34 10.25 0.71 -9.17
N TYR A 35 11.29 1.15 -8.46
CA TYR A 35 12.24 2.11 -9.01
C TYR A 35 13.65 1.74 -8.57
N ALA A 36 14.63 2.43 -9.11
CA ALA A 36 16.03 2.13 -8.84
C ALA A 36 16.65 3.02 -7.76
N SER A 37 15.84 3.81 -7.08
CA SER A 37 16.37 4.68 -6.03
C SER A 37 15.77 4.33 -4.68
N LYS A 38 16.65 4.19 -3.69
CA LYS A 38 16.25 3.84 -2.35
C LYS A 38 15.40 4.94 -1.73
N GLN A 39 15.76 6.19 -2.01
CA GLN A 39 15.04 7.32 -1.49
C GLN A 39 13.61 7.33 -2.01
N LYS A 40 13.48 7.05 -3.31
CA LYS A 40 12.19 7.06 -4.00
C LYS A 40 11.21 6.09 -3.32
N ALA A 41 11.69 4.90 -2.97
CA ALA A 41 10.86 3.91 -2.30
C ALA A 41 10.34 4.48 -0.98
N LYS A 42 11.24 5.03 -0.19
CA LYS A 42 10.87 5.60 1.08
C LYS A 42 9.93 6.79 0.91
N GLN A 43 10.14 7.56 -0.16
CA GLN A 43 9.25 8.68 -0.46
C GLN A 43 7.86 8.15 -0.78
N GLY A 44 7.79 6.92 -1.28
CA GLY A 44 6.50 6.32 -1.60
C GLY A 44 5.72 6.13 -0.33
N ILE A 45 6.41 5.68 0.71
CA ILE A 45 5.80 5.50 2.01
C ILE A 45 5.32 6.83 2.55
N GLU A 46 6.17 7.85 2.43
CA GLU A 46 5.79 9.18 2.89
C GLU A 46 4.59 9.69 2.11
N SER A 47 4.57 9.38 0.82
CA SER A 47 3.46 9.77 -0.03
C SER A 47 2.18 9.06 0.40
N VAL A 48 2.30 7.81 0.83
CA VAL A 48 1.12 7.05 1.20
C VAL A 48 0.57 7.52 2.55
N LYS A 49 1.44 7.78 3.51
CA LYS A 49 1.03 8.19 4.85
C LYS A 49 0.36 9.56 4.85
N ARG A 50 0.53 10.29 3.76
CA ARG A 50 0.01 11.63 3.64
C ARG A 50 -1.24 11.67 2.76
N ASN A 51 -1.62 10.51 2.22
CA ASN A 51 -2.76 10.41 1.31
C ASN A 51 -3.68 9.27 1.70
N ALA A 52 -3.09 8.16 2.11
CA ALA A 52 -3.83 6.96 2.48
C ALA A 52 -4.84 7.22 3.60
N PRO A 53 -4.45 7.85 4.73
CA PRO A 53 -5.38 8.07 5.85
C PRO A 53 -6.56 8.97 5.47
N ASP A 54 -6.47 9.64 4.32
CA ASP A 54 -7.54 10.55 3.89
C ASP A 54 -8.26 10.02 2.66
N ALA A 55 -7.56 9.22 1.89
CA ALA A 55 -8.07 8.67 0.64
C ALA A 55 -9.28 7.77 0.86
N ASP A 56 -10.24 7.94 -0.03
CA ASP A 56 -11.49 7.20 0.00
C ASP A 56 -11.45 5.97 -0.89
N VAL A 57 -12.19 4.95 -0.49
CA VAL A 57 -12.28 3.70 -1.23
C VAL A 57 -13.36 3.77 -2.31
N ILE A 58 -13.00 3.35 -3.52
CA ILE A 58 -13.96 3.29 -4.60
C ILE A 58 -13.91 1.91 -5.24
N GLU A 59 -15.07 1.37 -5.55
CA GLU A 59 -15.14 0.08 -6.21
C GLU A 59 -15.10 0.29 -7.72
N ALA A 60 -13.99 -0.09 -8.32
CA ALA A 60 -13.77 0.13 -9.75
C ALA A 60 -14.59 -0.84 -10.60
N MET B 1 -5.63 17.70 2.96
CA MET B 1 -5.13 18.48 1.80
C MET B 1 -4.52 17.56 0.76
N ASN B 2 -4.75 16.27 0.90
CA ASN B 2 -4.16 15.29 -0.01
C ASN B 2 -4.91 15.21 -1.33
N LYS B 3 -4.33 14.52 -2.28
CA LYS B 3 -4.96 14.26 -3.56
C LYS B 3 -4.66 12.82 -3.94
N ALA B 4 -5.62 11.96 -3.63
CA ALA B 4 -5.50 10.53 -3.88
C ALA B 4 -6.80 9.86 -3.53
N HIS B 5 -6.90 8.58 -3.87
CA HIS B 5 -8.08 7.79 -3.55
C HIS B 5 -7.83 6.32 -3.84
N PHE B 6 -8.45 5.46 -3.06
CA PHE B 6 -8.31 4.02 -3.21
C PHE B 6 -9.29 3.47 -4.22
N GLU B 7 -8.91 2.41 -4.91
CA GLU B 7 -9.74 1.79 -5.93
C GLU B 7 -9.61 0.27 -5.89
N VAL B 8 -10.74 -0.41 -5.70
CA VAL B 8 -10.77 -1.86 -5.63
C VAL B 8 -11.16 -2.46 -6.97
N PHE B 9 -10.42 -3.49 -7.40
CA PHE B 9 -10.65 -4.12 -8.69
C PHE B 9 -10.39 -5.62 -8.61
N VAL B 10 -10.53 -6.30 -9.75
CA VAL B 10 -10.33 -7.74 -9.83
C VAL B 10 -8.95 -8.10 -10.41
N ASP B 11 -8.29 -9.06 -9.77
CA ASP B 11 -6.99 -9.54 -10.23
C ASP B 11 -7.19 -10.56 -11.34
N ALA B 12 -6.08 -11.04 -11.87
CA ALA B 12 -6.10 -12.03 -12.95
C ALA B 12 -6.63 -13.38 -12.48
N ALA B 13 -6.77 -13.53 -11.17
CA ALA B 13 -7.22 -14.78 -10.57
C ALA B 13 -8.59 -14.61 -9.89
N ASP B 14 -9.31 -13.56 -10.29
CA ASP B 14 -10.66 -13.26 -9.80
C ASP B 14 -10.62 -12.83 -8.36
N LYS B 15 -9.61 -12.06 -8.03
CA LYS B 15 -9.40 -11.63 -6.67
C LYS B 15 -9.70 -10.17 -6.54
N TYR B 16 -10.12 -9.79 -5.36
CA TYR B 16 -10.51 -8.42 -5.10
C TYR B 16 -9.38 -7.67 -4.46
N ARG B 17 -8.69 -6.85 -5.24
CA ARG B 17 -7.53 -6.13 -4.73
C ARG B 17 -7.76 -4.63 -4.86
N TRP B 18 -6.79 -3.85 -4.42
CA TRP B 18 -6.91 -2.40 -4.51
C TRP B 18 -5.56 -1.74 -4.64
N ARG B 19 -5.59 -0.48 -5.07
CA ARG B 19 -4.40 0.32 -5.26
C ARG B 19 -4.71 1.79 -4.97
N LEU B 20 -3.73 2.48 -4.42
CA LEU B 20 -3.88 3.90 -4.13
C LEU B 20 -3.24 4.70 -5.25
N VAL B 21 -3.92 5.73 -5.72
CA VAL B 21 -3.44 6.51 -6.85
C VAL B 21 -3.46 7.99 -6.50
N HIS B 22 -2.37 8.69 -6.80
CA HIS B 22 -2.27 10.12 -6.54
C HIS B 22 -2.87 10.92 -7.70
N ASP B 23 -2.89 12.24 -7.54
CA ASP B 23 -3.37 13.15 -8.58
C ASP B 23 -2.63 12.93 -9.90
N ASN B 24 -1.34 12.65 -9.81
CA ASN B 24 -0.50 12.44 -10.99
C ASN B 24 -0.93 11.18 -11.71
N GLY B 25 -1.37 10.22 -10.91
CA GLY B 25 -1.81 8.94 -11.45
C GLY B 25 -0.84 7.83 -11.14
N ASN B 26 0.09 8.11 -10.24
CA ASN B 26 1.07 7.11 -9.83
C ASN B 26 0.55 6.24 -8.71
N ILE B 27 0.90 4.96 -8.76
CA ILE B 27 0.49 4.02 -7.74
C ILE B 27 1.31 4.27 -6.48
N LEU B 28 0.62 4.63 -5.43
CA LEU B 28 1.25 4.94 -4.16
C LEU B 28 1.38 3.70 -3.33
N ALA B 29 0.30 2.92 -3.32
CA ALA B 29 0.27 1.66 -2.60
C ALA B 29 -0.67 0.68 -3.25
N ASP B 30 -0.46 -0.59 -2.93
CA ASP B 30 -1.26 -1.70 -3.45
C ASP B 30 -1.58 -2.62 -2.27
N SER B 31 -2.66 -3.37 -2.39
CA SER B 31 -3.10 -4.29 -1.34
C SER B 31 -2.00 -5.31 -0.94
N GLY B 32 -1.28 -5.84 -1.93
CA GLY B 32 -0.19 -6.78 -1.64
C GLY B 32 -0.65 -8.22 -1.66
N GLU B 33 -1.69 -8.49 -0.90
CA GLU B 33 -2.29 -9.83 -0.79
C GLU B 33 -3.35 -10.04 -1.87
N GLY B 34 -4.11 -11.12 -1.74
CA GLY B 34 -5.21 -11.37 -2.68
C GLY B 34 -6.24 -12.33 -2.13
N TYR B 35 -7.53 -11.96 -2.25
CA TYR B 35 -8.61 -12.78 -1.69
C TYR B 35 -9.82 -12.76 -2.61
N ALA B 36 -10.79 -13.61 -2.32
CA ALA B 36 -11.97 -13.76 -3.16
C ALA B 36 -13.17 -12.94 -2.69
N SER B 37 -12.98 -12.04 -1.72
CA SER B 37 -14.10 -11.25 -1.23
C SER B 37 -13.84 -9.76 -1.38
N LYS B 38 -14.83 -9.06 -1.92
CA LYS B 38 -14.75 -7.63 -2.13
C LYS B 38 -14.64 -6.91 -0.80
N GLN B 39 -15.34 -7.43 0.20
CA GLN B 39 -15.30 -6.85 1.53
C GLN B 39 -13.89 -6.85 2.09
N LYS B 40 -13.21 -7.99 1.97
CA LYS B 40 -11.86 -8.14 2.52
C LYS B 40 -10.91 -7.16 1.87
N ALA B 41 -11.09 -6.90 0.58
CA ALA B 41 -10.26 -5.93 -0.11
C ALA B 41 -10.36 -4.59 0.59
N LYS B 42 -11.59 -4.17 0.81
CA LYS B 42 -11.84 -2.91 1.47
C LYS B 42 -11.35 -2.93 2.90
N GLN B 43 -11.47 -4.09 3.56
CA GLN B 43 -10.97 -4.22 4.93
C GLN B 43 -9.47 -4.04 4.93
N GLY B 44 -8.79 -4.40 3.84
CA GLY B 44 -7.36 -4.23 3.76
C GLY B 44 -7.00 -2.78 3.80
N ILE B 45 -7.78 -1.98 3.08
CA ILE B 45 -7.61 -0.54 3.07
C ILE B 45 -7.85 0.02 4.46
N GLU B 46 -8.92 -0.43 5.09
CA GLU B 46 -9.24 0.04 6.43
C GLU B 46 -8.13 -0.34 7.39
N SER B 47 -7.59 -1.53 7.22
CA SER B 47 -6.49 -2.00 8.04
C SER B 47 -5.23 -1.17 7.80
N VAL B 48 -5.03 -0.72 6.56
CA VAL B 48 -3.83 0.03 6.24
C VAL B 48 -3.93 1.46 6.79
N LYS B 49 -5.10 2.09 6.64
CA LYS B 49 -5.30 3.46 7.11
C LYS B 49 -5.24 3.55 8.63
N ARG B 50 -5.26 2.40 9.29
CA ARG B 50 -5.28 2.33 10.75
C ARG B 50 -3.88 2.01 11.29
N ASN B 51 -2.93 1.78 10.38
CA ASN B 51 -1.56 1.42 10.76
C ASN B 51 -0.52 2.18 9.96
N ALA B 52 -0.82 2.40 8.70
CA ALA B 52 0.09 3.09 7.77
C ALA B 52 0.52 4.46 8.29
N PRO B 53 -0.41 5.35 8.74
CA PRO B 53 -0.05 6.69 9.18
C PRO B 53 0.85 6.71 10.43
N ASP B 54 1.01 5.56 11.08
CA ASP B 54 1.82 5.51 12.31
C ASP B 54 2.98 4.52 12.18
N ALA B 55 2.91 3.67 11.16
CA ALA B 55 3.94 2.65 10.94
C ALA B 55 5.28 3.26 10.53
N ASP B 56 6.33 2.73 11.12
CA ASP B 56 7.69 3.18 10.84
C ASP B 56 8.35 2.36 9.76
N VAL B 57 9.22 3.03 9.00
CA VAL B 57 9.92 2.40 7.89
C VAL B 57 11.17 1.68 8.35
N ILE B 58 11.35 0.45 7.88
CA ILE B 58 12.57 -0.29 8.16
C ILE B 58 13.25 -0.61 6.85
N GLU B 59 14.54 -0.39 6.82
CA GLU B 59 15.32 -0.69 5.65
C GLU B 59 15.77 -2.15 5.73
N ALA B 60 15.07 -3.01 5.00
CA ALA B 60 15.35 -4.43 5.04
C ALA B 60 16.56 -4.76 4.16
#